data_4CPD
#
_entry.id   4CPD
#
_cell.length_a   87.367
_cell.length_b   87.367
_cell.length_c   337.560
_cell.angle_alpha   90.00
_cell.angle_beta   90.00
_cell.angle_gamma   120.00
#
_symmetry.space_group_name_H-M   'P 31 2 1'
#
loop_
_entity.id
_entity.type
_entity.pdbx_description
1 polymer 'ALCOHOL DEHYDROGENASE'
2 non-polymer 'ZINC ION'
3 non-polymer NICOTINAMIDE-ADENINE-DINUCLEOTIDE
4 water water
#
_entity_poly.entity_id   1
_entity_poly.type   'polypeptide(L)'
_entity_poly.pdbx_seq_one_letter_code
;MRAVVFENKERVAVKEVNAPRLQHPLDALVRVHLAGICGSDLHLYHGKIPVLPGSVLGHEFVGQVEAVGEGIQDLQPGDW
VVGPFHIACGTCPYCRRHQYNLCERGGVYGYGPMFGNLQGAQAEILRVPFSNVNLRKLPPNLSPERAIFAGDILSTAYGG
LIQGQLRPGDSVAVIGAGPVGLMAIEVAQVLGASKILAIDRIPERLERAASLGAIPINAEQENPVRRVRSETNDEGPDLV
LEAVGGAATLSLALEMVRPGGRVSAVGVDNAPSFPFPLASGLVKDLTFRIGLANVHLYIDAVLALLASGRLQPERIVSHY
LPLEEAPRGYELFDRKEALKVLLVVRG
;
_entity_poly.pdbx_strand_id   A,B,C,D
#
# COMPACT_ATOMS: atom_id res chain seq x y z
N MET A 1 23.39 -40.45 -12.96
CA MET A 1 23.36 -38.97 -13.01
C MET A 1 24.76 -38.40 -12.85
N ARG A 2 25.18 -37.57 -13.79
CA ARG A 2 26.32 -36.70 -13.55
C ARG A 2 25.83 -35.59 -12.62
N ALA A 3 26.66 -35.23 -11.64
CA ALA A 3 26.33 -34.22 -10.64
C ALA A 3 27.57 -33.68 -9.96
N VAL A 4 27.59 -32.38 -9.68
CA VAL A 4 28.69 -31.78 -8.91
C VAL A 4 28.45 -32.05 -7.43
N VAL A 5 29.46 -32.56 -6.72
CA VAL A 5 29.34 -32.83 -5.28
C VAL A 5 30.46 -32.19 -4.48
N PHE A 6 30.15 -31.87 -3.22
CA PHE A 6 31.14 -31.38 -2.25
C PHE A 6 32.04 -32.57 -1.81
N GLU A 7 33.33 -32.31 -1.62
CA GLU A 7 34.23 -33.32 -1.05
C GLU A 7 34.80 -32.89 0.30
N ASN A 8 35.38 -31.70 0.34
CA ASN A 8 35.82 -31.04 1.58
C ASN A 8 35.99 -29.54 1.33
N LYS A 9 36.28 -28.78 2.37
CA LYS A 9 36.54 -27.34 2.26
C LYS A 9 37.41 -27.07 1.01
N GLU A 10 36.85 -26.28 0.09
CA GLU A 10 37.53 -25.79 -1.14
C GLU A 10 37.85 -26.89 -2.18
N ARG A 11 37.20 -28.04 -2.04
CA ARG A 11 37.29 -29.10 -3.03
C ARG A 11 35.87 -29.52 -3.45
N VAL A 12 35.72 -29.79 -4.73
CA VAL A 12 34.46 -30.11 -5.34
C VAL A 12 34.78 -30.91 -6.60
N ALA A 13 33.91 -31.86 -6.94
CA ALA A 13 34.18 -32.78 -8.07
C ALA A 13 32.88 -33.30 -8.67
N VAL A 14 32.93 -33.72 -9.93
CA VAL A 14 31.70 -34.23 -10.55
C VAL A 14 31.74 -35.77 -10.63
N LYS A 15 30.78 -36.40 -9.94
CA LYS A 15 30.74 -37.85 -9.77
C LYS A 15 29.44 -38.41 -10.31
N GLU A 16 29.37 -39.72 -10.47
CA GLU A 16 28.11 -40.37 -10.79
C GLU A 16 27.36 -40.53 -9.49
N VAL A 17 26.07 -40.19 -9.51
CA VAL A 17 25.21 -40.33 -8.35
C VAL A 17 23.83 -40.79 -8.84
N ASN A 18 23.03 -41.34 -7.95
CA ASN A 18 21.69 -41.77 -8.31
C ASN A 18 20.77 -40.61 -8.71
N ALA A 19 20.00 -40.84 -9.77
CA ALA A 19 18.97 -39.90 -10.19
C ALA A 19 17.83 -40.04 -9.23
N PRO A 20 17.21 -38.92 -8.84
CA PRO A 20 16.12 -39.03 -7.89
C PRO A 20 14.82 -39.45 -8.58
N ARG A 21 13.89 -39.99 -7.80
CA ARG A 21 12.58 -40.43 -8.30
C ARG A 21 11.43 -39.63 -7.66
N LEU A 22 10.25 -39.69 -8.26
CA LEU A 22 9.07 -39.08 -7.63
C LEU A 22 8.76 -39.78 -6.30
N GLN A 23 8.48 -39.02 -5.25
CA GLN A 23 8.18 -39.58 -3.94
C GLN A 23 6.92 -39.05 -3.31
N HIS A 24 6.28 -38.07 -3.94
CA HIS A 24 5.12 -37.39 -3.38
C HIS A 24 4.25 -36.91 -4.55
N PRO A 25 2.92 -36.89 -4.39
CA PRO A 25 2.10 -36.52 -5.57
C PRO A 25 2.24 -35.07 -6.16
N LEU A 26 2.99 -34.22 -5.48
CA LEU A 26 3.22 -32.85 -5.91
C LEU A 26 4.66 -32.64 -6.32
N ASP A 27 5.43 -33.72 -6.38
CA ASP A 27 6.79 -33.67 -6.92
C ASP A 27 6.83 -33.48 -8.45
N ALA A 28 7.91 -32.89 -8.91
CA ALA A 28 8.26 -32.95 -10.31
C ALA A 28 9.76 -33.18 -10.43
N LEU A 29 10.12 -33.84 -11.52
CA LEU A 29 11.49 -34.04 -11.86
C LEU A 29 11.81 -33.14 -13.01
N VAL A 30 12.97 -32.53 -12.97
CA VAL A 30 13.38 -31.55 -13.94
C VAL A 30 14.70 -31.95 -14.56
N ARG A 31 14.71 -32.02 -15.89
CA ARG A 31 15.93 -32.20 -16.64
C ARG A 31 16.65 -30.85 -16.75
N VAL A 32 17.64 -30.67 -15.88
CA VAL A 32 18.35 -29.41 -15.85
C VAL A 32 19.14 -29.20 -17.14
N HIS A 33 18.99 -28.00 -17.69
CA HIS A 33 19.70 -27.55 -18.89
C HIS A 33 20.88 -26.63 -18.51
N LEU A 34 20.63 -25.66 -17.63
CA LEU A 34 21.67 -24.76 -17.14
C LEU A 34 21.58 -24.70 -15.64
N ALA A 35 22.76 -24.55 -15.01
CA ALA A 35 22.85 -24.48 -13.57
C ALA A 35 23.89 -23.47 -13.21
N GLY A 36 23.57 -22.60 -12.27
CA GLY A 36 24.47 -21.53 -11.94
C GLY A 36 25.33 -21.88 -10.74
N ILE A 37 26.42 -21.13 -10.63
CA ILE A 37 27.20 -21.00 -9.39
C ILE A 37 26.98 -19.62 -8.81
N CYS A 38 26.49 -19.60 -7.56
CA CYS A 38 26.05 -18.38 -6.86
C CYS A 38 27.09 -17.99 -5.81
N GLY A 39 27.10 -16.71 -5.46
CA GLY A 39 27.91 -16.26 -4.34
C GLY A 39 27.66 -17.06 -3.07
N SER A 40 26.39 -17.44 -2.83
CA SER A 40 26.03 -18.28 -1.69
C SER A 40 26.76 -19.62 -1.71
N ASP A 41 27.08 -20.12 -2.91
CA ASP A 41 27.75 -21.38 -3.05
C ASP A 41 29.18 -21.25 -2.55
N LEU A 42 29.72 -20.04 -2.57
CA LEU A 42 31.06 -19.84 -2.01
C LEU A 42 31.12 -20.02 -0.49
N HIS A 43 30.03 -19.73 0.22
CA HIS A 43 29.97 -19.98 1.66
C HIS A 43 30.02 -21.50 1.94
N LEU A 44 29.36 -22.29 1.10
CA LEU A 44 29.53 -23.73 1.18
C LEU A 44 30.99 -24.06 0.97
N TYR A 45 31.53 -23.62 -0.17
CA TYR A 45 32.90 -23.95 -0.60
C TYR A 45 33.90 -23.73 0.54
N HIS A 46 33.75 -22.60 1.23
CA HIS A 46 34.64 -22.23 2.35
C HIS A 46 34.18 -22.67 3.74
N GLY A 47 33.41 -23.73 3.79
CA GLY A 47 32.98 -24.37 5.04
C GLY A 47 32.25 -23.48 6.04
N LYS A 48 31.79 -22.32 5.56
CA LYS A 48 30.98 -21.36 6.34
C LYS A 48 29.58 -21.95 6.59
N ILE A 49 29.22 -22.95 5.81
CA ILE A 49 27.92 -23.62 5.92
C ILE A 49 28.16 -25.14 5.91
N PRO A 50 27.48 -25.88 6.82
CA PRO A 50 27.78 -27.29 6.94
C PRO A 50 27.18 -28.14 5.82
N VAL A 51 28.03 -28.93 5.20
CA VAL A 51 27.64 -29.82 4.11
C VAL A 51 28.34 -31.15 4.34
N LEU A 52 27.61 -32.25 4.09
CA LEU A 52 28.17 -33.61 4.14
C LEU A 52 28.82 -33.90 2.78
N PRO A 53 29.98 -34.54 2.79
CA PRO A 53 30.62 -35.02 1.56
C PRO A 53 29.73 -35.93 0.71
N GLY A 54 29.81 -35.75 -0.61
CA GLY A 54 28.93 -36.47 -1.53
C GLY A 54 27.56 -35.81 -1.75
N SER A 55 27.33 -34.64 -1.14
CA SER A 55 26.10 -33.91 -1.34
C SER A 55 26.17 -33.17 -2.68
N VAL A 56 25.09 -33.24 -3.45
CA VAL A 56 24.97 -32.49 -4.69
C VAL A 56 24.69 -30.99 -4.44
N LEU A 57 25.51 -30.13 -5.03
CA LEU A 57 25.44 -28.68 -4.78
C LEU A 57 24.56 -27.94 -5.79
N GLY A 58 24.27 -26.68 -5.48
CA GLY A 58 23.62 -25.75 -6.43
C GLY A 58 22.12 -25.55 -6.23
N HIS A 59 21.66 -24.32 -6.43
CA HIS A 59 20.24 -23.99 -6.30
C HIS A 59 19.74 -23.05 -7.40
N GLU A 60 20.58 -22.82 -8.41
CA GLU A 60 20.18 -22.05 -9.57
C GLU A 60 19.98 -22.97 -10.81
N PHE A 61 18.78 -22.98 -11.39
CA PHE A 61 18.50 -23.85 -12.52
C PHE A 61 17.41 -23.36 -13.46
N VAL A 62 17.52 -23.83 -14.68
CA VAL A 62 16.43 -23.80 -15.66
C VAL A 62 16.49 -25.10 -16.44
N GLY A 63 15.33 -25.64 -16.78
CA GLY A 63 15.30 -26.93 -17.48
C GLY A 63 13.95 -27.32 -17.95
N GLN A 64 13.79 -28.59 -18.27
CA GLN A 64 12.50 -29.16 -18.73
C GLN A 64 11.97 -30.25 -17.82
N VAL A 65 10.66 -30.31 -17.73
CA VAL A 65 10.01 -31.27 -16.85
C VAL A 65 10.21 -32.68 -17.39
N GLU A 66 10.71 -33.60 -16.59
CA GLU A 66 10.74 -35.01 -16.98
C GLU A 66 9.42 -35.70 -16.61
N ALA A 67 9.00 -35.51 -15.37
CA ALA A 67 7.81 -36.16 -14.85
C ALA A 67 7.17 -35.36 -13.72
N VAL A 68 5.92 -35.65 -13.44
CA VAL A 68 5.16 -34.99 -12.37
C VAL A 68 4.29 -35.98 -11.55
N GLY A 69 4.11 -35.71 -10.27
CA GLY A 69 3.21 -36.48 -9.45
C GLY A 69 1.75 -36.38 -9.88
N GLU A 70 0.96 -37.36 -9.45
CA GLU A 70 -0.45 -37.44 -9.80
C GLU A 70 -1.22 -36.16 -9.44
N GLY A 71 -0.65 -35.29 -8.59
CA GLY A 71 -1.35 -34.11 -8.11
C GLY A 71 -1.12 -32.82 -8.88
N ILE A 72 -0.27 -32.90 -9.89
CA ILE A 72 0.12 -31.72 -10.68
C ILE A 72 -0.79 -31.54 -11.90
N GLN A 73 -1.35 -30.33 -12.01
CA GLN A 73 -2.33 -29.98 -13.06
C GLN A 73 -1.67 -29.31 -14.27
N ASP A 74 -0.93 -28.23 -14.01
CA ASP A 74 -0.48 -27.30 -15.03
C ASP A 74 0.95 -27.46 -15.54
N LEU A 75 1.55 -28.62 -15.33
CA LEU A 75 2.87 -28.93 -15.88
C LEU A 75 2.87 -30.32 -16.50
N GLN A 76 3.41 -30.44 -17.72
CA GLN A 76 3.58 -31.74 -18.38
C GLN A 76 5.06 -31.87 -18.72
N PRO A 77 5.51 -33.08 -19.13
CA PRO A 77 6.92 -33.34 -19.46
C PRO A 77 7.65 -32.39 -20.42
N GLY A 78 7.02 -31.90 -21.47
CA GLY A 78 7.83 -31.01 -22.35
C GLY A 78 8.34 -29.69 -21.77
N ASP A 79 7.66 -29.23 -20.72
CA ASP A 79 7.63 -27.83 -20.30
C ASP A 79 8.95 -27.28 -19.74
N TRP A 80 9.33 -26.13 -20.28
CA TRP A 80 10.46 -25.36 -19.80
C TRP A 80 10.05 -24.67 -18.51
N VAL A 81 10.88 -24.81 -17.48
CA VAL A 81 10.56 -24.25 -16.18
C VAL A 81 11.77 -23.66 -15.47
N VAL A 82 11.45 -22.78 -14.54
CA VAL A 82 12.40 -22.25 -13.62
C VAL A 82 11.72 -22.20 -12.22
N GLY A 83 12.51 -22.11 -11.16
CA GLY A 83 11.93 -22.13 -9.82
C GLY A 83 12.81 -21.37 -8.85
N PRO A 84 12.21 -20.87 -7.77
CA PRO A 84 12.98 -20.27 -6.68
C PRO A 84 14.03 -21.21 -6.09
N PHE A 85 15.15 -20.64 -5.66
CA PHE A 85 16.17 -21.39 -5.01
C PHE A 85 15.77 -21.96 -3.65
N HIS A 86 14.66 -21.52 -3.12
CA HIS A 86 14.22 -22.00 -1.85
C HIS A 86 12.81 -22.53 -2.01
N ILE A 87 12.45 -23.57 -1.25
CA ILE A 87 11.19 -24.25 -1.42
C ILE A 87 10.24 -23.87 -0.35
N ALA A 88 8.96 -24.10 -0.63
CA ALA A 88 7.87 -23.64 0.19
C ALA A 88 6.70 -24.58 -0.01
N CYS A 89 5.88 -24.71 1.03
CA CYS A 89 4.90 -25.76 1.09
C CYS A 89 3.55 -25.25 0.62
N GLY A 90 3.28 -23.98 0.87
CA GLY A 90 2.05 -23.36 0.43
C GLY A 90 0.88 -23.43 1.40
N THR A 91 1.04 -24.13 2.52
CA THR A 91 -0.08 -24.30 3.47
C THR A 91 0.25 -23.94 4.91
N CYS A 92 1.52 -23.86 5.30
CA CYS A 92 1.83 -23.42 6.65
C CYS A 92 1.45 -21.95 6.85
N PRO A 93 1.38 -21.52 8.13
CA PRO A 93 0.97 -20.14 8.40
C PRO A 93 1.81 -19.06 7.70
N TYR A 94 3.12 -19.28 7.62
CA TYR A 94 3.99 -18.36 6.86
C TYR A 94 3.68 -18.30 5.34
N CYS A 95 3.43 -19.45 4.72
CA CYS A 95 3.08 -19.48 3.33
C CYS A 95 1.77 -18.79 3.13
N ARG A 96 0.82 -18.95 4.04
CA ARG A 96 -0.49 -18.28 3.90
C ARG A 96 -0.40 -16.74 4.00
N ARG A 97 0.60 -16.24 4.72
CA ARG A 97 0.93 -14.82 4.79
C ARG A 97 1.76 -14.35 3.61
N HIS A 98 1.99 -15.24 2.65
CA HIS A 98 2.84 -14.97 1.48
C HIS A 98 4.28 -14.62 1.83
N GLN A 99 4.74 -15.20 2.94
CA GLN A 99 6.14 -15.10 3.33
C GLN A 99 6.80 -16.47 3.17
N TYR A 100 6.97 -16.85 1.90
CA TYR A 100 7.37 -18.20 1.52
C TYR A 100 8.79 -18.48 1.93
N ASN A 101 9.61 -17.45 2.07
CA ASN A 101 10.95 -17.64 2.62
C ASN A 101 10.97 -18.05 4.10
N LEU A 102 9.85 -17.92 4.82
CA LEU A 102 9.78 -18.37 6.20
C LEU A 102 8.99 -19.65 6.35
N CYS A 103 8.76 -20.36 5.24
CA CYS A 103 7.97 -21.60 5.22
C CYS A 103 8.51 -22.55 6.28
N GLU A 104 7.59 -23.15 7.03
CA GLU A 104 7.97 -24.07 8.12
C GLU A 104 8.59 -25.38 7.62
N ARG A 105 8.21 -25.80 6.42
CA ARG A 105 8.88 -26.91 5.72
C ARG A 105 9.90 -26.38 4.68
N GLY A 106 10.42 -25.19 4.93
CA GLY A 106 11.25 -24.52 3.96
C GLY A 106 12.60 -25.16 3.84
N GLY A 107 13.27 -24.92 2.72
CA GLY A 107 14.66 -25.34 2.50
C GLY A 107 15.26 -24.71 1.28
N VAL A 108 16.54 -24.92 1.06
CA VAL A 108 17.28 -24.42 -0.10
C VAL A 108 17.97 -25.60 -0.74
N TYR A 109 17.79 -25.77 -2.04
CA TYR A 109 18.44 -26.86 -2.78
C TYR A 109 19.95 -26.84 -2.57
N GLY A 110 20.51 -28.03 -2.42
CA GLY A 110 21.95 -28.20 -2.39
C GLY A 110 22.65 -27.31 -1.38
N TYR A 111 22.01 -27.09 -0.23
CA TYR A 111 22.57 -26.22 0.79
C TYR A 111 22.75 -26.94 2.15
N GLY A 112 22.78 -28.26 2.11
CA GLY A 112 23.13 -29.05 3.28
C GLY A 112 22.00 -29.22 4.27
N PRO A 113 22.26 -29.99 5.34
CA PRO A 113 21.21 -30.41 6.27
C PRO A 113 20.61 -29.29 7.13
N MET A 114 21.26 -28.15 7.27
CA MET A 114 20.64 -27.03 8.03
C MET A 114 19.55 -26.28 7.27
N PHE A 115 19.40 -26.60 5.98
CA PHE A 115 18.45 -25.95 5.08
C PHE A 115 17.66 -26.96 4.26
N GLY A 116 17.10 -27.95 4.95
CA GLY A 116 16.13 -28.87 4.35
C GLY A 116 16.74 -30.13 3.79
N ASN A 117 18.07 -30.20 3.79
CA ASN A 117 18.79 -31.39 3.32
C ASN A 117 18.30 -31.82 1.92
N LEU A 118 18.47 -30.93 0.95
CA LEU A 118 17.92 -31.11 -0.39
C LEU A 118 19.04 -31.34 -1.35
N GLN A 119 18.83 -32.28 -2.27
CA GLN A 119 19.84 -32.55 -3.28
C GLN A 119 19.85 -31.34 -4.27
N GLY A 120 21.05 -30.88 -4.60
CA GLY A 120 21.22 -29.68 -5.39
C GLY A 120 20.96 -29.73 -6.89
N ALA A 121 21.23 -28.61 -7.56
CA ALA A 121 20.76 -28.35 -8.91
C ALA A 121 21.86 -28.50 -9.96
N GLN A 122 23.10 -28.51 -9.51
CA GLN A 122 24.24 -28.73 -10.40
C GLN A 122 24.34 -30.24 -10.79
N ALA A 123 23.37 -30.69 -11.56
CA ALA A 123 23.14 -32.09 -11.81
C ALA A 123 22.14 -32.22 -12.96
N GLU A 124 22.05 -33.41 -13.53
CA GLU A 124 21.24 -33.60 -14.72
C GLU A 124 19.76 -33.63 -14.40
N ILE A 125 19.42 -34.10 -13.21
CA ILE A 125 18.01 -34.16 -12.76
C ILE A 125 17.84 -33.50 -11.38
N LEU A 126 16.74 -32.77 -11.23
CA LEU A 126 16.39 -32.17 -9.95
C LEU A 126 14.99 -32.58 -9.51
N ARG A 127 14.85 -32.99 -8.24
CA ARG A 127 13.54 -33.24 -7.67
C ARG A 127 13.07 -31.94 -7.06
N VAL A 128 11.90 -31.48 -7.47
CA VAL A 128 11.31 -30.28 -6.93
C VAL A 128 10.01 -30.64 -6.20
N PRO A 129 10.03 -30.59 -4.86
CA PRO A 129 8.79 -30.79 -4.09
C PRO A 129 7.79 -29.68 -4.21
N PHE A 130 6.51 -30.00 -4.03
CA PHE A 130 5.46 -28.99 -4.10
C PHE A 130 5.63 -28.13 -5.38
N SER A 131 5.81 -28.78 -6.51
CA SER A 131 6.11 -28.06 -7.75
C SER A 131 4.99 -27.11 -8.16
N ASN A 132 3.79 -27.39 -7.66
CA ASN A 132 2.66 -26.47 -7.74
C ASN A 132 2.98 -25.11 -7.17
N VAL A 133 3.85 -25.07 -6.17
CA VAL A 133 4.28 -23.81 -5.56
C VAL A 133 5.63 -23.35 -6.09
N ASN A 134 6.55 -24.29 -6.29
CA ASN A 134 7.95 -23.98 -6.49
C ASN A 134 8.48 -23.95 -7.92
N LEU A 135 7.58 -24.00 -8.92
CA LEU A 135 8.01 -23.89 -10.34
C LEU A 135 7.16 -22.90 -11.13
N ARG A 136 7.77 -22.36 -12.19
CA ARG A 136 7.03 -21.60 -13.19
C ARG A 136 7.40 -22.02 -14.61
N LYS A 137 6.35 -22.22 -15.42
CA LYS A 137 6.49 -22.35 -16.86
C LYS A 137 7.14 -21.10 -17.37
N LEU A 138 8.08 -21.22 -18.30
CA LEU A 138 8.63 -20.06 -19.01
C LEU A 138 7.61 -19.50 -19.98
N PRO A 139 7.50 -18.15 -20.03
CA PRO A 139 6.70 -17.59 -21.10
C PRO A 139 7.31 -17.94 -22.45
N PRO A 140 6.48 -18.02 -23.49
CA PRO A 140 6.88 -18.65 -24.76
C PRO A 140 8.14 -18.06 -25.46
N ASN A 141 8.44 -16.79 -25.25
CA ASN A 141 9.54 -16.18 -26.00
C ASN A 141 10.76 -15.79 -25.18
N LEU A 142 11.15 -16.67 -24.27
CA LEU A 142 12.17 -16.31 -23.27
C LEU A 142 13.28 -17.35 -23.24
N SER A 143 14.50 -16.91 -23.42
CA SER A 143 15.63 -17.83 -23.42
C SER A 143 15.93 -18.36 -22.00
N PRO A 144 16.23 -19.66 -21.89
CA PRO A 144 16.61 -20.25 -20.60
C PRO A 144 17.76 -19.52 -19.92
N GLU A 145 18.71 -19.00 -20.68
CA GLU A 145 19.85 -18.33 -20.05
C GLU A 145 19.43 -17.00 -19.46
N ARG A 146 18.34 -16.43 -19.95
CA ARG A 146 17.79 -15.22 -19.34
C ARG A 146 16.94 -15.61 -18.15
N ALA A 147 16.09 -16.62 -18.35
CA ALA A 147 15.12 -17.04 -17.34
C ALA A 147 15.76 -17.47 -16.03
N ILE A 148 16.92 -18.09 -16.11
CA ILE A 148 17.47 -18.71 -14.90
C ILE A 148 17.61 -17.72 -13.73
N PHE A 149 17.87 -16.47 -14.05
CA PHE A 149 18.08 -15.45 -13.03
C PHE A 149 16.86 -15.12 -12.18
N ALA A 150 15.68 -15.35 -12.74
CA ALA A 150 14.44 -15.16 -12.02
C ALA A 150 14.33 -16.02 -10.75
N GLY A 151 15.00 -17.16 -10.77
CA GLY A 151 14.90 -18.09 -9.66
C GLY A 151 15.70 -17.70 -8.44
N ASP A 152 16.70 -16.80 -8.62
CA ASP A 152 17.57 -16.44 -7.48
C ASP A 152 18.02 -15.00 -7.51
N ILE A 153 19.14 -14.70 -8.15
CA ILE A 153 19.77 -13.39 -7.91
C ILE A 153 19.00 -12.13 -8.43
N LEU A 154 18.23 -12.27 -9.50
CA LEU A 154 17.43 -11.16 -9.99
C LEU A 154 16.23 -10.89 -9.08
N SER A 155 15.53 -11.93 -8.71
CA SER A 155 14.38 -11.76 -7.81
C SER A 155 14.81 -11.30 -6.42
N THR A 156 16.03 -11.64 -6.04
CA THR A 156 16.59 -11.19 -4.78
C THR A 156 16.77 -9.67 -4.80
N ALA A 157 17.46 -9.18 -5.82
CA ALA A 157 17.68 -7.75 -5.97
C ALA A 157 16.34 -6.98 -6.18
N TYR A 158 15.50 -7.50 -7.05
CA TYR A 158 14.19 -6.92 -7.30
C TYR A 158 13.46 -6.79 -5.96
N GLY A 159 13.39 -7.90 -5.23
CA GLY A 159 12.66 -7.95 -3.96
C GLY A 159 13.23 -6.91 -3.01
N GLY A 160 14.55 -6.85 -2.92
CA GLY A 160 15.21 -5.89 -2.07
C GLY A 160 14.71 -4.50 -2.35
N LEU A 161 14.61 -4.17 -3.64
CA LEU A 161 14.24 -2.83 -4.06
C LEU A 161 12.76 -2.57 -3.89
N ILE A 162 11.91 -3.54 -4.18
CA ILE A 162 10.47 -3.32 -3.93
C ILE A 162 10.15 -3.12 -2.43
N GLN A 163 10.77 -3.95 -1.59
CA GLN A 163 10.58 -3.85 -0.16
C GLN A 163 11.13 -2.54 0.34
N GLY A 164 12.21 -2.08 -0.29
CA GLY A 164 12.81 -0.79 0.03
C GLY A 164 12.00 0.39 -0.48
N GLN A 165 10.89 0.09 -1.11
CA GLN A 165 9.89 1.07 -1.55
C GLN A 165 10.38 2.01 -2.62
N LEU A 166 11.29 1.53 -3.43
CA LEU A 166 11.81 2.36 -4.51
C LEU A 166 10.66 2.94 -5.29
N ARG A 167 10.70 4.24 -5.49
CA ARG A 167 9.68 4.91 -6.25
C ARG A 167 10.37 5.68 -7.34
N PRO A 168 9.72 5.88 -8.49
CA PRO A 168 10.35 6.66 -9.52
C PRO A 168 10.84 8.03 -9.01
N GLY A 169 12.00 8.45 -9.50
CA GLY A 169 12.62 9.69 -9.05
C GLY A 169 13.63 9.47 -7.94
N ASP A 170 13.51 8.35 -7.25
CA ASP A 170 14.31 8.11 -6.07
C ASP A 170 15.71 7.96 -6.51
N SER A 171 16.63 8.28 -5.62
CA SER A 171 18.04 7.98 -5.84
C SER A 171 18.39 6.74 -5.01
N VAL A 172 19.32 5.93 -5.49
CA VAL A 172 19.59 4.65 -4.90
C VAL A 172 21.09 4.41 -4.79
N ALA A 173 21.56 3.94 -3.66
CA ALA A 173 22.94 3.47 -3.58
C ALA A 173 22.96 1.95 -3.45
N VAL A 174 23.82 1.28 -4.20
CA VAL A 174 23.94 -0.17 -4.13
C VAL A 174 25.35 -0.50 -3.69
N ILE A 175 25.48 -1.23 -2.59
CA ILE A 175 26.78 -1.54 -2.04
C ILE A 175 27.07 -3.00 -2.39
N GLY A 176 28.08 -3.18 -3.24
CA GLY A 176 28.38 -4.48 -3.82
C GLY A 176 27.98 -4.51 -5.27
N ALA A 177 28.99 -4.58 -6.14
CA ALA A 177 28.78 -4.67 -7.58
C ALA A 177 29.04 -6.09 -8.12
N GLY A 178 28.92 -7.10 -7.27
CA GLY A 178 28.83 -8.48 -7.74
C GLY A 178 27.49 -8.73 -8.41
N PRO A 179 27.25 -9.98 -8.84
CA PRO A 179 26.04 -10.34 -9.59
C PRO A 179 24.73 -9.75 -9.04
N VAL A 180 24.55 -9.83 -7.73
CA VAL A 180 23.30 -9.35 -7.12
C VAL A 180 23.20 -7.85 -7.24
N GLY A 181 24.30 -7.16 -6.90
CA GLY A 181 24.37 -5.72 -7.06
C GLY A 181 24.09 -5.25 -8.49
N LEU A 182 24.60 -6.01 -9.44
CA LEU A 182 24.43 -5.67 -10.85
C LEU A 182 22.99 -5.86 -11.27
N MET A 183 22.31 -6.88 -10.74
CA MET A 183 20.87 -7.02 -10.99
C MET A 183 20.14 -5.78 -10.43
N ALA A 184 20.52 -5.39 -9.22
CA ALA A 184 19.88 -4.28 -8.56
C ALA A 184 20.02 -3.02 -9.38
N ILE A 185 21.23 -2.76 -9.85
CA ILE A 185 21.47 -1.58 -10.69
C ILE A 185 20.54 -1.54 -11.90
N GLU A 186 20.53 -2.62 -12.67
CA GLU A 186 19.68 -2.67 -13.85
C GLU A 186 18.23 -2.43 -13.48
N VAL A 187 17.75 -3.13 -12.44
CA VAL A 187 16.34 -3.03 -12.04
C VAL A 187 16.05 -1.60 -11.63
N ALA A 188 16.92 -1.03 -10.81
CA ALA A 188 16.69 0.32 -10.33
C ALA A 188 16.45 1.26 -11.50
N GLN A 189 17.29 1.12 -12.52
CA GLN A 189 17.11 1.84 -13.81
C GLN A 189 15.70 1.73 -14.36
N VAL A 190 15.25 0.53 -14.60
CA VAL A 190 13.93 0.31 -15.17
C VAL A 190 12.76 0.73 -14.24
N LEU A 191 13.00 0.82 -12.93
CA LEU A 191 11.97 1.28 -12.00
C LEU A 191 12.03 2.80 -11.84
N GLY A 192 12.80 3.47 -12.69
CA GLY A 192 12.79 4.92 -12.79
C GLY A 192 13.62 5.67 -11.79
N ALA A 193 14.71 5.09 -11.35
CA ALA A 193 15.56 5.80 -10.42
C ALA A 193 16.13 7.00 -11.15
N SER A 194 16.29 8.10 -10.43
CA SER A 194 16.85 9.32 -10.97
C SER A 194 18.37 9.29 -10.96
N LYS A 195 18.93 8.47 -10.11
CA LYS A 195 20.35 8.36 -10.04
C LYS A 195 20.72 7.13 -9.17
N ILE A 196 21.74 6.39 -9.60
CA ILE A 196 22.13 5.15 -8.98
C ILE A 196 23.60 5.19 -8.76
N LEU A 197 24.04 4.79 -7.56
CA LEU A 197 25.45 4.80 -7.19
C LEU A 197 25.92 3.41 -6.81
N ALA A 198 27.05 2.99 -7.34
CA ALA A 198 27.55 1.65 -7.11
C ALA A 198 28.84 1.77 -6.36
N ILE A 199 28.90 1.10 -5.21
CA ILE A 199 30.07 1.10 -4.37
C ILE A 199 30.61 -0.31 -4.39
N ASP A 200 31.88 -0.45 -4.76
CA ASP A 200 32.61 -1.71 -4.68
C ASP A 200 34.11 -1.39 -4.59
N ARG A 201 34.95 -2.40 -4.70
CA ARG A 201 36.38 -2.21 -4.67
C ARG A 201 37.13 -3.00 -5.77
N ILE A 202 36.45 -3.31 -6.87
CA ILE A 202 37.05 -4.07 -7.99
C ILE A 202 36.71 -3.40 -9.33
N PRO A 203 37.72 -2.80 -9.99
CA PRO A 203 37.48 -2.00 -11.19
C PRO A 203 36.69 -2.69 -12.27
N GLU A 204 37.01 -3.95 -12.54
CA GLU A 204 36.24 -4.73 -13.54
C GLU A 204 34.71 -4.64 -13.24
N ARG A 205 34.33 -4.81 -11.97
CA ARG A 205 32.91 -4.81 -11.55
C ARG A 205 32.34 -3.39 -11.59
N LEU A 206 33.08 -2.41 -11.10
CA LEU A 206 32.66 -1.01 -11.22
C LEU A 206 32.48 -0.56 -12.68
N GLU A 207 33.33 -1.02 -13.58
CA GLU A 207 33.19 -0.73 -15.00
C GLU A 207 31.86 -1.27 -15.51
N ARG A 208 31.54 -2.48 -15.08
CA ARG A 208 30.29 -3.11 -15.42
C ARG A 208 29.10 -2.32 -14.85
N ALA A 209 29.25 -1.90 -13.59
CA ALA A 209 28.21 -1.12 -12.96
C ALA A 209 27.96 0.15 -13.75
N ALA A 210 29.04 0.78 -14.17
CA ALA A 210 28.93 2.01 -14.96
C ALA A 210 28.21 1.77 -16.29
N SER A 211 28.51 0.67 -16.95
CA SER A 211 27.85 0.41 -18.23
C SER A 211 26.33 0.29 -18.08
N LEU A 212 25.88 -0.15 -16.88
CA LEU A 212 24.45 -0.36 -16.59
C LEU A 212 23.74 0.93 -16.19
N GLY A 213 24.53 1.96 -15.92
CA GLY A 213 24.02 3.31 -15.77
C GLY A 213 24.33 3.92 -14.42
N ALA A 214 25.17 3.29 -13.62
CA ALA A 214 25.47 3.81 -12.29
C ALA A 214 26.71 4.66 -12.30
N ILE A 215 26.77 5.57 -11.33
CA ILE A 215 28.00 6.27 -10.97
C ILE A 215 28.85 5.38 -10.05
N PRO A 216 30.00 4.90 -10.55
CA PRO A 216 30.83 3.98 -9.79
C PRO A 216 31.64 4.72 -8.77
N ILE A 217 31.90 4.07 -7.64
CA ILE A 217 32.61 4.64 -6.50
C ILE A 217 33.50 3.56 -5.89
N ASN A 218 34.81 3.74 -5.96
CA ASN A 218 35.74 2.78 -5.37
C ASN A 218 35.98 3.08 -3.88
N ALA A 219 35.53 2.17 -3.02
CA ALA A 219 35.62 2.38 -1.57
C ALA A 219 37.04 2.28 -1.00
N GLU A 220 37.93 1.64 -1.75
CA GLU A 220 39.37 1.59 -1.41
C GLU A 220 40.00 2.97 -1.62
N GLN A 221 39.57 3.64 -2.69
CA GLN A 221 40.22 4.87 -3.18
C GLN A 221 39.58 6.20 -2.73
N GLU A 222 38.42 6.13 -2.09
CA GLU A 222 37.79 7.34 -1.57
C GLU A 222 36.80 6.99 -0.48
N ASN A 223 36.37 8.03 0.25
CA ASN A 223 35.25 7.91 1.18
C ASN A 223 33.93 7.89 0.42
N PRO A 224 33.26 6.72 0.42
CA PRO A 224 32.02 6.58 -0.35
C PRO A 224 30.92 7.45 0.22
N VAL A 225 30.91 7.62 1.54
CA VAL A 225 29.85 8.37 2.19
C VAL A 225 29.87 9.83 1.75
N ARG A 226 31.06 10.45 1.78
CA ARG A 226 31.26 11.87 1.36
C ARG A 226 30.79 12.07 -0.07
N ARG A 227 31.17 11.12 -0.89
CA ARG A 227 30.91 11.12 -2.32
C ARG A 227 29.42 10.91 -2.64
N VAL A 228 28.83 9.90 -2.05
CA VAL A 228 27.41 9.63 -2.21
C VAL A 228 26.58 10.85 -1.78
N ARG A 229 27.01 11.50 -0.72
CA ARG A 229 26.24 12.62 -0.22
C ARG A 229 26.27 13.79 -1.18
N SER A 230 27.45 14.11 -1.70
CA SER A 230 27.59 15.20 -2.69
C SER A 230 26.78 14.93 -3.97
N GLU A 231 26.68 13.66 -4.35
CA GLU A 231 25.87 13.30 -5.51
C GLU A 231 24.35 13.41 -5.28
N THR A 232 23.94 13.53 -4.02
CA THR A 232 22.52 13.46 -3.67
C THR A 232 22.08 14.66 -2.84
N ASN A 233 22.44 15.85 -3.30
CA ASN A 233 22.19 17.11 -2.57
C ASN A 233 22.73 17.20 -1.13
N ASP A 234 23.79 16.46 -0.81
CA ASP A 234 24.30 16.37 0.59
C ASP A 234 23.32 15.78 1.62
N GLU A 235 22.26 15.13 1.14
CA GLU A 235 21.29 14.45 1.96
C GLU A 235 21.69 13.00 2.11
N GLY A 236 21.94 12.35 0.98
CA GLY A 236 22.10 10.90 0.90
C GLY A 236 21.00 10.43 -0.04
N PRO A 237 21.14 9.19 -0.53
CA PRO A 237 20.09 8.61 -1.36
C PRO A 237 18.81 8.19 -0.59
N ASP A 238 17.70 8.14 -1.30
CA ASP A 238 16.44 7.71 -0.72
C ASP A 238 16.48 6.26 -0.25
N LEU A 239 17.16 5.41 -1.01
CA LEU A 239 17.26 3.98 -0.73
C LEU A 239 18.69 3.46 -0.84
N VAL A 240 19.11 2.62 0.11
CA VAL A 240 20.38 1.89 -0.03
C VAL A 240 20.08 0.42 -0.05
N LEU A 241 20.58 -0.27 -1.08
CA LEU A 241 20.55 -1.73 -1.12
C LEU A 241 21.94 -2.25 -0.78
N GLU A 242 22.09 -2.94 0.34
CA GLU A 242 23.42 -3.47 0.68
C GLU A 242 23.44 -4.93 0.26
N ALA A 243 24.43 -5.27 -0.55
CA ALA A 243 24.49 -6.58 -1.19
C ALA A 243 25.84 -7.24 -1.03
N VAL A 244 26.53 -6.93 0.07
CA VAL A 244 27.80 -7.55 0.34
C VAL A 244 27.67 -8.55 1.47
N GLY A 245 27.20 -8.06 2.62
CA GLY A 245 27.11 -8.85 3.86
C GLY A 245 28.13 -8.35 4.88
N GLY A 246 27.69 -8.13 6.12
CA GLY A 246 28.62 -7.81 7.21
C GLY A 246 28.57 -6.39 7.78
N ALA A 247 29.01 -6.26 9.04
CA ALA A 247 28.84 -5.02 9.79
C ALA A 247 29.48 -3.81 9.16
N ALA A 248 30.58 -4.02 8.45
CA ALA A 248 31.25 -2.89 7.81
C ALA A 248 30.29 -2.20 6.83
N THR A 249 29.79 -2.96 5.88
CA THR A 249 28.91 -2.42 4.84
C THR A 249 27.52 -2.01 5.36
N LEU A 250 27.02 -2.68 6.40
CA LEU A 250 25.75 -2.28 7.00
C LEU A 250 25.82 -0.92 7.69
N SER A 251 26.91 -0.64 8.39
CA SER A 251 27.09 0.65 9.06
C SER A 251 27.21 1.74 8.02
N LEU A 252 27.90 1.37 6.95
CA LEU A 252 28.05 2.23 5.80
C LEU A 252 26.69 2.60 5.21
N ALA A 253 25.86 1.60 4.99
CA ALA A 253 24.54 1.82 4.43
C ALA A 253 23.74 2.78 5.30
N LEU A 254 23.82 2.57 6.61
CA LEU A 254 23.07 3.38 7.58
C LEU A 254 23.58 4.82 7.74
N GLU A 255 24.88 5.01 7.57
CA GLU A 255 25.44 6.34 7.57
C GLU A 255 25.08 7.06 6.26
N MET A 256 25.24 6.35 5.16
CA MET A 256 25.07 6.89 3.83
C MET A 256 23.62 7.38 3.54
N VAL A 257 22.62 6.58 3.92
CA VAL A 257 21.24 6.83 3.52
C VAL A 257 20.79 8.16 4.10
N ARG A 258 19.94 8.89 3.37
CA ARG A 258 19.39 10.13 3.89
C ARG A 258 18.49 9.91 5.10
N PRO A 259 18.36 10.93 5.94
CA PRO A 259 17.29 10.93 6.92
C PRO A 259 15.98 10.60 6.27
N GLY A 260 15.21 9.75 6.93
CA GLY A 260 13.88 9.37 6.46
C GLY A 260 13.94 8.42 5.31
N GLY A 261 15.13 7.91 5.02
CA GLY A 261 15.31 6.95 3.95
C GLY A 261 15.16 5.50 4.41
N ARG A 262 15.53 4.59 3.52
CA ARG A 262 15.27 3.17 3.70
C ARG A 262 16.50 2.39 3.34
N VAL A 263 16.83 1.41 4.17
CA VAL A 263 17.93 0.52 3.88
C VAL A 263 17.41 -0.89 3.77
N SER A 264 17.80 -1.55 2.69
CA SER A 264 17.33 -2.89 2.40
C SER A 264 18.58 -3.77 2.37
N ALA A 265 18.82 -4.53 3.45
CA ALA A 265 20.02 -5.39 3.55
C ALA A 265 19.76 -6.81 3.04
N VAL A 266 20.58 -7.22 2.08
CA VAL A 266 20.32 -8.44 1.36
C VAL A 266 21.56 -9.37 1.36
N GLY A 267 22.72 -8.84 1.71
CA GLY A 267 23.94 -9.64 1.86
C GLY A 267 24.00 -10.57 3.09
N VAL A 268 24.55 -11.76 2.87
CA VAL A 268 24.71 -12.77 3.91
C VAL A 268 26.05 -12.65 4.66
N ASP A 269 26.02 -12.94 5.98
CA ASP A 269 27.21 -12.95 6.84
C ASP A 269 26.93 -13.69 8.17
N ASN A 270 28.01 -14.15 8.81
CA ASN A 270 27.95 -14.99 10.05
C ASN A 270 27.91 -14.25 11.37
N ALA A 271 28.45 -13.02 11.40
CA ALA A 271 28.51 -12.21 12.62
C ALA A 271 27.15 -12.18 13.32
N PRO A 272 27.14 -12.29 14.64
CA PRO A 272 25.84 -12.43 15.28
C PRO A 272 25.11 -11.08 15.35
N SER A 273 25.86 -9.99 15.22
CA SER A 273 25.29 -8.66 15.42
C SER A 273 26.13 -7.54 14.77
N PHE A 274 25.55 -6.35 14.74
CA PHE A 274 26.25 -5.12 14.34
C PHE A 274 25.64 -3.90 15.07
N PRO A 275 26.43 -2.82 15.25
CA PRO A 275 25.93 -1.65 15.99
C PRO A 275 24.97 -0.77 15.18
N PHE A 276 23.71 -0.74 15.59
CA PHE A 276 22.68 0.06 14.91
C PHE A 276 22.58 1.37 15.65
N PRO A 277 22.67 2.52 14.93
CA PRO A 277 22.61 3.81 15.59
C PRO A 277 21.30 4.02 16.30
N LEU A 278 21.40 4.50 17.54
CA LEU A 278 20.24 4.69 18.39
C LEU A 278 19.88 6.18 18.46
N ALA A 279 20.66 6.96 19.18
CA ALA A 279 20.28 8.35 19.40
C ALA A 279 20.21 9.03 18.06
N SER A 280 21.24 8.81 17.26
CA SER A 280 21.29 9.38 15.91
C SER A 280 20.22 8.74 15.03
N GLY A 281 19.96 7.45 15.26
CA GLY A 281 18.88 6.74 14.56
C GLY A 281 17.53 7.39 14.76
N LEU A 282 17.25 7.87 15.96
CA LEU A 282 16.00 8.51 16.26
C LEU A 282 15.84 9.82 15.52
N VAL A 283 16.92 10.58 15.50
CA VAL A 283 16.97 11.84 14.77
C VAL A 283 16.74 11.60 13.27
N LYS A 284 17.39 10.56 12.77
CA LYS A 284 17.45 10.32 11.33
C LYS A 284 16.18 9.69 10.74
N ASP A 285 15.42 8.97 11.55
CA ASP A 285 14.19 8.28 11.13
C ASP A 285 14.47 7.20 10.10
N LEU A 286 15.04 6.08 10.54
CA LEU A 286 15.52 5.04 9.64
C LEU A 286 14.51 3.92 9.55
N THR A 287 14.32 3.40 8.33
CA THR A 287 13.61 2.15 8.10
C THR A 287 14.57 1.11 7.56
N PHE A 288 14.71 -0.01 8.26
CA PHE A 288 15.73 -1.01 7.97
C PHE A 288 15.09 -2.37 7.81
N ARG A 289 15.50 -3.11 6.77
CA ARG A 289 15.03 -4.46 6.61
C ARG A 289 16.19 -5.38 6.22
N ILE A 290 16.21 -6.57 6.80
CA ILE A 290 17.24 -7.57 6.52
C ILE A 290 16.58 -8.93 6.43
N GLY A 291 16.97 -9.72 5.44
CA GLY A 291 16.36 -11.01 5.23
C GLY A 291 16.81 -11.77 4.01
N LEU A 292 16.40 -13.03 3.95
CA LEU A 292 16.59 -13.84 2.77
C LEU A 292 15.42 -13.60 1.82
N ALA A 293 15.69 -13.73 0.52
CA ALA A 293 14.72 -13.37 -0.50
C ALA A 293 13.47 -14.14 -0.38
N ASN A 294 12.38 -13.53 -0.82
CA ASN A 294 11.07 -14.20 -0.84
C ASN A 294 10.67 -14.27 -2.31
N VAL A 295 11.48 -15.02 -3.03
CA VAL A 295 11.41 -15.10 -4.48
C VAL A 295 10.03 -15.32 -5.05
N HIS A 296 9.27 -16.20 -4.43
CA HIS A 296 7.94 -16.55 -4.93
C HIS A 296 7.04 -15.34 -5.08
N LEU A 297 7.20 -14.37 -4.19
CA LEU A 297 6.35 -13.21 -4.21
C LEU A 297 6.56 -12.40 -5.50
N TYR A 298 7.78 -12.41 -6.03
CA TYR A 298 8.19 -11.54 -7.13
C TYR A 298 8.38 -12.24 -8.46
N ILE A 299 8.53 -13.54 -8.46
CA ILE A 299 8.98 -14.25 -9.65
C ILE A 299 8.09 -14.04 -10.87
N ASP A 300 6.79 -13.92 -10.70
CA ASP A 300 5.89 -13.77 -11.86
C ASP A 300 6.14 -12.44 -12.57
N ALA A 301 6.33 -11.38 -11.78
CA ALA A 301 6.61 -10.06 -12.34
C ALA A 301 7.96 -10.03 -12.99
N VAL A 302 8.93 -10.70 -12.37
CA VAL A 302 10.29 -10.70 -12.92
C VAL A 302 10.29 -11.38 -14.29
N LEU A 303 9.69 -12.55 -14.36
CA LEU A 303 9.52 -13.23 -15.64
C LEU A 303 8.86 -12.35 -16.73
N ALA A 304 7.77 -11.66 -16.40
CA ALA A 304 7.14 -10.80 -17.38
C ALA A 304 8.15 -9.74 -17.89
N LEU A 305 9.01 -9.24 -17.01
CA LEU A 305 9.97 -8.24 -17.41
C LEU A 305 11.06 -8.86 -18.31
N LEU A 306 11.47 -10.07 -17.97
CA LEU A 306 12.49 -10.76 -18.73
C LEU A 306 11.97 -11.08 -20.13
N ALA A 307 10.77 -11.64 -20.16
CA ALA A 307 10.16 -12.04 -21.41
C ALA A 307 10.02 -10.85 -22.35
N SER A 308 9.86 -9.66 -21.80
CA SER A 308 9.59 -8.52 -22.64
C SER A 308 10.85 -7.75 -22.94
N GLY A 309 11.99 -8.27 -22.52
CA GLY A 309 13.26 -7.63 -22.84
C GLY A 309 13.67 -6.46 -21.99
N ARG A 310 12.83 -6.02 -21.07
CA ARG A 310 13.18 -4.88 -20.20
C ARG A 310 14.40 -5.13 -19.34
N LEU A 311 14.64 -6.39 -19.01
CA LEU A 311 15.85 -6.79 -18.30
C LEU A 311 16.61 -7.89 -19.01
N GLN A 312 17.92 -7.78 -18.96
CA GLN A 312 18.81 -8.67 -19.69
C GLN A 312 19.94 -9.13 -18.79
N PRO A 313 19.59 -9.88 -17.75
CA PRO A 313 20.60 -10.27 -16.79
C PRO A 313 21.70 -11.15 -17.33
N GLU A 314 21.40 -11.98 -18.33
CA GLU A 314 22.42 -12.88 -18.92
C GLU A 314 23.68 -12.15 -19.43
N ARG A 315 23.59 -10.86 -19.71
CA ARG A 315 24.77 -10.11 -20.11
C ARG A 315 25.91 -10.22 -19.10
N ILE A 316 25.65 -10.53 -17.85
CA ILE A 316 26.75 -10.58 -16.90
C ILE A 316 27.47 -11.92 -16.88
N VAL A 317 26.95 -12.89 -17.61
CA VAL A 317 27.59 -14.20 -17.68
C VAL A 317 28.95 -14.07 -18.39
N SER A 318 30.04 -14.34 -17.66
CA SER A 318 31.37 -14.32 -18.24
C SER A 318 31.76 -15.69 -18.80
N HIS A 319 31.27 -16.77 -18.19
CA HIS A 319 31.67 -18.13 -18.55
C HIS A 319 30.55 -19.12 -18.63
N TYR A 320 30.35 -19.71 -19.80
CA TYR A 320 29.53 -20.90 -19.92
C TYR A 320 30.48 -22.12 -19.96
N LEU A 321 30.43 -23.00 -18.96
CA LEU A 321 31.30 -24.17 -18.91
C LEU A 321 30.48 -25.42 -18.96
N PRO A 322 31.06 -26.52 -19.46
CA PRO A 322 30.36 -27.79 -19.31
C PRO A 322 30.32 -28.23 -17.85
N LEU A 323 29.33 -29.02 -17.50
CA LEU A 323 29.18 -29.50 -16.14
C LEU A 323 30.48 -30.08 -15.57
N GLU A 324 31.20 -30.86 -16.37
CA GLU A 324 32.45 -31.50 -15.91
C GLU A 324 33.55 -30.50 -15.52
N GLU A 325 33.49 -29.28 -16.04
CA GLU A 325 34.48 -28.25 -15.72
C GLU A 325 34.06 -27.36 -14.56
N ALA A 326 33.05 -27.82 -13.83
CA ALA A 326 32.60 -27.15 -12.60
C ALA A 326 33.68 -26.77 -11.57
N PRO A 327 34.57 -27.71 -11.22
CA PRO A 327 35.61 -27.33 -10.27
C PRO A 327 36.45 -26.15 -10.71
N ARG A 328 36.75 -26.05 -12.01
CA ARG A 328 37.40 -24.84 -12.56
C ARG A 328 36.47 -23.62 -12.30
N GLY A 329 35.19 -23.80 -12.57
CA GLY A 329 34.22 -22.72 -12.42
C GLY A 329 34.24 -22.12 -11.03
N TYR A 330 34.21 -23.00 -10.05
CA TYR A 330 34.24 -22.60 -8.66
C TYR A 330 35.53 -21.84 -8.35
N GLU A 331 36.66 -22.33 -8.86
CA GLU A 331 37.96 -21.69 -8.63
C GLU A 331 37.94 -20.28 -9.22
N LEU A 332 37.50 -20.19 -10.48
CA LEU A 332 37.41 -18.91 -11.19
C LEU A 332 36.56 -17.92 -10.43
N PHE A 333 35.34 -18.34 -10.11
CA PHE A 333 34.40 -17.46 -9.41
C PHE A 333 34.92 -17.05 -8.03
N ASP A 334 35.44 -18.02 -7.28
CA ASP A 334 36.04 -17.76 -5.98
C ASP A 334 37.17 -16.73 -6.08
N ARG A 335 38.10 -16.97 -7.01
CA ARG A 335 39.26 -16.07 -7.25
C ARG A 335 38.84 -14.74 -7.93
N LYS A 336 37.55 -14.56 -8.21
CA LYS A 336 36.99 -13.32 -8.78
C LYS A 336 37.45 -13.09 -10.27
N GLU A 337 37.88 -14.17 -10.92
CA GLU A 337 38.26 -14.16 -12.32
C GLU A 337 37.05 -14.33 -13.24
N ALA A 338 36.03 -15.04 -12.79
CA ALA A 338 34.73 -14.98 -13.44
C ALA A 338 33.80 -14.04 -12.68
N LEU A 339 32.87 -13.45 -13.42
CA LEU A 339 31.83 -12.62 -12.86
C LEU A 339 30.57 -13.46 -12.52
N LYS A 340 30.15 -14.25 -13.48
CA LYS A 340 29.08 -15.20 -13.27
C LYS A 340 29.32 -16.41 -14.14
N VAL A 341 29.24 -17.58 -13.50
CA VAL A 341 29.43 -18.86 -14.18
C VAL A 341 28.13 -19.60 -14.33
N LEU A 342 27.86 -20.03 -15.54
CA LEU A 342 26.71 -20.87 -15.83
C LEU A 342 27.21 -22.21 -16.35
N LEU A 343 26.68 -23.30 -15.83
CA LEU A 343 27.11 -24.64 -16.20
C LEU A 343 26.14 -25.26 -17.24
N VAL A 344 26.69 -25.67 -18.38
CA VAL A 344 25.89 -26.32 -19.40
C VAL A 344 25.83 -27.80 -19.10
N VAL A 345 24.63 -28.33 -18.89
CA VAL A 345 24.47 -29.76 -18.63
C VAL A 345 23.87 -30.48 -19.83
N ARG A 346 24.62 -31.49 -20.27
CA ARG A 346 24.42 -32.14 -21.56
C ARG A 346 23.39 -33.28 -21.41
N MET B 1 -25.02 -40.20 4.30
CA MET B 1 -25.57 -39.88 2.95
C MET B 1 -26.92 -39.18 2.99
N ARG B 2 -27.28 -38.57 4.11
CA ARG B 2 -28.43 -37.69 4.16
C ARG B 2 -27.98 -36.38 3.52
N ALA B 3 -28.81 -35.81 2.65
CA ALA B 3 -28.45 -34.57 2.00
C ALA B 3 -29.68 -33.85 1.50
N VAL B 4 -29.69 -32.53 1.59
CA VAL B 4 -30.77 -31.72 1.03
C VAL B 4 -30.57 -31.66 -0.47
N VAL B 5 -31.65 -31.88 -1.24
CA VAL B 5 -31.61 -31.79 -2.71
C VAL B 5 -32.76 -30.96 -3.29
N PHE B 6 -32.51 -30.40 -4.46
CA PHE B 6 -33.49 -29.65 -5.23
C PHE B 6 -34.40 -30.63 -5.93
N GLU B 7 -35.70 -30.33 -6.04
CA GLU B 7 -36.67 -31.22 -6.76
C GLU B 7 -37.44 -30.52 -7.86
N ASN B 8 -38.00 -29.36 -7.53
CA ASN B 8 -38.50 -28.42 -8.55
C ASN B 8 -38.62 -27.02 -7.91
N LYS B 9 -38.93 -26.00 -8.72
CA LYS B 9 -39.19 -24.64 -8.23
C LYS B 9 -39.94 -24.61 -6.88
N GLU B 10 -39.26 -24.14 -5.85
CA GLU B 10 -39.80 -23.99 -4.47
C GLU B 10 -40.10 -25.30 -3.72
N ARG B 11 -39.61 -26.43 -4.23
CA ARG B 11 -39.69 -27.71 -3.56
C ARG B 11 -38.28 -28.24 -3.35
N VAL B 12 -38.02 -28.74 -2.15
CA VAL B 12 -36.70 -29.16 -1.72
C VAL B 12 -36.96 -30.24 -0.70
N ALA B 13 -36.09 -31.24 -0.61
CA ALA B 13 -36.35 -32.40 0.22
C ALA B 13 -35.05 -33.09 0.56
N VAL B 14 -35.02 -33.77 1.70
CA VAL B 14 -33.80 -34.42 2.12
C VAL B 14 -33.94 -35.91 1.77
N LYS B 15 -33.08 -36.37 0.85
CA LYS B 15 -33.04 -37.76 0.39
C LYS B 15 -31.72 -38.45 0.78
N GLU B 16 -31.69 -39.78 0.66
CA GLU B 16 -30.42 -40.50 0.72
C GLU B 16 -29.76 -40.37 -0.64
N VAL B 17 -28.46 -40.07 -0.62
CA VAL B 17 -27.67 -39.90 -1.83
C VAL B 17 -26.30 -40.54 -1.56
N ASN B 18 -25.55 -40.82 -2.62
CA ASN B 18 -24.24 -41.44 -2.47
C ASN B 18 -23.25 -40.49 -1.82
N ALA B 19 -22.53 -40.98 -0.83
CA ALA B 19 -21.43 -40.26 -0.20
C ALA B 19 -20.31 -40.18 -1.22
N PRO B 20 -19.67 -39.00 -1.36
CA PRO B 20 -18.61 -38.89 -2.34
C PRO B 20 -17.35 -39.49 -1.79
N ARG B 21 -16.46 -39.89 -2.67
CA ARG B 21 -15.16 -40.46 -2.31
C ARG B 21 -14.00 -39.58 -2.85
N LEU B 22 -12.81 -39.78 -2.30
CA LEU B 22 -11.62 -39.07 -2.76
C LEU B 22 -11.37 -39.45 -4.20
N GLN B 23 -11.11 -38.48 -5.06
CA GLN B 23 -10.84 -38.75 -6.47
C GLN B 23 -9.62 -38.00 -7.05
N HIS B 24 -8.82 -37.39 -6.18
CA HIS B 24 -7.63 -36.63 -6.60
C HIS B 24 -6.76 -36.51 -5.35
N PRO B 25 -5.42 -36.50 -5.47
CA PRO B 25 -4.57 -36.42 -4.27
C PRO B 25 -4.65 -35.16 -3.38
N LEU B 26 -5.38 -34.13 -3.82
CA LEU B 26 -5.56 -32.88 -3.04
C LEU B 26 -7.00 -32.73 -2.50
N ASP B 27 -7.80 -33.77 -2.70
CA ASP B 27 -9.15 -33.81 -2.18
C ASP B 27 -9.14 -34.00 -0.67
N ALA B 28 -10.18 -33.51 -0.02
CA ALA B 28 -10.48 -33.88 1.34
C ALA B 28 -11.97 -34.10 1.48
N LEU B 29 -12.32 -35.03 2.37
CA LEU B 29 -13.70 -35.28 2.70
C LEU B 29 -13.97 -34.67 4.05
N VAL B 30 -15.11 -34.04 4.18
CA VAL B 30 -15.44 -33.28 5.39
C VAL B 30 -16.79 -33.73 5.96
N ARG B 31 -16.74 -34.14 7.23
CA ARG B 31 -17.93 -34.52 7.96
C ARG B 31 -18.59 -33.22 8.42
N VAL B 32 -19.59 -32.76 7.64
CA VAL B 32 -20.24 -31.51 7.95
C VAL B 32 -20.95 -31.61 9.29
N HIS B 33 -20.78 -30.57 10.09
CA HIS B 33 -21.40 -30.42 11.41
C HIS B 33 -22.52 -29.39 11.32
N LEU B 34 -22.23 -28.25 10.72
CA LEU B 34 -23.24 -27.22 10.47
C LEU B 34 -23.24 -26.77 9.00
N ALA B 35 -24.40 -26.41 8.49
CA ALA B 35 -24.56 -26.01 7.10
C ALA B 35 -25.60 -24.91 7.00
N GLY B 36 -25.27 -23.86 6.28
CA GLY B 36 -26.10 -22.68 6.29
C GLY B 36 -26.98 -22.67 5.09
N ILE B 37 -28.04 -21.88 5.18
CA ILE B 37 -28.84 -21.48 4.06
C ILE B 37 -28.57 -20.01 3.84
N CYS B 38 -28.17 -19.68 2.62
CA CYS B 38 -27.74 -18.36 2.24
C CYS B 38 -28.80 -17.67 1.36
N GLY B 39 -28.77 -16.35 1.33
CA GLY B 39 -29.63 -15.60 0.43
C GLY B 39 -29.52 -16.09 -0.99
N SER B 40 -28.30 -16.35 -1.45
CA SER B 40 -28.12 -16.79 -2.85
C SER B 40 -28.81 -18.16 -3.10
N ASP B 41 -28.99 -18.99 -2.06
CA ASP B 41 -29.73 -20.25 -2.17
C ASP B 41 -31.20 -20.01 -2.55
N LEU B 42 -31.73 -18.82 -2.23
CA LEU B 42 -33.11 -18.50 -2.61
C LEU B 42 -33.26 -18.31 -4.10
N HIS B 43 -32.19 -17.88 -4.78
CA HIS B 43 -32.26 -17.74 -6.24
C HIS B 43 -32.33 -19.15 -6.85
N LEU B 44 -31.68 -20.12 -6.21
CA LEU B 44 -31.84 -21.50 -6.63
C LEU B 44 -33.29 -21.93 -6.43
N TYR B 45 -33.76 -21.73 -5.21
CA TYR B 45 -35.10 -22.15 -4.76
C TYR B 45 -36.18 -21.71 -5.75
N HIS B 46 -36.11 -20.43 -6.15
CA HIS B 46 -37.10 -19.87 -7.08
C HIS B 46 -36.91 -20.25 -8.56
N GLY B 47 -35.91 -21.09 -8.84
CA GLY B 47 -35.49 -21.46 -10.21
C GLY B 47 -34.97 -20.32 -11.07
N LYS B 48 -34.44 -19.27 -10.46
CA LYS B 48 -33.77 -18.19 -11.19
C LYS B 48 -32.38 -18.67 -11.69
N ILE B 49 -31.78 -19.66 -11.02
CA ILE B 49 -30.46 -20.21 -11.36
C ILE B 49 -30.66 -21.68 -11.70
N PRO B 50 -30.05 -22.16 -12.81
CA PRO B 50 -30.38 -23.52 -13.27
C PRO B 50 -29.74 -24.61 -12.41
N VAL B 51 -30.58 -25.52 -11.92
CA VAL B 51 -30.15 -26.64 -11.09
C VAL B 51 -30.78 -27.90 -11.59
N LEU B 52 -30.02 -28.98 -11.59
CA LEU B 52 -30.56 -30.29 -11.93
C LEU B 52 -31.25 -30.90 -10.74
N PRO B 53 -32.50 -31.39 -10.91
CA PRO B 53 -33.14 -32.17 -9.85
C PRO B 53 -32.27 -33.30 -9.30
N GLY B 54 -32.22 -33.41 -7.98
CA GLY B 54 -31.37 -34.42 -7.33
C GLY B 54 -29.98 -33.89 -6.99
N SER B 55 -29.72 -32.61 -7.29
CA SER B 55 -28.45 -31.96 -6.91
C SER B 55 -28.50 -31.58 -5.45
N VAL B 56 -27.42 -31.84 -4.75
CA VAL B 56 -27.24 -31.40 -3.36
C VAL B 56 -26.97 -29.89 -3.26
N LEU B 57 -27.75 -29.19 -2.45
CA LEU B 57 -27.61 -27.74 -2.31
C LEU B 57 -26.68 -27.28 -1.18
N GLY B 58 -26.35 -25.97 -1.21
CA GLY B 58 -25.61 -25.28 -0.13
C GLY B 58 -24.11 -25.10 -0.33
N HIS B 59 -23.60 -23.97 0.15
CA HIS B 59 -22.16 -23.67 0.08
C HIS B 59 -21.51 -23.15 1.38
N GLU B 60 -22.24 -23.25 2.50
CA GLU B 60 -21.78 -22.77 3.79
C GLU B 60 -21.62 -23.98 4.71
N PHE B 61 -20.45 -24.11 5.31
CA PHE B 61 -20.18 -25.26 6.15
C PHE B 61 -19.06 -25.08 7.14
N VAL B 62 -19.13 -25.90 8.17
CA VAL B 62 -18.03 -26.12 9.10
C VAL B 62 -18.19 -27.58 9.51
N GLY B 63 -17.08 -28.25 9.75
CA GLY B 63 -17.12 -29.67 10.07
C GLY B 63 -15.74 -30.23 10.38
N GLN B 64 -15.62 -31.55 10.29
CA GLN B 64 -14.37 -32.22 10.58
C GLN B 64 -13.91 -33.01 9.38
N VAL B 65 -12.61 -33.20 9.28
CA VAL B 65 -12.00 -33.91 8.17
C VAL B 65 -12.27 -35.41 8.36
N GLU B 66 -12.81 -36.09 7.37
CA GLU B 66 -12.89 -37.55 7.36
C GLU B 66 -11.58 -38.15 6.85
N ALA B 67 -11.14 -37.65 5.70
CA ALA B 67 -9.97 -38.22 5.00
C ALA B 67 -9.34 -37.19 4.05
N VAL B 68 -8.09 -37.43 3.67
CA VAL B 68 -7.36 -36.53 2.78
C VAL B 68 -6.60 -37.32 1.71
N GLY B 69 -6.42 -36.71 0.55
CA GLY B 69 -5.60 -37.26 -0.52
C GLY B 69 -4.15 -37.34 -0.12
N GLU B 70 -3.37 -38.14 -0.87
CA GLU B 70 -1.97 -38.41 -0.54
C GLU B 70 -1.11 -37.13 -0.60
N GLY B 71 -1.66 -36.06 -1.16
CA GLY B 71 -0.92 -34.79 -1.37
C GLY B 71 -1.10 -33.73 -0.30
N ILE B 72 -1.94 -33.99 0.69
CA ILE B 72 -2.27 -33.03 1.72
C ILE B 72 -1.37 -33.22 2.91
N GLN B 73 -0.75 -32.13 3.37
CA GLN B 73 0.22 -32.16 4.48
C GLN B 73 -0.34 -31.82 5.85
N ASP B 74 -1.06 -30.69 5.92
CA ASP B 74 -1.41 -30.04 7.18
C ASP B 74 -2.83 -30.29 7.65
N LEU B 75 -3.47 -31.33 7.15
CA LEU B 75 -4.79 -31.73 7.63
C LEU B 75 -4.80 -33.21 7.90
N GLN B 76 -5.33 -33.61 9.06
CA GLN B 76 -5.57 -35.03 9.39
C GLN B 76 -7.03 -35.20 9.79
N PRO B 77 -7.48 -36.44 9.93
CA PRO B 77 -8.89 -36.72 10.19
C PRO B 77 -9.60 -36.06 11.39
N GLY B 78 -8.92 -35.82 12.49
CA GLY B 78 -9.61 -35.14 13.60
C GLY B 78 -10.13 -33.72 13.35
N ASP B 79 -9.47 -33.04 12.40
CA ASP B 79 -9.40 -31.57 12.35
C ASP B 79 -10.67 -30.82 11.99
N TRP B 80 -10.98 -29.83 12.80
CA TRP B 80 -12.10 -28.94 12.54
C TRP B 80 -11.71 -27.93 11.49
N VAL B 81 -12.56 -27.81 10.48
CA VAL B 81 -12.25 -26.96 9.36
C VAL B 81 -13.43 -26.17 8.87
N VAL B 82 -13.12 -25.10 8.17
CA VAL B 82 -14.08 -24.30 7.42
C VAL B 82 -13.43 -23.97 6.04
N GLY B 83 -14.23 -23.58 5.05
CA GLY B 83 -13.70 -23.26 3.73
C GLY B 83 -14.54 -22.23 3.01
N PRO B 84 -13.94 -21.50 2.04
CA PRO B 84 -14.67 -20.54 1.20
C PRO B 84 -15.79 -21.21 0.44
N PHE B 85 -16.88 -20.46 0.20
CA PHE B 85 -18.00 -21.00 -0.55
C PHE B 85 -17.64 -21.21 -2.01
N HIS B 86 -16.51 -20.67 -2.47
CA HIS B 86 -16.14 -20.80 -3.87
C HIS B 86 -14.75 -21.37 -3.93
N ILE B 87 -14.51 -22.24 -4.90
CA ILE B 87 -13.27 -23.02 -4.92
C ILE B 87 -12.26 -22.38 -5.86
N ALA B 88 -11.00 -22.76 -5.66
CA ALA B 88 -9.90 -22.19 -6.43
C ALA B 88 -8.83 -23.22 -6.52
N CYS B 89 -8.07 -23.16 -7.62
CA CYS B 89 -7.12 -24.22 -7.97
C CYS B 89 -5.73 -23.93 -7.42
N GLY B 90 -5.38 -22.65 -7.30
CA GLY B 90 -4.10 -22.25 -6.71
C GLY B 90 -2.95 -22.11 -7.67
N THR B 91 -3.12 -22.55 -8.92
CA THR B 91 -2.01 -22.49 -9.91
C THR B 91 -2.29 -21.74 -11.21
N CYS B 92 -3.56 -21.47 -11.53
CA CYS B 92 -3.90 -20.68 -12.73
C CYS B 92 -3.39 -19.26 -12.54
N PRO B 93 -3.32 -18.49 -13.64
CA PRO B 93 -2.79 -17.11 -13.54
C PRO B 93 -3.57 -16.19 -12.56
N TYR B 94 -4.87 -16.39 -12.45
CA TYR B 94 -5.68 -15.61 -11.54
C TYR B 94 -5.43 -15.98 -10.06
N CYS B 95 -5.28 -17.27 -9.80
CA CYS B 95 -4.88 -17.71 -8.47
C CYS B 95 -3.49 -17.17 -8.10
N ARG B 96 -2.58 -17.11 -9.05
CA ARG B 96 -1.21 -16.62 -8.74
C ARG B 96 -1.18 -15.12 -8.42
N ARG B 97 -2.13 -14.38 -8.99
CA ARG B 97 -2.36 -12.99 -8.66
C ARG B 97 -3.17 -12.80 -7.35
N HIS B 98 -3.49 -13.91 -6.69
CA HIS B 98 -4.34 -13.92 -5.49
C HIS B 98 -5.78 -13.40 -5.75
N GLN B 99 -6.28 -13.62 -6.96
CA GLN B 99 -7.66 -13.26 -7.28
C GLN B 99 -8.42 -14.56 -7.46
N TYR B 100 -8.57 -15.25 -6.33
CA TYR B 100 -9.07 -16.62 -6.31
C TYR B 100 -10.51 -16.67 -6.81
N ASN B 101 -11.23 -15.57 -6.62
CA ASN B 101 -12.56 -15.48 -7.22
C ASN B 101 -12.58 -15.48 -8.77
N LEU B 102 -11.43 -15.27 -9.41
CA LEU B 102 -11.38 -15.36 -10.87
C LEU B 102 -10.64 -16.62 -11.33
N CYS B 103 -10.49 -17.60 -10.42
CA CYS B 103 -9.86 -18.88 -10.76
C CYS B 103 -10.46 -19.40 -12.01
N GLU B 104 -9.62 -19.93 -12.88
CA GLU B 104 -10.09 -20.47 -14.17
C GLU B 104 -10.84 -21.79 -14.02
N ARG B 105 -10.52 -22.54 -12.97
CA ARG B 105 -11.22 -23.76 -12.58
C ARG B 105 -12.19 -23.50 -11.42
N GLY B 106 -12.64 -22.26 -11.33
CA GLY B 106 -13.45 -21.84 -10.18
C GLY B 106 -14.85 -22.42 -10.21
N GLY B 107 -15.48 -22.46 -9.05
CA GLY B 107 -16.86 -22.87 -8.90
C GLY B 107 -17.39 -22.58 -7.48
N VAL B 108 -18.69 -22.80 -7.31
CA VAL B 108 -19.34 -22.63 -6.03
C VAL B 108 -20.07 -23.90 -5.71
N TYR B 109 -19.84 -24.41 -4.52
CA TYR B 109 -20.54 -25.61 -4.05
C TYR B 109 -22.06 -25.49 -4.19
N GLY B 110 -22.69 -26.61 -4.58
CA GLY B 110 -24.15 -26.73 -4.66
C GLY B 110 -24.85 -25.60 -5.38
N TYR B 111 -24.20 -25.05 -6.40
CA TYR B 111 -24.78 -23.92 -7.14
C TYR B 111 -25.09 -24.27 -8.62
N GLY B 112 -25.17 -25.57 -8.92
CA GLY B 112 -25.55 -26.02 -10.24
C GLY B 112 -24.44 -26.02 -11.28
N PRO B 113 -24.76 -26.47 -12.48
CA PRO B 113 -23.76 -26.71 -13.49
C PRO B 113 -23.20 -25.46 -14.17
N MET B 114 -23.83 -24.31 -13.99
CA MET B 114 -23.20 -23.09 -14.46
C MET B 114 -22.08 -22.53 -13.55
N PHE B 115 -21.90 -23.14 -12.38
CA PHE B 115 -20.90 -22.70 -11.40
C PHE B 115 -20.09 -23.89 -10.91
N GLY B 116 -19.60 -24.68 -11.85
CA GLY B 116 -18.64 -25.73 -11.52
C GLY B 116 -19.24 -27.09 -11.29
N ASN B 117 -20.56 -27.15 -11.22
CA ASN B 117 -21.26 -28.42 -11.04
C ASN B 117 -20.76 -29.22 -9.82
N LEU B 118 -20.84 -28.59 -8.65
CA LEU B 118 -20.24 -29.14 -7.45
C LEU B 118 -21.34 -29.58 -6.53
N GLN B 119 -21.15 -30.72 -5.87
CA GLN B 119 -22.14 -31.19 -4.88
C GLN B 119 -22.08 -30.26 -3.67
N GLY B 120 -23.26 -29.88 -3.18
CA GLY B 120 -23.42 -28.88 -2.13
C GLY B 120 -23.09 -29.36 -0.72
N ALA B 121 -23.25 -28.44 0.22
CA ALA B 121 -22.73 -28.61 1.59
C ALA B 121 -23.79 -28.99 2.63
N GLN B 122 -25.08 -28.87 2.27
CA GLN B 122 -26.19 -29.27 3.12
C GLN B 122 -26.35 -30.79 3.06
N ALA B 123 -25.45 -31.49 3.71
CA ALA B 123 -25.25 -32.91 3.54
C ALA B 123 -24.19 -33.36 4.53
N GLU B 124 -24.07 -34.67 4.73
CA GLU B 124 -23.26 -35.18 5.86
C GLU B 124 -21.82 -35.16 5.50
N ILE B 125 -21.54 -35.29 4.21
CA ILE B 125 -20.16 -35.34 3.69
C ILE B 125 -20.00 -34.39 2.52
N LEU B 126 -18.90 -33.64 2.54
CA LEU B 126 -18.55 -32.74 1.46
C LEU B 126 -17.17 -33.09 0.91
N ARG B 127 -17.08 -33.18 -0.44
CA ARG B 127 -15.80 -33.34 -1.11
C ARG B 127 -15.31 -31.95 -1.41
N VAL B 128 -14.09 -31.65 -0.97
CA VAL B 128 -13.47 -30.37 -1.16
C VAL B 128 -12.22 -30.59 -2.00
N PRO B 129 -12.24 -30.18 -3.27
CA PRO B 129 -11.04 -30.25 -4.10
C PRO B 129 -9.97 -29.25 -3.69
N PHE B 130 -8.73 -29.52 -4.07
CA PHE B 130 -7.62 -28.62 -3.75
C PHE B 130 -7.75 -28.11 -2.31
N SER B 131 -7.92 -29.03 -1.36
CA SER B 131 -8.19 -28.65 0.04
C SER B 131 -7.00 -27.88 0.63
N ASN B 132 -5.84 -28.05 0.01
CA ASN B 132 -4.68 -27.20 0.32
C ASN B 132 -4.96 -25.73 0.18
N VAL B 133 -5.84 -25.38 -0.75
CA VAL B 133 -6.23 -24.00 -1.02
C VAL B 133 -7.55 -23.64 -0.37
N ASN B 134 -8.50 -24.57 -0.41
CA ASN B 134 -9.88 -24.30 -0.07
C ASN B 134 -10.33 -24.65 1.35
N LEU B 135 -9.41 -25.02 2.23
CA LEU B 135 -9.78 -25.25 3.65
C LEU B 135 -8.87 -24.55 4.66
N ARG B 136 -9.42 -24.22 5.84
CA ARG B 136 -8.63 -23.82 7.00
C ARG B 136 -8.96 -24.57 8.28
N LYS B 137 -7.92 -25.03 8.99
CA LYS B 137 -8.04 -25.48 10.36
C LYS B 137 -8.63 -24.37 11.22
N LEU B 138 -9.61 -24.71 12.06
CA LEU B 138 -10.08 -23.76 13.06
C LEU B 138 -8.98 -23.55 14.09
N PRO B 139 -8.77 -22.31 14.50
CA PRO B 139 -7.98 -22.10 15.70
C PRO B 139 -8.60 -22.78 16.93
N PRO B 140 -7.76 -23.19 17.88
CA PRO B 140 -8.19 -24.13 18.94
C PRO B 140 -9.43 -23.73 19.79
N ASN B 141 -9.66 -22.44 20.05
CA ASN B 141 -10.75 -22.04 20.95
C ASN B 141 -11.89 -21.33 20.26
N LEU B 142 -12.34 -21.85 19.11
CA LEU B 142 -13.36 -21.15 18.28
C LEU B 142 -14.51 -22.07 18.00
N SER B 143 -15.71 -21.58 18.28
CA SER B 143 -16.89 -22.41 18.10
C SER B 143 -17.26 -22.56 16.63
N PRO B 144 -17.71 -23.75 16.25
CA PRO B 144 -18.09 -23.98 14.85
C PRO B 144 -19.18 -23.06 14.35
N GLU B 145 -20.09 -22.69 15.24
CA GLU B 145 -21.20 -21.82 14.86
C GLU B 145 -20.71 -20.39 14.61
N ARG B 146 -19.59 -20.01 15.21
CA ARG B 146 -18.96 -18.75 14.91
C ARG B 146 -18.14 -18.82 13.62
N ALA B 147 -17.32 -19.88 13.53
CA ALA B 147 -16.40 -20.07 12.42
C ALA B 147 -17.09 -20.13 11.03
N ILE B 148 -18.26 -20.74 10.96
CA ILE B 148 -18.89 -20.97 9.66
C ILE B 148 -19.04 -19.70 8.79
N PHE B 149 -19.24 -18.55 9.42
CA PHE B 149 -19.44 -17.30 8.69
C PHE B 149 -18.20 -16.82 7.94
N ALA B 150 -17.03 -17.32 8.37
CA ALA B 150 -15.76 -16.99 7.73
C ALA B 150 -15.70 -17.43 6.29
N GLY B 151 -16.46 -18.47 5.98
CA GLY B 151 -16.43 -19.06 4.66
C GLY B 151 -17.25 -18.34 3.63
N ASP B 152 -18.15 -17.46 4.07
CA ASP B 152 -19.05 -16.78 3.13
C ASP B 152 -19.40 -15.31 3.51
N ILE B 153 -20.48 -15.09 4.25
CA ILE B 153 -20.99 -13.72 4.36
C ILE B 153 -20.11 -12.74 5.17
N LEU B 154 -19.40 -13.21 6.18
CA LEU B 154 -18.52 -12.31 6.93
C LEU B 154 -17.30 -11.91 6.06
N SER B 155 -16.69 -12.87 5.39
CA SER B 155 -15.53 -12.55 4.57
C SER B 155 -15.92 -11.68 3.38
N THR B 156 -17.14 -11.88 2.88
CA THR B 156 -17.67 -11.02 1.83
C THR B 156 -17.74 -9.55 2.26
N ALA B 157 -18.35 -9.28 3.40
CA ALA B 157 -18.43 -7.94 3.92
C ALA B 157 -17.05 -7.40 4.27
N TYR B 158 -16.24 -8.24 4.88
CA TYR B 158 -14.92 -7.82 5.28
C TYR B 158 -14.18 -7.37 4.02
N GLY B 159 -14.22 -8.23 3.01
CA GLY B 159 -13.51 -8.00 1.79
C GLY B 159 -13.94 -6.72 1.16
N GLY B 160 -15.24 -6.48 1.17
CA GLY B 160 -15.82 -5.24 0.62
C GLY B 160 -15.19 -4.01 1.25
N LEU B 161 -15.06 -4.07 2.56
CA LEU B 161 -14.52 -2.97 3.33
C LEU B 161 -13.02 -2.76 3.17
N ILE B 162 -12.25 -3.84 3.17
CA ILE B 162 -10.80 -3.73 2.92
C ILE B 162 -10.50 -3.20 1.51
N GLN B 163 -11.22 -3.69 0.52
CA GLN B 163 -10.99 -3.23 -0.85
C GLN B 163 -11.43 -1.75 -0.99
N GLY B 164 -12.43 -1.36 -0.19
CA GLY B 164 -12.86 0.02 -0.12
C GLY B 164 -11.94 0.90 0.70
N GLN B 165 -10.88 0.31 1.24
CA GLN B 165 -9.76 1.00 1.90
C GLN B 165 -10.18 1.69 3.16
N LEU B 166 -11.13 1.09 3.85
CA LEU B 166 -11.58 1.62 5.13
C LEU B 166 -10.38 1.92 6.00
N ARG B 167 -10.27 3.15 6.46
CA ARG B 167 -9.16 3.52 7.29
C ARG B 167 -9.73 4.03 8.60
N PRO B 168 -8.97 3.91 9.69
CA PRO B 168 -9.59 4.30 10.95
C PRO B 168 -10.01 5.76 10.92
N GLY B 169 -11.10 6.11 11.61
CA GLY B 169 -11.63 7.45 11.58
C GLY B 169 -12.61 7.68 10.44
N ASP B 170 -12.57 6.82 9.42
CA ASP B 170 -13.47 6.96 8.28
C ASP B 170 -14.91 6.81 8.70
N SER B 171 -15.79 7.43 7.93
CA SER B 171 -17.20 7.20 8.12
C SER B 171 -17.63 6.32 7.01
N VAL B 172 -18.63 5.47 7.28
CA VAL B 172 -19.08 4.44 6.36
C VAL B 172 -20.58 4.37 6.23
N ALA B 173 -21.09 4.27 5.01
CA ALA B 173 -22.50 4.02 4.82
C ALA B 173 -22.64 2.62 4.26
N VAL B 174 -23.54 1.83 4.83
CA VAL B 174 -23.81 0.52 4.31
C VAL B 174 -25.24 0.53 3.80
N ILE B 175 -25.42 0.13 2.55
CA ILE B 175 -26.75 0.11 1.95
C ILE B 175 -27.19 -1.35 1.88
N GLY B 176 -28.26 -1.63 2.59
CA GLY B 176 -28.68 -3.01 2.81
C GLY B 176 -28.32 -3.49 4.22
N ALA B 177 -29.35 -3.69 5.04
CA ALA B 177 -29.19 -4.20 6.40
C ALA B 177 -29.57 -5.67 6.55
N GLY B 178 -29.48 -6.45 5.49
CA GLY B 178 -29.54 -7.91 5.61
C GLY B 178 -28.29 -8.49 6.26
N PRO B 179 -28.15 -9.83 6.26
CA PRO B 179 -27.02 -10.51 6.84
C PRO B 179 -25.65 -9.95 6.45
N VAL B 180 -25.43 -9.74 5.16
CA VAL B 180 -24.16 -9.17 4.71
C VAL B 180 -23.93 -7.76 5.25
N GLY B 181 -24.91 -6.90 5.07
CA GLY B 181 -24.87 -5.55 5.65
C GLY B 181 -24.59 -5.52 7.16
N LEU B 182 -25.15 -6.48 7.89
CA LEU B 182 -24.95 -6.58 9.35
C LEU B 182 -23.52 -7.02 9.66
N MET B 183 -22.98 -7.94 8.88
CA MET B 183 -21.57 -8.28 9.08
C MET B 183 -20.72 -7.02 8.85
N ALA B 184 -21.04 -6.27 7.77
CA ALA B 184 -20.27 -5.07 7.41
C ALA B 184 -20.28 -4.07 8.54
N ILE B 185 -21.46 -3.88 9.14
CA ILE B 185 -21.61 -2.91 10.22
C ILE B 185 -20.70 -3.29 11.38
N GLU B 186 -20.81 -4.54 11.82
CA GLU B 186 -19.96 -5.05 12.91
C GLU B 186 -18.48 -4.88 12.57
N VAL B 187 -18.08 -5.30 11.38
CA VAL B 187 -16.68 -5.20 10.96
C VAL B 187 -16.19 -3.77 10.96
N ALA B 188 -16.95 -2.89 10.31
CA ALA B 188 -16.60 -1.48 10.21
C ALA B 188 -16.27 -0.91 11.62
N GLN B 189 -17.12 -1.24 12.60
CA GLN B 189 -16.89 -0.91 14.01
C GLN B 189 -15.47 -1.32 14.48
N VAL B 190 -15.14 -2.54 14.26
CA VAL B 190 -13.91 -3.05 14.78
C VAL B 190 -12.68 -2.55 14.00
N LEU B 191 -12.90 -2.08 12.78
CA LEU B 191 -11.80 -1.46 12.00
C LEU B 191 -11.71 0.06 12.22
N GLY B 192 -12.43 0.54 13.23
CA GLY B 192 -12.22 1.88 13.72
C GLY B 192 -12.93 2.95 12.96
N ALA B 193 -14.10 2.64 12.43
CA ALA B 193 -14.90 3.66 11.79
C ALA B 193 -15.30 4.68 12.85
N SER B 194 -15.36 5.94 12.47
CA SER B 194 -15.84 7.00 13.36
C SER B 194 -17.35 7.13 13.38
N LYS B 195 -18.01 6.62 12.35
CA LYS B 195 -19.45 6.65 12.26
C LYS B 195 -19.90 5.74 11.13
N ILE B 196 -21.02 5.03 11.35
CA ILE B 196 -21.56 4.05 10.44
C ILE B 196 -23.03 4.25 10.25
N LEU B 197 -23.47 4.30 8.99
CA LEU B 197 -24.86 4.57 8.65
C LEU B 197 -25.43 3.36 7.98
N ALA B 198 -26.65 2.97 8.34
CA ALA B 198 -27.28 1.80 7.73
C ALA B 198 -28.58 2.23 7.05
N ILE B 199 -28.65 2.00 5.73
CA ILE B 199 -29.80 2.39 4.94
C ILE B 199 -30.54 1.15 4.51
N ASP B 200 -31.82 1.06 4.85
CA ASP B 200 -32.66 -0.06 4.46
C ASP B 200 -34.08 0.44 4.52
N ARG B 201 -35.04 -0.45 4.25
CA ARG B 201 -36.47 -0.08 4.27
C ARG B 201 -37.29 -1.02 5.17
N ILE B 202 -36.65 -1.76 6.07
CA ILE B 202 -37.34 -2.72 6.94
C ILE B 202 -36.94 -2.47 8.40
N PRO B 203 -37.85 -1.90 9.19
CA PRO B 203 -37.58 -1.61 10.60
C PRO B 203 -36.87 -2.72 11.39
N GLU B 204 -37.36 -3.95 11.29
CA GLU B 204 -36.74 -5.09 12.00
C GLU B 204 -35.20 -5.09 11.74
N ARG B 205 -34.82 -4.87 10.48
CA ARG B 205 -33.41 -4.93 10.07
C ARG B 205 -32.64 -3.69 10.52
N LEU B 206 -33.27 -2.52 10.38
CA LEU B 206 -32.71 -1.27 10.90
C LEU B 206 -32.53 -1.26 12.42
N GLU B 207 -33.43 -1.91 13.16
CA GLU B 207 -33.28 -2.06 14.62
C GLU B 207 -32.04 -2.85 14.92
N ARG B 208 -31.84 -3.92 14.15
CA ARG B 208 -30.68 -4.79 14.34
C ARG B 208 -29.36 -4.05 14.01
N ALA B 209 -29.46 -3.22 12.98
CA ALA B 209 -28.33 -2.43 12.58
C ALA B 209 -27.97 -1.48 13.71
N ALA B 210 -29.00 -0.93 14.35
CA ALA B 210 -28.78 0.05 15.43
C ALA B 210 -28.14 -0.60 16.62
N SER B 211 -28.59 -1.81 16.93
CA SER B 211 -27.97 -2.53 18.04
C SER B 211 -26.47 -2.82 17.83
N LEU B 212 -26.02 -2.86 16.56
CA LEU B 212 -24.61 -3.09 16.26
C LEU B 212 -23.79 -1.82 16.29
N GLY B 213 -24.48 -0.68 16.33
CA GLY B 213 -23.83 0.62 16.51
C GLY B 213 -24.05 1.62 15.39
N ALA B 214 -24.90 1.31 14.42
CA ALA B 214 -25.09 2.18 13.27
C ALA B 214 -26.26 3.11 13.48
N ILE B 215 -26.16 4.29 12.88
CA ILE B 215 -27.30 5.16 12.73
C ILE B 215 -28.22 4.63 11.60
N PRO B 216 -29.44 4.21 11.96
CA PRO B 216 -30.34 3.63 10.97
C PRO B 216 -31.01 4.73 10.20
N ILE B 217 -31.35 4.46 8.94
CA ILE B 217 -31.99 5.43 8.08
C ILE B 217 -32.98 4.73 7.19
N ASN B 218 -34.26 5.05 7.33
CA ASN B 218 -35.29 4.40 6.53
C ASN B 218 -35.45 5.15 5.22
N ALA B 219 -35.09 4.49 4.11
CA ALA B 219 -35.19 5.08 2.77
C ALA B 219 -36.63 5.27 2.26
N GLU B 220 -37.60 4.60 2.88
CA GLU B 220 -39.03 4.77 2.52
C GLU B 220 -39.54 6.06 3.14
N GLN B 221 -39.02 6.36 4.33
CA GLN B 221 -39.54 7.44 5.17
C GLN B 221 -38.75 8.74 5.11
N GLU B 222 -37.57 8.73 4.48
CA GLU B 222 -36.81 9.97 4.28
C GLU B 222 -35.83 9.86 3.12
N ASN B 223 -35.31 11.01 2.66
CA ASN B 223 -34.21 11.03 1.68
C ASN B 223 -32.90 10.63 2.36
N PRO B 224 -32.42 9.41 2.07
CA PRO B 224 -31.19 8.96 2.71
C PRO B 224 -29.99 9.83 2.38
N VAL B 225 -29.97 10.38 1.18
CA VAL B 225 -28.83 11.16 0.74
C VAL B 225 -28.70 12.42 1.57
N ARG B 226 -29.81 13.12 1.76
CA ARG B 226 -29.81 14.34 2.56
C ARG B 226 -29.34 14.06 3.98
N ARG B 227 -29.85 12.95 4.50
CA ARG B 227 -29.65 12.51 5.87
C ARG B 227 -28.21 12.04 6.15
N VAL B 228 -27.71 11.16 5.28
CA VAL B 228 -26.33 10.75 5.29
C VAL B 228 -25.40 11.95 5.21
N ARG B 229 -25.80 12.94 4.42
CA ARG B 229 -24.95 14.10 4.22
C ARG B 229 -24.85 14.91 5.49
N SER B 230 -25.99 15.12 6.15
CA SER B 230 -25.99 15.90 7.40
C SER B 230 -25.23 15.21 8.52
N GLU B 231 -25.24 13.88 8.52
CA GLU B 231 -24.45 13.11 9.48
C GLU B 231 -22.94 13.12 9.20
N THR B 232 -22.54 13.59 8.03
CA THR B 232 -21.13 13.55 7.63
C THR B 232 -20.63 14.91 7.15
N ASN B 233 -20.89 15.94 7.96
CA ASN B 233 -20.46 17.33 7.67
C ASN B 233 -20.93 17.86 6.35
N ASP B 234 -22.03 17.35 5.84
CA ASP B 234 -22.53 17.74 4.49
C ASP B 234 -21.56 17.39 3.35
N GLU B 235 -20.67 16.45 3.59
CA GLU B 235 -19.76 15.95 2.58
C GLU B 235 -20.31 14.64 2.03
N GLY B 236 -20.71 13.76 2.93
CA GLY B 236 -20.96 12.35 2.62
C GLY B 236 -19.88 11.52 3.30
N PRO B 237 -20.11 10.20 3.40
CA PRO B 237 -19.17 9.29 4.03
C PRO B 237 -17.96 8.95 3.17
N ASP B 238 -16.87 8.58 3.81
CA ASP B 238 -15.65 8.30 3.10
C ASP B 238 -15.81 7.06 2.25
N LEU B 239 -16.62 6.12 2.71
CA LEU B 239 -16.79 4.82 2.05
C LEU B 239 -18.24 4.37 2.03
N VAL B 240 -18.71 3.92 0.87
CA VAL B 240 -20.04 3.30 0.83
C VAL B 240 -19.95 1.82 0.43
N LEU B 241 -20.51 0.95 1.24
CA LEU B 241 -20.61 -0.45 0.90
C LEU B 241 -22.04 -0.70 0.41
N GLU B 242 -22.24 -1.00 -0.86
CA GLU B 242 -23.61 -1.24 -1.31
C GLU B 242 -23.81 -2.74 -1.35
N ALA B 243 -24.80 -3.21 -0.59
CA ALA B 243 -24.91 -4.66 -0.36
C ALA B 243 -26.21 -5.27 -0.89
N VAL B 244 -27.01 -4.47 -1.59
CA VAL B 244 -28.34 -4.87 -2.03
C VAL B 244 -28.31 -5.44 -3.44
N GLY B 245 -27.73 -4.67 -4.34
CA GLY B 245 -27.66 -5.02 -5.76
C GLY B 245 -28.61 -4.11 -6.56
N GLY B 246 -28.18 -3.63 -7.70
CA GLY B 246 -29.12 -2.99 -8.60
C GLY B 246 -28.88 -1.52 -8.78
N ALA B 247 -29.32 -1.00 -9.92
CA ALA B 247 -28.99 0.37 -10.32
C ALA B 247 -29.45 1.43 -9.31
N ALA B 248 -30.62 1.19 -8.71
CA ALA B 248 -31.19 2.17 -7.82
C ALA B 248 -30.19 2.44 -6.70
N THR B 249 -29.75 1.36 -6.03
CA THR B 249 -28.85 1.44 -4.88
C THR B 249 -27.43 1.87 -5.26
N LEU B 250 -27.00 1.47 -6.45
CA LEU B 250 -25.67 1.88 -6.93
C LEU B 250 -25.60 3.39 -7.24
N SER B 251 -26.67 3.93 -7.79
CA SER B 251 -26.70 5.38 -8.06
C SER B 251 -26.71 6.13 -6.74
N LEU B 252 -27.45 5.56 -5.80
CA LEU B 252 -27.57 6.09 -4.47
C LEU B 252 -26.17 6.14 -3.82
N ALA B 253 -25.46 5.03 -3.91
CA ALA B 253 -24.13 4.94 -3.34
C ALA B 253 -23.23 6.04 -3.92
N LEU B 254 -23.31 6.24 -5.23
CA LEU B 254 -22.45 7.21 -5.93
C LEU B 254 -22.84 8.67 -5.68
N GLU B 255 -24.11 8.91 -5.39
CA GLU B 255 -24.56 10.23 -5.01
C GLU B 255 -24.17 10.52 -3.56
N MET B 256 -24.43 9.56 -2.67
CA MET B 256 -24.19 9.79 -1.24
C MET B 256 -22.69 9.91 -0.89
N VAL B 257 -21.81 9.14 -1.50
CA VAL B 257 -20.40 9.16 -1.10
C VAL B 257 -19.79 10.54 -1.28
N ARG B 258 -18.85 10.90 -0.42
CA ARG B 258 -18.21 12.21 -0.52
C ARG B 258 -17.30 12.28 -1.72
N PRO B 259 -17.09 13.48 -2.25
CA PRO B 259 -16.03 13.67 -3.22
C PRO B 259 -14.74 13.06 -2.72
N GLY B 260 -14.02 12.38 -3.63
CA GLY B 260 -12.75 11.73 -3.32
C GLY B 260 -12.93 10.49 -2.46
N GLY B 261 -14.15 10.02 -2.33
CA GLY B 261 -14.42 8.84 -1.55
C GLY B 261 -14.36 7.59 -2.40
N ARG B 262 -14.91 6.50 -1.85
CA ARG B 262 -14.83 5.17 -2.44
C ARG B 262 -16.17 4.49 -2.32
N VAL B 263 -16.56 3.76 -3.36
CA VAL B 263 -17.70 2.88 -3.32
C VAL B 263 -17.31 1.44 -3.62
N SER B 264 -17.77 0.53 -2.78
CA SER B 264 -17.43 -0.89 -2.87
C SER B 264 -18.73 -1.65 -3.02
N ALA B 265 -19.03 -2.09 -4.24
CA ALA B 265 -20.33 -2.73 -4.56
C ALA B 265 -20.21 -4.21 -4.46
N VAL B 266 -21.05 -4.80 -3.64
CA VAL B 266 -20.93 -6.21 -3.32
C VAL B 266 -22.25 -6.95 -3.55
N GLY B 267 -23.31 -6.21 -3.86
CA GLY B 267 -24.63 -6.81 -4.10
C GLY B 267 -24.75 -7.34 -5.51
N VAL B 268 -25.46 -8.45 -5.63
CA VAL B 268 -25.76 -9.12 -6.89
C VAL B 268 -27.05 -8.64 -7.55
N ASP B 269 -27.02 -8.50 -8.87
CA ASP B 269 -28.20 -8.13 -9.65
C ASP B 269 -28.00 -8.53 -11.12
N ASN B 270 -29.10 -8.66 -11.85
CA ASN B 270 -29.12 -9.11 -13.26
C ASN B 270 -29.01 -8.01 -14.32
N ALA B 271 -29.42 -6.81 -13.95
CA ALA B 271 -29.45 -5.70 -14.90
C ALA B 271 -28.09 -5.63 -15.58
N PRO B 272 -28.09 -5.35 -16.90
CA PRO B 272 -26.82 -5.41 -17.59
C PRO B 272 -25.97 -4.17 -17.35
N SER B 273 -26.59 -3.09 -16.89
CA SER B 273 -25.86 -1.85 -16.72
C SER B 273 -26.50 -0.88 -15.73
N PHE B 274 -25.75 0.17 -15.40
CA PHE B 274 -26.30 1.34 -14.66
C PHE B 274 -25.57 2.64 -14.99
N PRO B 275 -26.20 3.79 -14.77
CA PRO B 275 -25.59 5.05 -15.23
C PRO B 275 -24.58 5.61 -14.27
N PHE B 276 -23.32 5.55 -14.67
CA PHE B 276 -22.24 6.06 -13.88
C PHE B 276 -22.02 7.53 -14.21
N PRO B 277 -21.94 8.38 -13.20
CA PRO B 277 -21.76 9.79 -13.48
C PRO B 277 -20.44 10.09 -14.13
N LEU B 278 -20.45 10.90 -15.18
CA LEU B 278 -19.27 11.21 -15.96
C LEU B 278 -18.75 12.59 -15.63
N ALA B 279 -19.43 13.64 -16.10
CA ALA B 279 -19.00 15.01 -15.86
C ALA B 279 -18.92 15.28 -14.38
N SER B 280 -20.00 14.92 -13.69
CA SER B 280 -20.00 15.07 -12.21
C SER B 280 -19.00 14.10 -11.54
N GLY B 281 -18.82 12.92 -12.13
CA GLY B 281 -17.80 11.94 -11.72
C GLY B 281 -16.38 12.50 -11.76
N LEU B 282 -16.06 13.23 -12.82
CA LEU B 282 -14.74 13.89 -12.90
C LEU B 282 -14.49 14.88 -11.76
N VAL B 283 -15.50 15.71 -11.52
CA VAL B 283 -15.45 16.73 -10.47
C VAL B 283 -15.26 16.03 -9.13
N LYS B 284 -16.03 14.96 -8.95
CA LYS B 284 -16.14 14.27 -7.65
C LYS B 284 -14.95 13.37 -7.31
N ASP B 285 -14.23 12.90 -8.32
CA ASP B 285 -13.07 12.01 -8.11
C ASP B 285 -13.45 10.72 -7.38
N LEU B 286 -14.22 9.87 -8.05
CA LEU B 286 -14.78 8.69 -7.45
C LEU B 286 -13.90 7.49 -7.72
N THR B 287 -13.71 6.63 -6.72
CA THR B 287 -13.18 5.28 -6.91
C THR B 287 -14.25 4.20 -6.68
N PHE B 288 -14.50 3.34 -7.68
CA PHE B 288 -15.58 2.34 -7.63
C PHE B 288 -15.05 0.95 -7.88
N ARG B 289 -15.55 -0.04 -7.13
CA ARG B 289 -15.18 -1.47 -7.32
C ARG B 289 -16.44 -2.30 -7.25
N ILE B 290 -16.54 -3.29 -8.12
CA ILE B 290 -17.69 -4.18 -8.10
C ILE B 290 -17.17 -5.56 -8.39
N GLY B 291 -17.65 -6.56 -7.67
CA GLY B 291 -17.08 -7.87 -7.77
C GLY B 291 -17.64 -8.85 -6.78
N LEU B 292 -17.38 -10.13 -7.05
CA LEU B 292 -17.78 -11.23 -6.18
C LEU B 292 -16.64 -11.49 -5.22
N ALA B 293 -16.96 -12.03 -4.06
CA ALA B 293 -16.02 -12.12 -2.95
C ALA B 293 -14.82 -12.92 -3.29
N ASN B 294 -13.70 -12.51 -2.73
CA ASN B 294 -12.46 -13.22 -2.89
C ASN B 294 -12.06 -13.71 -1.49
N VAL B 295 -12.88 -14.60 -0.96
CA VAL B 295 -12.83 -15.06 0.42
C VAL B 295 -11.45 -15.53 0.86
N HIS B 296 -10.74 -16.20 -0.02
CA HIS B 296 -9.44 -16.77 0.35
C HIS B 296 -8.49 -15.71 0.77
N LEU B 297 -8.60 -14.53 0.17
CA LEU B 297 -7.68 -13.45 0.50
C LEU B 297 -7.81 -12.97 1.97
N TYR B 298 -9.04 -13.06 2.51
CA TYR B 298 -9.41 -12.51 3.82
C TYR B 298 -9.61 -13.51 4.96
N ILE B 299 -9.83 -14.77 4.63
CA ILE B 299 -10.29 -15.75 5.59
C ILE B 299 -9.35 -15.92 6.79
N ASP B 300 -8.05 -15.80 6.61
CA ASP B 300 -7.12 -15.97 7.75
C ASP B 300 -7.27 -14.87 8.83
N ALA B 301 -7.36 -13.64 8.38
CA ALA B 301 -7.59 -12.54 9.28
C ALA B 301 -8.97 -12.63 9.92
N VAL B 302 -9.99 -12.98 9.13
CA VAL B 302 -11.31 -13.10 9.67
C VAL B 302 -11.33 -14.16 10.79
N LEU B 303 -10.76 -15.31 10.55
CA LEU B 303 -10.62 -16.28 11.60
C LEU B 303 -9.93 -15.77 12.86
N ALA B 304 -8.80 -15.08 12.72
CA ALA B 304 -8.11 -14.59 13.89
C ALA B 304 -9.02 -13.63 14.71
N LEU B 305 -9.86 -12.87 14.02
CA LEU B 305 -10.78 -11.97 14.70
C LEU B 305 -11.89 -12.73 15.39
N LEU B 306 -12.31 -13.83 14.79
CA LEU B 306 -13.40 -14.63 15.32
C LEU B 306 -12.93 -15.33 16.59
N ALA B 307 -11.78 -15.95 16.48
CA ALA B 307 -11.21 -16.70 17.58
C ALA B 307 -10.92 -15.81 18.78
N SER B 308 -10.73 -14.51 18.58
CA SER B 308 -10.37 -13.64 19.69
C SER B 308 -11.57 -12.93 20.23
N GLY B 309 -12.73 -13.27 19.72
CA GLY B 309 -13.99 -12.65 20.16
C GLY B 309 -14.34 -11.28 19.62
N ARG B 310 -13.47 -10.68 18.81
CA ARG B 310 -13.71 -9.31 18.31
C ARG B 310 -14.97 -9.24 17.41
N LEU B 311 -15.30 -10.36 16.77
CA LEU B 311 -16.52 -10.49 15.99
C LEU B 311 -17.36 -11.71 16.39
N GLN B 312 -18.67 -11.54 16.39
CA GLN B 312 -19.59 -12.54 16.91
C GLN B 312 -20.76 -12.68 15.96
N PRO B 313 -20.48 -13.16 14.76
CA PRO B 313 -21.52 -13.17 13.73
C PRO B 313 -22.69 -14.10 14.02
N GLU B 314 -22.47 -15.14 14.82
CA GLU B 314 -23.51 -16.12 15.17
C GLU B 314 -24.73 -15.51 15.86
N ARG B 315 -24.55 -14.34 16.47
CA ARG B 315 -25.66 -13.62 17.05
C ARG B 315 -26.82 -13.38 16.10
N ILE B 316 -26.59 -13.43 14.80
CA ILE B 316 -27.71 -13.22 13.85
C ILE B 316 -28.51 -14.50 13.53
N VAL B 317 -28.00 -15.65 13.99
CA VAL B 317 -28.69 -16.92 13.76
C VAL B 317 -29.99 -16.91 14.53
N SER B 318 -31.12 -16.96 13.81
CA SER B 318 -32.44 -17.04 14.44
C SER B 318 -32.89 -18.50 14.67
N HIS B 319 -32.45 -19.43 13.82
CA HIS B 319 -32.92 -20.83 13.87
C HIS B 319 -31.81 -21.83 13.69
N TYR B 320 -31.63 -22.71 14.66
CA TYR B 320 -30.83 -23.91 14.47
C TYR B 320 -31.83 -25.05 14.27
N LEU B 321 -31.86 -25.64 13.07
CA LEU B 321 -32.77 -26.76 12.78
C LEU B 321 -32.00 -28.04 12.51
N PRO B 322 -32.60 -29.21 12.75
CA PRO B 322 -31.98 -30.44 12.25
C PRO B 322 -32.02 -30.49 10.71
N LEU B 323 -31.08 -31.23 10.13
CA LEU B 323 -30.98 -31.33 8.67
C LEU B 323 -32.34 -31.66 8.05
N GLU B 324 -33.02 -32.64 8.63
CA GLU B 324 -34.31 -33.12 8.10
C GLU B 324 -35.40 -32.01 8.04
N GLU B 325 -35.26 -30.96 8.85
CA GLU B 325 -36.22 -29.85 8.83
C GLU B 325 -35.83 -28.70 7.87
N ALA B 326 -34.86 -28.98 7.01
CA ALA B 326 -34.41 -28.05 5.96
C ALA B 326 -35.54 -27.41 5.09
N PRO B 327 -36.50 -28.23 4.62
CA PRO B 327 -37.59 -27.58 3.83
C PRO B 327 -38.35 -26.47 4.62
N ARG B 328 -38.60 -26.72 5.92
CA ARG B 328 -39.16 -25.70 6.81
C ARG B 328 -38.21 -24.50 6.92
N GLY B 329 -36.90 -24.78 7.05
CA GLY B 329 -35.86 -23.75 7.06
C GLY B 329 -35.91 -22.85 5.83
N TYR B 330 -35.98 -23.47 4.65
CA TYR B 330 -36.08 -22.73 3.40
C TYR B 330 -37.37 -21.84 3.34
N GLU B 331 -38.51 -22.43 3.73
CA GLU B 331 -39.79 -21.69 3.77
C GLU B 331 -39.71 -20.47 4.71
N LEU B 332 -39.21 -20.71 5.92
CA LEU B 332 -39.01 -19.65 6.91
C LEU B 332 -38.14 -18.53 6.35
N PHE B 333 -36.97 -18.90 5.83
CA PHE B 333 -36.02 -17.90 5.34
C PHE B 333 -36.57 -17.17 4.12
N ASP B 334 -37.25 -17.92 3.25
CA ASP B 334 -37.87 -17.32 2.07
C ASP B 334 -38.99 -16.36 2.45
N ARG B 335 -39.85 -16.79 3.36
CA ARG B 335 -40.94 -15.95 3.89
C ARG B 335 -40.45 -14.78 4.78
N LYS B 336 -39.15 -14.69 5.02
CA LYS B 336 -38.54 -13.63 5.83
C LYS B 336 -38.92 -13.76 7.33
N GLU B 337 -39.29 -14.98 7.75
CA GLU B 337 -39.56 -15.29 9.16
C GLU B 337 -38.30 -15.66 9.95
N ALA B 338 -37.34 -16.29 9.28
CA ALA B 338 -35.99 -16.47 9.83
C ALA B 338 -35.06 -15.45 9.25
N LEU B 339 -34.09 -15.03 10.06
CA LEU B 339 -33.06 -14.09 9.64
C LEU B 339 -31.86 -14.86 9.07
N LYS B 340 -31.46 -15.90 9.78
CA LYS B 340 -30.42 -16.77 9.32
C LYS B 340 -30.68 -18.14 9.90
N VAL B 341 -30.67 -19.14 9.01
CA VAL B 341 -30.89 -20.51 9.41
C VAL B 341 -29.60 -21.31 9.30
N LEU B 342 -29.31 -22.05 10.35
CA LEU B 342 -28.19 -22.99 10.39
C LEU B 342 -28.71 -24.41 10.60
N LEU B 343 -28.26 -25.34 9.77
CA LEU B 343 -28.75 -26.73 9.82
C LEU B 343 -27.81 -27.60 10.63
N VAL B 344 -28.34 -28.24 11.65
CA VAL B 344 -27.53 -29.15 12.43
C VAL B 344 -27.58 -30.48 11.75
N VAL B 345 -26.43 -30.96 11.33
CA VAL B 345 -26.24 -32.32 10.84
C VAL B 345 -25.40 -32.97 11.97
N ARG B 346 -25.30 -34.28 12.02
CA ARG B 346 -24.57 -34.91 13.16
C ARG B 346 -25.24 -34.61 14.55
N MET C 1 1.16 43.32 -19.83
CA MET C 1 -0.33 43.27 -19.83
C MET C 1 -0.91 42.72 -21.21
N ARG C 2 -0.06 42.06 -22.01
CA ARG C 2 -0.53 41.26 -23.13
C ARG C 2 -1.08 39.92 -22.62
N ALA C 3 -2.20 39.48 -23.18
CA ALA C 3 -2.84 38.25 -22.73
C ALA C 3 -3.83 37.71 -23.76
N VAL C 4 -3.90 36.40 -23.88
CA VAL C 4 -4.83 35.78 -24.78
C VAL C 4 -6.18 35.75 -24.11
N VAL C 5 -7.25 36.16 -24.81
CA VAL C 5 -8.61 36.15 -24.24
C VAL C 5 -9.61 35.50 -25.19
N PHE C 6 -10.67 34.95 -24.61
CA PHE C 6 -11.78 34.35 -25.33
C PHE C 6 -12.68 35.47 -25.85
N GLU C 7 -13.19 35.36 -27.08
CA GLU C 7 -14.20 36.33 -27.59
C GLU C 7 -15.56 35.66 -27.88
N ASN C 8 -15.56 34.56 -28.63
CA ASN C 8 -16.77 33.74 -28.88
C ASN C 8 -16.31 32.32 -29.28
N LYS C 9 -17.26 31.39 -29.44
CA LYS C 9 -16.97 30.03 -29.91
C LYS C 9 -15.99 30.04 -31.10
N GLU C 10 -14.79 29.49 -30.87
CA GLU C 10 -13.72 29.33 -31.88
C GLU C 10 -13.06 30.62 -32.34
N ARG C 11 -13.25 31.69 -31.57
CA ARG C 11 -12.61 32.98 -31.81
C ARG C 11 -11.87 33.42 -30.53
N VAL C 12 -10.61 33.78 -30.70
CA VAL C 12 -9.71 34.05 -29.60
C VAL C 12 -8.74 35.10 -30.11
N ALA C 13 -8.28 36.01 -29.23
CA ALA C 13 -7.45 37.14 -29.65
C ALA C 13 -6.61 37.65 -28.53
N VAL C 14 -5.45 38.23 -28.84
CA VAL C 14 -4.56 38.73 -27.77
C VAL C 14 -4.73 40.26 -27.57
N LYS C 15 -5.21 40.64 -26.37
CA LYS C 15 -5.59 42.02 -26.05
C LYS C 15 -4.70 42.56 -24.94
N GLU C 16 -4.74 43.88 -24.73
CA GLU C 16 -4.20 44.47 -23.49
C GLU C 16 -5.25 44.31 -22.41
N VAL C 17 -4.80 43.84 -21.24
CA VAL C 17 -5.65 43.66 -20.08
C VAL C 17 -4.85 44.07 -18.85
N ASN C 18 -5.54 44.40 -17.75
CA ASN C 18 -4.85 44.77 -16.49
C ASN C 18 -3.94 43.69 -15.91
N ALA C 19 -2.68 44.05 -15.64
CA ALA C 19 -1.77 43.17 -14.90
C ALA C 19 -2.29 43.04 -13.47
N PRO C 20 -2.33 41.81 -12.94
CA PRO C 20 -2.84 41.64 -11.58
C PRO C 20 -1.81 42.06 -10.56
N ARG C 21 -2.27 42.36 -9.35
CA ARG C 21 -1.41 42.79 -8.24
C ARG C 21 -1.52 41.77 -7.08
N LEU C 22 -0.53 41.80 -6.18
CA LEU C 22 -0.59 41.04 -4.91
C LEU C 22 -1.83 41.49 -4.12
N GLN C 23 -2.61 40.55 -3.62
CA GLN C 23 -3.80 40.88 -2.82
C GLN C 23 -3.86 40.22 -1.44
N HIS C 24 -2.90 39.33 -1.16
CA HIS C 24 -2.94 38.48 0.03
C HIS C 24 -1.50 38.12 0.36
N PRO C 25 -1.17 37.89 1.65
CA PRO C 25 0.27 37.68 1.98
C PRO C 25 0.93 36.40 1.44
N LEU C 26 0.14 35.51 0.86
CA LEU C 26 0.68 34.25 0.30
C LEU C 26 0.66 34.24 -1.22
N ASP C 27 0.27 35.37 -1.81
CA ASP C 27 0.23 35.53 -3.26
C ASP C 27 1.65 35.54 -3.78
N ALA C 28 1.82 35.14 -5.03
CA ALA C 28 3.01 35.46 -5.82
C ALA C 28 2.58 35.88 -7.20
N LEU C 29 3.38 36.75 -7.82
CA LEU C 29 3.20 37.14 -9.21
C LEU C 29 4.29 36.48 -10.01
N VAL C 30 3.91 35.94 -11.16
CA VAL C 30 4.85 35.20 -11.96
C VAL C 30 4.98 35.83 -13.34
N ARG C 31 6.23 36.11 -13.73
CA ARG C 31 6.51 36.55 -15.08
C ARG C 31 6.50 35.32 -15.94
N VAL C 32 5.36 35.00 -16.54
CA VAL C 32 5.32 33.86 -17.45
C VAL C 32 6.36 33.96 -18.59
N HIS C 33 7.05 32.85 -18.82
CA HIS C 33 8.01 32.70 -19.89
C HIS C 33 7.44 31.85 -21.02
N LEU C 34 6.83 30.73 -20.66
CA LEU C 34 6.18 29.83 -21.61
C LEU C 34 4.80 29.54 -21.11
N ALA C 35 3.90 29.25 -22.03
CA ALA C 35 2.54 29.00 -21.69
C ALA C 35 2.00 28.02 -22.69
N GLY C 36 1.28 27.01 -22.21
CA GLY C 36 0.86 25.92 -23.08
C GLY C 36 -0.55 26.07 -23.53
N ILE C 37 -0.87 25.41 -24.64
CA ILE C 37 -2.25 25.20 -25.04
C ILE C 37 -2.54 23.73 -24.86
N CYS C 38 -3.55 23.46 -24.05
CA CYS C 38 -3.87 22.12 -23.60
C CYS C 38 -5.11 21.61 -24.34
N GLY C 39 -5.26 20.28 -24.37
CA GLY C 39 -6.45 19.68 -24.94
C GLY C 39 -7.68 20.16 -24.21
N SER C 40 -7.54 20.41 -22.91
CA SER C 40 -8.65 20.95 -22.15
C SER C 40 -9.08 22.31 -22.70
N ASP C 41 -8.11 23.11 -23.15
CA ASP C 41 -8.41 24.41 -23.74
C ASP C 41 -9.31 24.29 -24.97
N LEU C 42 -9.28 23.15 -25.67
CA LEU C 42 -10.18 22.96 -26.82
C LEU C 42 -11.64 22.84 -26.41
N HIS C 43 -11.90 22.32 -25.22
CA HIS C 43 -13.27 22.30 -24.73
C HIS C 43 -13.78 23.72 -24.46
N LEU C 44 -12.89 24.60 -24.01
CA LEU C 44 -13.22 26.02 -23.91
C LEU C 44 -13.51 26.61 -25.30
N TYR C 45 -12.57 26.41 -26.23
CA TYR C 45 -12.61 26.93 -27.61
C TYR C 45 -13.89 26.59 -28.32
N HIS C 46 -14.34 25.36 -28.17
CA HIS C 46 -15.65 24.97 -28.69
C HIS C 46 -16.72 25.36 -27.63
N GLY C 47 -18.00 25.34 -27.95
CA GLY C 47 -19.00 25.81 -26.97
C GLY C 47 -19.32 24.76 -25.91
N LYS C 48 -18.33 24.48 -25.07
CA LYS C 48 -18.29 23.20 -24.36
C LYS C 48 -18.25 23.38 -22.87
N ILE C 49 -17.31 24.21 -22.46
CA ILE C 49 -17.15 24.69 -21.10
C ILE C 49 -17.42 26.20 -21.13
N PRO C 50 -18.28 26.68 -20.20
CA PRO C 50 -18.66 28.08 -20.31
C PRO C 50 -17.49 29.01 -19.94
N VAL C 51 -17.27 30.02 -20.79
CA VAL C 51 -16.32 31.12 -20.55
C VAL C 51 -16.89 32.49 -20.91
N LEU C 52 -16.61 33.49 -20.08
CA LEU C 52 -17.09 34.85 -20.34
C LEU C 52 -16.12 35.53 -21.28
N PRO C 53 -16.63 36.18 -22.34
CA PRO C 53 -15.76 36.97 -23.22
C PRO C 53 -14.87 37.96 -22.46
N GLY C 54 -13.63 38.08 -22.89
CA GLY C 54 -12.68 38.91 -22.19
C GLY C 54 -11.98 38.23 -21.05
N SER C 55 -12.26 36.92 -20.83
CA SER C 55 -11.51 36.11 -19.86
C SER C 55 -10.17 35.66 -20.44
N VAL C 56 -9.11 35.80 -19.66
CA VAL C 56 -7.77 35.31 -20.04
C VAL C 56 -7.74 33.79 -19.93
N LEU C 57 -7.24 33.12 -20.97
CA LEU C 57 -7.21 31.66 -21.03
C LEU C 57 -5.87 31.06 -20.63
N GLY C 58 -5.90 29.74 -20.40
CA GLY C 58 -4.67 28.95 -20.17
C GLY C 58 -4.36 28.61 -18.72
N HIS C 59 -3.81 27.41 -18.51
CA HIS C 59 -3.43 26.95 -17.19
C HIS C 59 -2.08 26.26 -17.13
N GLU C 60 -1.31 26.33 -18.21
CA GLU C 60 0.01 25.73 -18.25
C GLU C 60 1.08 26.81 -18.35
N PHE C 61 2.07 26.76 -17.49
CA PHE C 61 3.04 27.82 -17.44
C PHE C 61 4.33 27.41 -16.79
N VAL C 62 5.38 28.14 -17.14
CA VAL C 62 6.61 28.16 -16.37
C VAL C 62 7.08 29.60 -16.48
N GLY C 63 7.77 30.11 -15.47
CA GLY C 63 8.24 31.46 -15.49
C GLY C 63 9.12 31.82 -14.33
N GLN C 64 9.22 33.12 -14.07
CA GLN C 64 10.03 33.63 -12.98
C GLN C 64 9.17 34.48 -12.08
N VAL C 65 9.58 34.54 -10.83
CA VAL C 65 8.80 35.20 -9.78
C VAL C 65 9.02 36.70 -9.93
N GLU C 66 7.95 37.48 -9.96
CA GLU C 66 8.09 38.95 -9.96
C GLU C 66 8.15 39.46 -8.52
N ALA C 67 7.20 38.99 -7.72
CA ALA C 67 7.02 39.47 -6.37
C ALA C 67 6.26 38.45 -5.52
N VAL C 68 6.40 38.57 -4.20
CA VAL C 68 5.78 37.64 -3.26
C VAL C 68 5.18 38.38 -2.09
N GLY C 69 4.10 37.84 -1.54
CA GLY C 69 3.47 38.41 -0.36
C GLY C 69 4.40 38.33 0.85
N GLU C 70 4.05 39.08 1.90
CA GLU C 70 4.90 39.17 3.08
C GLU C 70 5.07 37.79 3.79
N GLY C 71 4.21 36.82 3.45
CA GLY C 71 4.24 35.50 4.10
C GLY C 71 5.07 34.40 3.46
N ILE C 72 5.80 34.70 2.39
CA ILE C 72 6.40 33.63 1.58
C ILE C 72 7.85 33.24 1.93
N ASP C 74 10.34 31.57 1.11
CA ASP C 74 10.93 30.43 0.33
C ASP C 74 11.07 30.64 -1.21
N LEU C 75 10.55 31.77 -1.69
CA LEU C 75 10.62 32.21 -3.08
C LEU C 75 11.04 33.68 -3.13
N GLN C 76 12.00 34.00 -3.98
CA GLN C 76 12.41 35.40 -4.20
C GLN C 76 12.20 35.73 -5.69
N PRO C 77 12.21 37.03 -6.04
CA PRO C 77 12.00 37.47 -7.42
C PRO C 77 12.76 36.77 -8.55
N GLY C 78 14.02 36.43 -8.36
CA GLY C 78 14.72 35.74 -9.48
C GLY C 78 14.19 34.39 -9.93
N ASP C 79 13.47 33.70 -9.04
CA ASP C 79 13.34 32.24 -9.05
C ASP C 79 12.49 31.69 -10.17
N TRP C 80 13.01 30.66 -10.82
CA TRP C 80 12.25 29.93 -11.81
C TRP C 80 11.28 28.97 -11.15
N VAL C 81 10.03 29.04 -11.56
CA VAL C 81 9.02 28.20 -10.95
C VAL C 81 8.02 27.61 -11.93
N VAL C 82 7.29 26.62 -11.43
CA VAL C 82 6.17 26.02 -12.17
C VAL C 82 5.13 25.68 -11.14
N GLY C 83 3.91 25.46 -11.58
CA GLY C 83 2.83 25.24 -10.64
C GLY C 83 1.74 24.39 -11.28
N PRO C 84 0.97 23.66 -10.44
CA PRO C 84 -0.16 22.90 -10.95
C PRO C 84 -1.17 23.81 -11.64
N PHE C 85 -1.88 23.24 -12.60
CA PHE C 85 -2.94 23.94 -13.29
C PHE C 85 -4.13 24.25 -12.44
N HIS C 86 -4.22 23.68 -11.25
CA HIS C 86 -5.40 23.88 -10.39
C HIS C 86 -4.90 24.28 -9.04
N ILE C 87 -5.67 25.09 -8.34
CA ILE C 87 -5.14 25.74 -7.16
C ILE C 87 -5.72 25.11 -5.91
N ALA C 88 -5.08 25.34 -4.79
CA ALA C 88 -5.47 24.69 -3.54
C ALA C 88 -5.02 25.53 -2.37
N CYS C 89 -5.82 25.51 -1.32
CA CYS C 89 -5.61 26.40 -0.17
C CYS C 89 -4.67 25.85 0.91
N GLY C 90 -4.64 24.54 1.03
CA GLY C 90 -3.72 23.87 1.96
C GLY C 90 -4.26 23.63 3.35
N THR C 91 -5.43 24.18 3.66
CA THR C 91 -5.96 24.11 5.03
C THR C 91 -7.40 23.64 5.16
N CYS C 92 -8.14 23.57 4.06
CA CYS C 92 -9.46 22.96 4.07
C CYS C 92 -9.33 21.42 4.31
N PRO C 93 -10.46 20.78 4.71
CA PRO C 93 -10.42 19.34 4.99
C PRO C 93 -9.89 18.50 3.83
N TYR C 94 -10.25 18.87 2.62
CA TYR C 94 -9.75 18.12 1.46
C TYR C 94 -8.24 18.30 1.23
N CYS C 95 -7.75 19.50 1.47
CA CYS C 95 -6.30 19.73 1.40
C CYS C 95 -5.56 18.94 2.49
N ARG C 96 -6.17 18.79 3.66
CA ARG C 96 -5.50 18.07 4.77
C ARG C 96 -5.46 16.55 4.54
N ARG C 97 -6.43 16.04 3.77
CA ARG C 97 -6.41 14.67 3.25
C ARG C 97 -5.51 14.49 2.03
N HIS C 98 -4.72 15.53 1.68
CA HIS C 98 -3.89 15.57 0.44
C HIS C 98 -4.65 15.31 -0.85
N GLN C 99 -5.92 15.70 -0.87
CA GLN C 99 -6.75 15.66 -2.07
C GLN C 99 -6.97 17.10 -2.53
N TYR C 100 -5.87 17.69 -2.99
CA TYR C 100 -5.82 19.08 -3.38
C TYR C 100 -6.76 19.42 -4.53
N ASN C 101 -6.94 18.49 -5.45
CA ASN C 101 -7.94 18.67 -6.50
C ASN C 101 -9.37 18.84 -6.01
N LEU C 102 -9.64 18.55 -4.73
CA LEU C 102 -10.99 18.71 -4.19
C LEU C 102 -11.07 19.91 -3.27
N CYS C 103 -10.04 20.75 -3.29
CA CYS C 103 -9.96 21.88 -2.37
C CYS C 103 -11.26 22.65 -2.42
N GLU C 104 -11.72 23.11 -1.28
CA GLU C 104 -13.00 23.83 -1.20
C GLU C 104 -12.92 25.26 -1.75
N ARG C 105 -11.72 25.83 -1.73
CA ARG C 105 -11.40 27.09 -2.40
C ARG C 105 -10.68 26.81 -3.74
N GLY C 106 -10.99 25.68 -4.36
CA GLY C 106 -10.23 25.22 -5.48
C GLY C 106 -10.67 25.85 -6.77
N GLY C 107 -9.80 25.80 -7.77
CA GLY C 107 -10.13 26.21 -9.12
C GLY C 107 -9.04 25.89 -10.14
N VAL C 108 -9.35 26.17 -11.41
CA VAL C 108 -8.40 25.99 -12.52
C VAL C 108 -8.16 27.30 -13.23
N TYR C 109 -6.90 27.67 -13.41
CA TYR C 109 -6.60 28.93 -14.05
C TYR C 109 -7.30 28.95 -15.42
N GLY C 110 -7.78 30.13 -15.81
CA GLY C 110 -8.31 30.40 -17.15
C GLY C 110 -9.39 29.44 -17.61
N TYR C 111 -10.18 28.91 -16.68
CA TYR C 111 -11.14 27.89 -17.05
C TYR C 111 -12.61 28.28 -16.83
N GLY C 112 -12.86 29.58 -16.69
CA GLY C 112 -14.21 30.11 -16.57
C GLY C 112 -14.82 29.97 -15.20
N PRO C 113 -16.05 30.44 -15.05
CA PRO C 113 -16.63 30.62 -13.73
C PRO C 113 -17.05 29.33 -13.05
N MET C 114 -17.11 28.22 -13.77
CA MET C 114 -17.46 26.97 -13.11
C MET C 114 -16.26 26.35 -12.39
N PHE C 115 -15.08 26.94 -12.59
CA PHE C 115 -13.86 26.43 -12.02
C PHE C 115 -13.05 27.56 -11.39
N GLY C 116 -13.72 28.38 -10.58
CA GLY C 116 -13.04 29.30 -9.67
C GLY C 116 -12.87 30.68 -10.26
N ASN C 117 -13.24 30.83 -11.51
CA ASN C 117 -13.26 32.13 -12.13
C ASN C 117 -11.89 32.81 -12.04
N LEU C 118 -10.86 32.12 -12.53
CA LEU C 118 -9.48 32.55 -12.40
C LEU C 118 -8.93 33.08 -13.70
N GLN C 119 -8.14 34.14 -13.61
CA GLN C 119 -7.47 34.65 -14.77
C GLN C 119 -6.39 33.63 -15.20
N GLY C 120 -6.39 33.31 -16.48
CA GLY C 120 -5.52 32.30 -17.04
C GLY C 120 -4.05 32.65 -17.16
N ALA C 121 -3.30 31.73 -17.78
CA ALA C 121 -1.83 31.71 -17.78
C ALA C 121 -1.19 32.10 -19.10
N GLN C 122 -2.00 32.18 -20.15
CA GLN C 122 -1.54 32.65 -21.47
C GLN C 122 -1.48 34.19 -21.43
N ALA C 123 -0.47 34.69 -20.73
CA ALA C 123 -0.43 36.08 -20.34
C ALA C 123 0.93 36.37 -19.73
N GLU C 124 1.33 37.63 -19.69
CA GLU C 124 2.69 37.95 -19.27
C GLU C 124 2.88 37.80 -17.78
N ILE C 125 1.81 38.00 -17.03
CA ILE C 125 1.86 37.92 -15.57
C ILE C 125 0.72 37.05 -15.07
N LEU C 126 1.03 36.22 -14.08
CA LEU C 126 0.03 35.36 -13.41
C LEU C 126 0.05 35.56 -11.91
N ARG C 127 -1.12 35.79 -11.33
CA ARG C 127 -1.29 35.81 -9.87
C ARG C 127 -1.55 34.39 -9.42
N VAL C 128 -0.68 33.91 -8.53
CA VAL C 128 -0.77 32.56 -7.98
C VAL C 128 -1.05 32.67 -6.49
N PRO C 129 -2.32 32.43 -6.08
CA PRO C 129 -2.64 32.44 -4.66
C PRO C 129 -1.96 31.29 -3.90
N PHE C 130 -1.83 31.44 -2.59
CA PHE C 130 -1.27 30.34 -1.78
C PHE C 130 -0.05 29.72 -2.52
N SER C 131 0.86 30.59 -2.95
CA SER C 131 2.04 30.13 -3.69
C SER C 131 2.91 29.12 -2.91
N ASN C 132 2.81 29.19 -1.58
CA ASN C 132 3.43 28.19 -0.69
C ASN C 132 2.96 26.77 -1.03
N VAL C 133 1.72 26.64 -1.47
CA VAL C 133 1.14 25.39 -1.88
C VAL C 133 1.24 25.22 -3.37
N ASN C 134 0.89 26.26 -4.13
CA ASN C 134 0.73 26.13 -5.60
C ASN C 134 1.96 26.36 -6.55
N LEU C 135 3.17 26.54 -6.00
CA LEU C 135 4.41 26.66 -6.81
C LEU C 135 5.59 25.78 -6.38
N ARG C 136 6.45 25.45 -7.33
CA ARG C 136 7.72 24.81 -7.04
C ARG C 136 8.87 25.46 -7.77
N LYS C 137 9.92 25.81 -7.02
CA LYS C 137 11.22 26.15 -7.57
C LYS C 137 11.64 25.05 -8.52
N LEU C 138 12.18 25.41 -9.67
CA LEU C 138 12.80 24.41 -10.54
C LEU C 138 14.10 23.94 -9.91
N PRO C 139 14.39 22.64 -10.02
CA PRO C 139 15.76 22.23 -9.71
C PRO C 139 16.78 22.90 -10.64
N PRO C 140 17.99 23.16 -10.14
CA PRO C 140 18.93 24.07 -10.82
C PRO C 140 19.23 23.76 -12.30
N ASN C 141 19.18 22.50 -12.72
CA ASN C 141 19.62 22.09 -14.07
C ASN C 141 18.49 21.61 -15.01
N LEU C 142 17.33 22.25 -14.91
CA LEU C 142 16.15 21.79 -15.62
C LEU C 142 15.61 22.91 -16.49
N SER C 143 15.46 22.62 -17.77
CA SER C 143 15.03 23.61 -18.73
C SER C 143 13.54 23.92 -18.54
N PRO C 144 13.15 25.21 -18.70
CA PRO C 144 11.75 25.62 -18.55
C PRO C 144 10.82 24.89 -19.48
N GLU C 145 11.29 24.59 -20.69
CA GLU C 145 10.45 23.92 -21.65
C GLU C 145 10.20 22.46 -21.26
N ARG C 146 11.10 21.88 -20.46
CA ARG C 146 10.86 20.56 -19.88
C ARG C 146 9.91 20.67 -18.68
N ALA C 147 10.25 21.59 -17.79
CA ALA C 147 9.56 21.77 -16.53
C ALA C 147 8.08 22.03 -16.67
N ILE C 148 7.70 22.77 -17.67
CA ILE C 148 6.31 23.16 -17.78
C ILE C 148 5.32 21.98 -17.73
N PHE C 149 5.72 20.80 -18.22
CA PHE C 149 4.82 19.64 -18.28
C PHE C 149 4.44 19.04 -16.89
N ALA C 150 5.32 19.24 -15.92
CA ALA C 150 5.03 18.89 -14.52
C ALA C 150 3.74 19.49 -13.96
N GLY C 151 3.34 20.65 -14.46
CA GLY C 151 2.26 21.40 -13.87
C GLY C 151 0.92 20.92 -14.33
N ASP C 152 0.91 20.15 -15.41
CA ASP C 152 -0.36 19.69 -15.95
C ASP C 152 -0.24 18.30 -16.59
N ILE C 153 0.09 18.23 -17.87
CA ILE C 153 -0.19 16.98 -18.58
C ILE C 153 0.67 15.78 -18.14
N LEU C 154 1.89 16.03 -17.66
CA LEU C 154 2.74 14.92 -17.29
C LEU C 154 2.31 14.37 -15.94
N SER C 155 2.03 15.25 -15.00
CA SER C 155 1.57 14.84 -13.69
C SER C 155 0.19 14.22 -13.74
N THR C 156 -0.63 14.68 -14.67
CA THR C 156 -1.93 14.08 -14.91
C THR C 156 -1.75 12.59 -15.27
N ALA C 157 -0.92 12.34 -16.28
CA ALA C 157 -0.70 10.99 -16.75
C ALA C 157 -0.04 10.14 -15.66
N TYR C 158 1.00 10.68 -15.06
CA TYR C 158 1.68 10.04 -13.96
C TYR C 158 0.69 9.63 -12.87
N GLY C 159 -0.08 10.59 -12.41
CA GLY C 159 -1.10 10.37 -11.38
C GLY C 159 -2.12 9.32 -11.77
N GLY C 160 -2.55 9.37 -13.02
CA GLY C 160 -3.50 8.37 -13.49
C GLY C 160 -2.94 6.97 -13.32
N LEU C 161 -1.62 6.86 -13.53
CA LEU C 161 -0.96 5.57 -13.56
C LEU C 161 -0.70 5.08 -12.15
N ILE C 162 -0.24 5.96 -11.27
CA ILE C 162 0.01 5.59 -9.90
C ILE C 162 -1.31 5.17 -9.24
N GLN C 163 -2.37 5.92 -9.51
CA GLN C 163 -3.67 5.61 -8.92
C GLN C 163 -4.24 4.32 -9.50
N GLY C 164 -3.90 4.01 -10.72
CA GLY C 164 -4.32 2.77 -11.35
C GLY C 164 -3.45 1.59 -10.92
N GLN C 165 -2.49 1.89 -10.03
CA GLN C 165 -1.67 0.87 -9.34
C GLN C 165 -0.73 0.13 -10.25
N LEU C 166 -0.27 0.81 -11.29
CA LEU C 166 0.72 0.25 -12.22
C LEU C 166 1.90 -0.30 -11.48
N ARG C 167 2.17 -1.57 -11.67
CA ARG C 167 3.25 -2.27 -10.97
C ARG C 167 4.16 -2.87 -11.99
N PRO C 168 5.45 -2.97 -11.66
CA PRO C 168 6.36 -3.43 -12.71
C PRO C 168 5.93 -4.78 -13.24
N GLY C 169 6.13 -5.00 -14.54
CA GLY C 169 5.70 -6.21 -15.19
C GLY C 169 4.30 -6.14 -15.74
N ASP C 170 3.53 -5.14 -15.31
CA ASP C 170 2.13 -4.99 -15.76
C ASP C 170 2.10 -4.65 -17.23
N SER C 171 0.99 -4.96 -17.87
CA SER C 171 0.76 -4.50 -19.20
C SER C 171 -0.31 -3.39 -19.15
N VAL C 172 -0.17 -2.40 -20.05
CA VAL C 172 -0.95 -1.17 -19.98
C VAL C 172 -1.47 -0.79 -21.36
N ALA C 173 -2.75 -0.46 -21.45
CA ALA C 173 -3.32 0.11 -22.66
C ALA C 173 -3.63 1.58 -22.42
N VAL C 174 -3.18 2.45 -23.33
CA VAL C 174 -3.46 3.88 -23.25
C VAL C 174 -4.36 4.28 -24.40
N ILE C 175 -5.53 4.81 -24.10
CA ILE C 175 -6.49 5.18 -25.13
C ILE C 175 -6.37 6.69 -25.30
N GLY C 176 -5.95 7.09 -26.49
CA GLY C 176 -5.65 8.46 -26.79
C GLY C 176 -4.16 8.61 -26.85
N ALA C 177 -3.66 8.94 -28.04
CA ALA C 177 -2.24 9.25 -28.24
C ALA C 177 -1.98 10.74 -28.42
N GLY C 178 -2.88 11.58 -27.91
CA GLY C 178 -2.58 12.99 -27.75
C GLY C 178 -1.53 13.20 -26.69
N PRO C 179 -1.19 14.46 -26.40
CA PRO C 179 -0.14 14.83 -25.44
C PRO C 179 -0.17 14.09 -24.09
N VAL C 180 -1.37 13.94 -23.53
CA VAL C 180 -1.55 13.23 -22.26
C VAL C 180 -1.21 11.74 -22.42
N GLY C 181 -1.83 11.10 -23.39
CA GLY C 181 -1.49 9.72 -23.71
C GLY C 181 0.00 9.47 -23.96
N LEU C 182 0.66 10.42 -24.59
CA LEU C 182 2.07 10.27 -24.89
C LEU C 182 2.87 10.38 -23.62
N MET C 183 2.46 11.27 -22.72
CA MET C 183 3.10 11.32 -21.41
C MET C 183 2.93 9.95 -20.72
N ALA C 184 1.71 9.44 -20.74
CA ALA C 184 1.44 8.17 -20.11
C ALA C 184 2.37 7.10 -20.63
N ILE C 185 2.52 7.06 -21.95
CA ILE C 185 3.32 5.99 -22.56
C ILE C 185 4.75 6.05 -22.05
N GLU C 186 5.34 7.22 -22.08
CA GLU C 186 6.71 7.40 -21.64
C GLU C 186 6.82 6.98 -20.16
N VAL C 187 5.94 7.50 -19.32
CA VAL C 187 5.96 7.20 -17.87
C VAL C 187 5.80 5.69 -17.63
N ALA C 188 4.80 5.08 -18.25
CA ALA C 188 4.56 3.66 -18.09
C ALA C 188 5.85 2.89 -18.28
N GLN C 189 6.59 3.27 -19.33
CA GLN C 189 7.91 2.69 -19.60
C GLN C 189 8.78 2.79 -18.35
N VAL C 190 8.93 3.97 -17.83
CA VAL C 190 9.89 4.19 -16.75
C VAL C 190 9.43 3.64 -15.39
N LEU C 191 8.16 3.28 -15.30
CA LEU C 191 7.62 2.51 -14.18
C LEU C 191 7.56 1.00 -14.43
N GLY C 192 8.31 0.52 -15.42
CA GLY C 192 8.49 -0.90 -15.60
C GLY C 192 7.33 -1.69 -16.18
N ALA C 193 6.54 -1.10 -17.05
CA ALA C 193 5.54 -1.87 -17.79
C ALA C 193 6.23 -2.83 -18.72
N SER C 194 5.65 -4.02 -18.86
CA SER C 194 6.17 -5.11 -19.70
C SER C 194 5.69 -4.97 -21.13
N LYS C 195 4.62 -4.24 -21.31
CA LYS C 195 4.06 -4.00 -22.62
C LYS C 195 3.08 -2.84 -22.51
N ILE C 196 3.12 -1.94 -23.50
CA ILE C 196 2.27 -0.74 -23.57
C ILE C 196 1.59 -0.70 -24.92
N LEU C 197 0.29 -0.46 -24.94
CA LEU C 197 -0.49 -0.44 -26.17
C LEU C 197 -1.11 0.93 -26.32
N ALA C 198 -1.02 1.52 -27.51
CA ALA C 198 -1.55 2.87 -27.75
C ALA C 198 -2.64 2.81 -28.79
N ILE C 199 -3.81 3.30 -28.44
CA ILE C 199 -4.98 3.28 -29.32
C ILE C 199 -5.34 4.72 -29.67
N ASP C 200 -5.37 5.02 -30.95
CA ASP C 200 -5.77 6.33 -31.43
C ASP C 200 -6.24 6.11 -32.87
N ARG C 201 -6.53 7.19 -33.58
CA ARG C 201 -6.98 7.13 -34.99
C ARG C 201 -6.25 8.14 -35.90
N ILE C 202 -5.04 8.54 -35.53
CA ILE C 202 -4.24 9.51 -36.27
C ILE C 202 -2.77 9.04 -36.41
N PRO C 203 -2.41 8.52 -37.61
CA PRO C 203 -1.08 7.95 -37.85
C PRO C 203 0.09 8.76 -37.31
N GLU C 204 0.10 10.06 -37.50
CA GLU C 204 1.20 10.90 -36.97
C GLU C 204 1.37 10.71 -35.46
N ARG C 205 0.25 10.59 -34.73
CA ARG C 205 0.28 10.38 -33.26
C ARG C 205 0.70 8.92 -32.93
N LEU C 206 0.09 7.96 -33.61
CA LEU C 206 0.47 6.58 -33.44
C LEU C 206 1.94 6.31 -33.76
N GLU C 207 2.50 7.01 -34.73
CA GLU C 207 3.95 6.87 -35.05
C GLU C 207 4.78 7.38 -33.87
N ARG C 208 4.33 8.47 -33.28
CA ARG C 208 4.97 9.03 -32.10
C ARG C 208 4.85 8.07 -30.89
N ALA C 209 3.65 7.49 -30.73
CA ALA C 209 3.45 6.50 -29.69
C ALA C 209 4.45 5.37 -29.84
N ALA C 210 4.59 4.88 -31.07
CA ALA C 210 5.47 3.78 -31.36
C ALA C 210 6.91 4.13 -31.07
N SER C 211 7.32 5.36 -31.36
CA SER C 211 8.69 5.75 -31.07
C SER C 211 8.99 5.75 -29.57
N LEU C 212 7.95 5.94 -28.75
CA LEU C 212 8.09 5.94 -27.28
C LEU C 212 8.07 4.55 -26.66
N GLY C 213 7.68 3.57 -27.47
CA GLY C 213 7.83 2.17 -27.12
C GLY C 213 6.54 1.41 -27.13
N ALA C 214 5.46 2.04 -27.57
CA ALA C 214 4.15 1.36 -27.57
C ALA C 214 3.82 0.64 -28.86
N ILE C 215 3.03 -0.41 -28.74
CA ILE C 215 2.47 -1.06 -29.88
C ILE C 215 1.27 -0.23 -30.29
N PRO C 216 1.33 0.41 -31.47
CA PRO C 216 0.24 1.28 -31.94
C PRO C 216 -0.91 0.48 -32.50
N ILE C 217 -2.11 1.00 -32.34
CA ILE C 217 -3.33 0.33 -32.79
C ILE C 217 -4.28 1.41 -33.31
N ASN C 218 -4.60 1.34 -34.60
CA ASN C 218 -5.51 2.32 -35.21
C ASN C 218 -6.95 1.86 -35.09
N ALA C 219 -7.72 2.58 -34.28
CA ALA C 219 -9.11 2.19 -33.99
C ALA C 219 -10.05 2.32 -35.21
N GLU C 220 -9.72 3.20 -36.16
CA GLU C 220 -10.49 3.31 -37.41
C GLU C 220 -10.25 2.10 -38.35
N GLN C 221 -9.06 1.49 -38.27
CA GLN C 221 -8.65 0.37 -39.16
C GLN C 221 -8.76 -1.04 -38.60
N GLU C 222 -9.00 -1.20 -37.30
CA GLU C 222 -9.16 -2.54 -36.70
C GLU C 222 -9.86 -2.44 -35.37
N ASN C 223 -10.37 -3.60 -34.92
CA ASN C 223 -10.97 -3.72 -33.57
C ASN C 223 -9.87 -3.72 -32.50
N PRO C 224 -9.80 -2.63 -31.72
CA PRO C 224 -8.72 -2.49 -30.74
C PRO C 224 -8.84 -3.51 -29.62
N VAL C 225 -10.07 -3.90 -29.28
CA VAL C 225 -10.31 -4.87 -28.22
C VAL C 225 -9.69 -6.19 -28.59
N ARG C 226 -10.02 -6.67 -29.80
CA ARG C 226 -9.47 -7.92 -30.36
C ARG C 226 -7.97 -7.96 -30.25
N ARG C 227 -7.38 -6.88 -30.73
CA ARG C 227 -5.94 -6.74 -30.82
C ARG C 227 -5.27 -6.70 -29.46
N VAL C 228 -5.73 -5.77 -28.63
CA VAL C 228 -5.21 -5.65 -27.30
C VAL C 228 -5.27 -6.98 -26.57
N ARG C 229 -6.37 -7.73 -26.70
CA ARG C 229 -6.50 -9.03 -26.04
C ARG C 229 -5.49 -10.07 -26.54
N SER C 230 -5.26 -10.14 -27.86
CA SER C 230 -4.22 -11.05 -28.42
C SER C 230 -2.82 -10.69 -27.96
N GLU C 231 -2.55 -9.41 -27.75
CA GLU C 231 -1.24 -8.96 -27.25
C GLU C 231 -1.04 -9.24 -25.75
N THR C 232 -2.12 -9.57 -25.04
CA THR C 232 -2.07 -9.75 -23.59
C THR C 232 -2.64 -11.10 -23.17
N ASN C 233 -2.13 -12.16 -23.80
CA ASN C 233 -2.59 -13.53 -23.54
C ASN C 233 -4.09 -13.77 -23.64
N ASP C 234 -4.78 -12.96 -24.43
CA ASP C 234 -6.24 -13.10 -24.55
C ASP C 234 -6.96 -12.85 -23.24
N GLU C 235 -6.29 -12.17 -22.31
CA GLU C 235 -6.92 -11.71 -21.09
C GLU C 235 -7.36 -10.25 -21.25
N GLY C 236 -6.41 -9.41 -21.66
CA GLY C 236 -6.56 -7.96 -21.57
C GLY C 236 -5.40 -7.47 -20.71
N PRO C 237 -5.10 -6.17 -20.78
CA PRO C 237 -4.03 -5.61 -19.99
C PRO C 237 -4.45 -5.45 -18.53
N ASP C 238 -3.46 -5.38 -17.65
CA ASP C 238 -3.68 -5.16 -16.23
C ASP C 238 -4.30 -3.78 -15.93
N LEU C 239 -3.86 -2.77 -16.68
CA LEU C 239 -4.35 -1.42 -16.47
C LEU C 239 -4.75 -0.78 -17.81
N VAL C 240 -5.83 -0.02 -17.83
CA VAL C 240 -6.14 0.87 -18.94
C VAL C 240 -6.23 2.32 -18.51
N LEU C 241 -5.46 3.17 -19.14
CA LEU C 241 -5.56 4.61 -18.92
C LEU C 241 -6.37 5.19 -20.06
N GLU C 242 -7.58 5.67 -19.80
CA GLU C 242 -8.33 6.30 -20.89
C GLU C 242 -8.06 7.80 -20.87
N ALA C 243 -7.60 8.33 -22.00
CA ALA C 243 -7.12 9.72 -22.07
C ALA C 243 -7.74 10.52 -23.21
N VAL C 244 -8.96 10.16 -23.59
CA VAL C 244 -9.71 10.87 -24.62
C VAL C 244 -10.85 11.67 -24.01
N GLY C 245 -11.79 10.97 -23.37
CA GLY C 245 -12.99 11.58 -22.79
C GLY C 245 -14.19 10.97 -23.49
N GLY C 246 -15.20 10.57 -22.72
CA GLY C 246 -16.51 10.23 -23.27
C GLY C 246 -16.86 8.79 -23.18
N ALA C 247 -18.16 8.52 -23.24
CA ALA C 247 -18.67 7.19 -23.04
C ALA C 247 -18.09 6.19 -24.01
N ALA C 248 -17.79 6.62 -25.23
CA ALA C 248 -17.33 5.66 -26.24
C ALA C 248 -16.05 4.98 -25.74
N THR C 249 -15.05 5.81 -25.46
CA THR C 249 -13.75 5.34 -25.06
C THR C 249 -13.74 4.72 -23.67
N LEU C 250 -14.65 5.13 -22.79
CA LEU C 250 -14.78 4.53 -21.45
C LEU C 250 -15.33 3.10 -21.52
N SER C 251 -16.31 2.86 -22.39
CA SER C 251 -16.85 1.51 -22.56
C SER C 251 -15.77 0.62 -23.13
N LEU C 252 -14.97 1.23 -23.97
CA LEU C 252 -13.88 0.54 -24.62
C LEU C 252 -12.84 0.09 -23.60
N ALA C 253 -12.48 1.00 -22.71
CA ALA C 253 -11.58 0.71 -21.62
C ALA C 253 -12.10 -0.46 -20.79
N LEU C 254 -13.39 -0.44 -20.47
CA LEU C 254 -13.96 -1.43 -19.57
C LEU C 254 -14.12 -2.79 -20.24
N GLU C 255 -14.21 -2.79 -21.58
CA GLU C 255 -14.30 -4.05 -22.32
C GLU C 255 -12.92 -4.66 -22.50
N MET C 256 -11.99 -3.80 -22.82
CA MET C 256 -10.60 -4.12 -23.04
C MET C 256 -9.85 -4.72 -21.83
N VAL C 257 -9.97 -4.07 -20.66
CA VAL C 257 -9.20 -4.43 -19.47
C VAL C 257 -9.48 -5.89 -19.11
N ARG C 258 -8.47 -6.60 -18.62
CA ARG C 258 -8.68 -7.97 -18.13
C ARG C 258 -9.55 -8.01 -16.89
N PRO C 259 -10.18 -9.16 -16.66
CA PRO C 259 -10.88 -9.40 -15.42
C PRO C 259 -9.96 -9.17 -14.25
N GLY C 260 -10.46 -8.48 -13.22
CA GLY C 260 -9.65 -8.14 -12.06
C GLY C 260 -8.63 -7.05 -12.32
N GLY C 261 -8.75 -6.36 -13.45
CA GLY C 261 -7.84 -5.29 -13.80
C GLY C 261 -8.39 -3.97 -13.31
N ARG C 262 -7.70 -2.90 -13.71
CA ARG C 262 -8.01 -1.55 -13.28
C ARG C 262 -8.16 -0.58 -14.45
N VAL C 263 -9.14 0.32 -14.38
CA VAL C 263 -9.27 1.38 -15.36
C VAL C 263 -9.15 2.74 -14.67
N SER C 264 -8.28 3.60 -15.20
CA SER C 264 -8.02 4.92 -14.67
C SER C 264 -8.46 5.93 -15.75
N ALA C 265 -9.61 6.56 -15.57
CA ALA C 265 -10.14 7.49 -16.57
C ALA C 265 -9.74 8.90 -16.27
N VAL C 266 -9.13 9.51 -17.25
CA VAL C 266 -8.55 10.82 -17.05
C VAL C 266 -9.11 11.88 -18.06
N GLY C 267 -9.81 11.41 -19.09
CA GLY C 267 -10.28 12.25 -20.16
C GLY C 267 -11.55 12.98 -19.80
N VAL C 268 -11.57 14.28 -20.17
CA VAL C 268 -12.67 15.18 -19.85
C VAL C 268 -13.79 15.12 -20.88
N ASP C 269 -15.01 15.15 -20.38
CA ASP C 269 -16.21 15.14 -21.21
C ASP C 269 -17.36 15.66 -20.37
N ASN C 270 -18.36 16.21 -21.03
CA ASN C 270 -19.40 16.95 -20.33
C ASN C 270 -20.73 16.20 -20.27
N ALA C 271 -20.82 15.04 -20.91
CA ALA C 271 -21.99 14.19 -20.75
C ALA C 271 -22.19 14.01 -19.26
N PRO C 272 -23.45 13.95 -18.80
CA PRO C 272 -23.62 13.76 -17.37
C PRO C 272 -23.35 12.31 -16.92
N SER C 273 -23.45 11.33 -17.83
CA SER C 273 -23.30 9.91 -17.44
C SER C 273 -22.86 8.98 -18.59
N PHE C 274 -22.61 7.71 -18.25
CA PHE C 274 -22.33 6.64 -19.21
C PHE C 274 -22.72 5.30 -18.56
N PRO C 275 -23.03 4.28 -19.37
CA PRO C 275 -23.46 3.01 -18.81
C PRO C 275 -22.27 2.15 -18.33
N PHE C 276 -22.25 1.88 -17.03
CA PHE C 276 -21.23 1.00 -16.43
C PHE C 276 -21.79 -0.43 -16.35
N PRO C 277 -20.98 -1.43 -16.76
CA PRO C 277 -21.51 -2.79 -16.71
C PRO C 277 -21.77 -3.23 -15.29
N LEU C 278 -22.93 -3.84 -15.08
CA LEU C 278 -23.29 -4.35 -13.78
C LEU C 278 -23.14 -5.86 -13.69
N ALA C 279 -24.04 -6.61 -14.30
CA ALA C 279 -24.01 -8.09 -14.20
C ALA C 279 -22.66 -8.64 -14.68
N SER C 280 -22.23 -8.16 -15.84
CA SER C 280 -20.93 -8.51 -16.38
C SER C 280 -19.81 -7.92 -15.51
N GLY C 281 -20.06 -6.74 -14.93
CA GLY C 281 -19.09 -6.09 -14.05
C GLY C 281 -18.81 -6.91 -12.81
N LEU C 282 -19.84 -7.52 -12.25
CA LEU C 282 -19.69 -8.45 -11.12
C LEU C 282 -18.78 -9.62 -11.47
N VAL C 283 -19.07 -10.24 -12.61
CA VAL C 283 -18.27 -11.36 -13.11
C VAL C 283 -16.81 -10.96 -13.28
N LYS C 284 -16.60 -9.78 -13.87
CA LYS C 284 -15.26 -9.35 -14.30
C LYS C 284 -14.37 -8.80 -13.16
N ASP C 285 -14.99 -8.31 -12.09
CA ASP C 285 -14.26 -7.74 -10.98
C ASP C 285 -13.45 -6.53 -11.48
N LEU C 286 -14.14 -5.42 -11.69
CA LEU C 286 -13.52 -4.18 -12.17
C LEU C 286 -13.29 -3.15 -11.06
N THR C 287 -12.17 -2.45 -11.15
CA THR C 287 -11.88 -1.33 -10.32
C THR C 287 -11.76 -0.14 -11.25
N PHE C 288 -12.51 0.92 -10.98
CA PHE C 288 -12.63 2.08 -11.88
C PHE C 288 -12.42 3.38 -11.12
N ARG C 289 -11.66 4.28 -11.69
CA ARG C 289 -11.50 5.60 -11.11
C ARG C 289 -11.58 6.67 -12.20
N ILE C 290 -12.29 7.75 -11.90
CA ILE C 290 -12.41 8.87 -12.81
C ILE C 290 -12.29 10.17 -12.05
N GLY C 291 -11.57 11.12 -12.60
CA GLY C 291 -11.26 12.31 -11.82
C GLY C 291 -10.29 13.28 -12.46
N LEU C 292 -10.28 14.48 -11.94
CA LEU C 292 -9.32 15.45 -12.34
C LEU C 292 -8.07 15.23 -11.55
N ALA C 293 -6.95 15.46 -12.20
CA ALA C 293 -5.65 15.19 -11.60
C ALA C 293 -5.49 15.83 -10.22
N ASN C 294 -4.66 15.21 -9.39
CA ASN C 294 -4.30 15.79 -8.12
C ASN C 294 -2.80 16.06 -8.18
N VAL C 295 -2.45 17.00 -9.06
CA VAL C 295 -1.06 17.31 -9.45
C VAL C 295 -0.12 17.55 -8.27
N HIS C 296 -0.60 18.23 -7.24
CA HIS C 296 0.27 18.54 -6.10
C HIS C 296 0.85 17.28 -5.46
N LEU C 297 0.11 16.17 -5.56
CA LEU C 297 0.55 14.95 -4.90
C LEU C 297 1.81 14.40 -5.57
N TYR C 298 1.90 14.60 -6.87
CA TYR C 298 2.89 13.95 -7.71
C TYR C 298 4.01 14.87 -8.21
N ILE C 299 3.78 16.17 -8.15
CA ILE C 299 4.65 17.12 -8.82
C ILE C 299 6.12 16.96 -8.41
N ASP C 300 6.40 16.72 -7.12
CA ASP C 300 7.78 16.72 -6.66
C ASP C 300 8.54 15.56 -7.24
N ALA C 301 7.88 14.42 -7.31
CA ALA C 301 8.48 13.23 -7.93
C ALA C 301 8.70 13.45 -9.43
N VAL C 302 7.69 14.02 -10.09
CA VAL C 302 7.80 14.26 -11.51
C VAL C 302 8.98 15.21 -11.83
N LEU C 303 9.12 16.29 -11.06
CA LEU C 303 10.27 17.18 -11.20
C LEU C 303 11.62 16.44 -11.08
N ALA C 304 11.77 15.63 -10.04
CA ALA C 304 13.01 14.87 -9.86
C ALA C 304 13.28 13.98 -11.10
N LEU C 305 12.23 13.43 -11.71
CA LEU C 305 12.43 12.61 -12.89
C LEU C 305 12.86 13.43 -14.08
N LEU C 306 12.28 14.63 -14.20
CA LEU C 306 12.57 15.52 -15.33
C LEU C 306 14.02 16.01 -15.20
N ALA C 307 14.33 16.51 -14.02
CA ALA C 307 15.65 17.05 -13.78
C ALA C 307 16.74 16.04 -14.13
N SER C 308 16.46 14.77 -13.96
CA SER C 308 17.50 13.74 -14.10
C SER C 308 17.46 13.16 -15.49
N GLY C 309 16.57 13.65 -16.35
CA GLY C 309 16.53 13.20 -17.74
C GLY C 309 15.76 11.91 -18.02
N ARG C 310 15.17 11.32 -16.99
CA ARG C 310 14.49 10.04 -17.20
C ARG C 310 13.24 10.26 -18.03
N LEU C 311 12.69 11.47 -17.95
CA LEU C 311 11.57 11.87 -18.82
C LEU C 311 11.90 13.15 -19.60
N GLN C 312 11.51 13.16 -20.88
CA GLN C 312 11.85 14.25 -21.81
C GLN C 312 10.58 14.63 -22.55
N PRO C 313 9.61 15.22 -21.82
CA PRO C 313 8.32 15.46 -22.46
C PRO C 313 8.38 16.49 -23.58
N GLU C 314 9.34 17.43 -23.50
CA GLU C 314 9.43 18.55 -24.48
C GLU C 314 9.59 18.11 -25.92
N ARG C 315 10.12 16.90 -26.11
CA ARG C 315 10.23 16.33 -27.43
C ARG C 315 8.91 16.30 -28.15
N ILE C 316 7.78 16.36 -27.46
CA ILE C 316 6.51 16.33 -28.20
C ILE C 316 6.09 17.72 -28.69
N VAL C 317 6.83 18.75 -28.32
CA VAL C 317 6.49 20.10 -28.76
C VAL C 317 6.74 20.22 -30.25
N SER C 318 5.69 20.43 -31.02
CA SER C 318 5.84 20.65 -32.45
C SER C 318 6.04 22.15 -32.80
N HIS C 319 5.42 23.05 -32.03
CA HIS C 319 5.43 24.46 -32.36
C HIS C 319 5.77 25.33 -31.14
N TYR C 320 6.82 26.14 -31.26
CA TYR C 320 7.02 27.27 -30.36
C TYR C 320 6.58 28.55 -31.09
N LEU C 321 5.50 29.18 -30.65
CA LEU C 321 5.00 30.41 -31.28
C LEU C 321 5.12 31.61 -30.34
N PRO C 322 5.23 32.83 -30.89
CA PRO C 322 5.12 34.00 -30.00
C PRO C 322 3.69 34.17 -29.50
N LEU C 323 3.54 34.75 -28.33
CA LEU C 323 2.24 34.91 -27.69
C LEU C 323 1.23 35.45 -28.67
N GLU C 324 1.61 36.47 -29.45
CA GLU C 324 0.69 37.12 -30.41
C GLU C 324 0.18 36.20 -31.53
N GLU C 325 0.88 35.11 -31.81
CA GLU C 325 0.41 34.13 -32.81
C GLU C 325 -0.48 32.99 -32.22
N ALA C 326 -0.92 33.19 -30.98
CA ALA C 326 -1.80 32.25 -30.28
C ALA C 326 -3.04 31.82 -31.05
N PRO C 327 -3.74 32.76 -31.70
CA PRO C 327 -4.93 32.30 -32.48
C PRO C 327 -4.62 31.29 -33.60
N ARG C 328 -3.46 31.42 -34.24
CA ARG C 328 -2.99 30.40 -35.19
C ARG C 328 -2.68 29.07 -34.43
N GLY C 329 -2.06 29.20 -33.27
CA GLY C 329 -1.73 28.05 -32.41
C GLY C 329 -2.95 27.23 -32.11
N TYR C 330 -4.00 27.92 -31.66
CA TYR C 330 -5.27 27.27 -31.36
C TYR C 330 -5.84 26.56 -32.61
N GLU C 331 -5.78 27.25 -33.75
CA GLU C 331 -6.25 26.67 -35.01
C GLU C 331 -5.51 25.37 -35.35
N LEU C 332 -4.19 25.49 -35.36
CA LEU C 332 -3.31 24.36 -35.64
C LEU C 332 -3.64 23.19 -34.73
N PHE C 333 -3.62 23.43 -33.41
CA PHE C 333 -3.86 22.36 -32.43
C PHE C 333 -5.27 21.78 -32.57
N ASP C 334 -6.26 22.63 -32.77
CA ASP C 334 -7.62 22.15 -33.00
C ASP C 334 -7.68 21.29 -34.27
N ARG C 335 -7.09 21.80 -35.35
CA ARG C 335 -7.04 21.11 -36.64
C ARG C 335 -6.15 19.83 -36.62
N LYS C 336 -5.48 19.60 -35.49
CA LYS C 336 -4.61 18.42 -35.26
C LYS C 336 -3.29 18.50 -36.04
N GLU C 337 -2.98 19.70 -36.55
CA GLU C 337 -1.75 19.96 -37.31
C GLU C 337 -0.58 20.16 -36.38
N ALA C 338 -0.82 20.76 -35.23
CA ALA C 338 0.19 20.76 -34.20
C ALA C 338 -0.08 19.63 -33.24
N LEU C 339 0.97 19.14 -32.59
CA LEU C 339 0.87 18.10 -31.58
C LEU C 339 0.81 18.76 -30.22
N LYS C 340 1.76 19.65 -29.99
CA LYS C 340 1.76 20.45 -28.77
C LYS C 340 2.33 21.82 -29.06
N VAL C 341 1.56 22.84 -28.69
CA VAL C 341 1.96 24.22 -28.89
C VAL C 341 2.37 24.84 -27.58
N LEU C 342 3.54 25.43 -27.60
CA LEU C 342 4.02 26.24 -26.50
C LEU C 342 4.11 27.71 -27.01
N LEU C 343 3.56 28.64 -26.24
CA LEU C 343 3.62 30.04 -26.56
C LEU C 343 4.80 30.70 -25.88
N VAL C 344 5.66 31.34 -26.66
CA VAL C 344 6.75 32.14 -26.07
C VAL C 344 6.23 33.53 -25.71
N VAL C 345 6.32 33.87 -24.43
CA VAL C 345 6.09 35.20 -23.87
C VAL C 345 7.51 35.63 -23.48
N ARG C 346 7.73 36.90 -23.17
CA ARG C 346 9.03 37.28 -22.57
C ARG C 346 10.23 36.50 -23.18
N MET D 1 2.16 35.82 31.69
CA MET D 1 3.62 35.55 31.69
C MET D 1 4.08 34.58 32.80
N ARG D 2 3.16 33.78 33.35
CA ARG D 2 3.53 32.70 34.26
C ARG D 2 4.04 31.54 33.39
N ALA D 3 5.10 30.86 33.83
CA ALA D 3 5.70 29.80 33.01
C ALA D 3 6.65 28.94 33.79
N VAL D 4 6.61 27.64 33.52
CA VAL D 4 7.52 26.70 34.18
C VAL D 4 8.86 26.80 33.51
N VAL D 5 9.93 26.85 34.30
CA VAL D 5 11.27 26.85 33.75
C VAL D 5 12.16 25.79 34.42
N PHE D 6 13.14 25.33 33.67
CA PHE D 6 14.18 24.45 34.17
C PHE D 6 15.06 25.36 34.93
N ALA D 13 10.93 25.19 38.47
CA ALA D 13 10.10 26.18 39.17
C ALA D 13 9.32 27.05 38.22
N VAL D 14 8.34 27.78 38.75
CA VAL D 14 7.47 28.62 37.93
C VAL D 14 7.77 30.09 38.22
N LYS D 15 8.22 30.80 37.20
CA LYS D 15 8.62 32.21 37.33
C LYS D 15 7.83 33.06 36.35
N GLU D 16 8.00 34.37 36.47
CA GLU D 16 7.49 35.29 35.46
C GLU D 16 8.53 35.32 34.34
N VAL D 17 8.04 35.33 33.10
CA VAL D 17 8.88 35.50 31.89
C VAL D 17 8.13 36.38 30.88
N ASN D 18 8.86 36.96 29.93
CA ASN D 18 8.24 37.85 28.94
C ASN D 18 7.33 37.07 27.99
N ALA D 19 6.11 37.57 27.78
CA ALA D 19 5.18 36.97 26.82
C ALA D 19 5.68 37.23 25.40
N PRO D 20 5.64 36.21 24.51
CA PRO D 20 6.10 36.42 23.13
C PRO D 20 5.07 37.15 22.26
N ARG D 21 5.55 37.79 21.20
CA ARG D 21 4.71 38.55 20.26
C ARG D 21 4.82 37.94 18.86
N LEU D 22 3.83 38.25 18.00
CA LEU D 22 3.87 37.88 16.59
C LEU D 22 5.14 38.46 15.92
N GLN D 23 5.84 37.64 15.12
CA GLN D 23 7.05 38.10 14.40
C GLN D 23 7.07 37.81 12.89
N HIS D 24 6.01 37.21 12.38
CA HIS D 24 5.98 36.70 11.02
C HIS D 24 4.51 36.53 10.62
N PRO D 25 4.13 36.70 9.34
CA PRO D 25 2.68 36.72 8.99
C PRO D 25 1.93 35.41 9.09
N LEU D 26 2.65 34.35 9.46
CA LEU D 26 2.03 33.03 9.64
C LEU D 26 2.03 32.62 11.13
N ASP D 27 2.57 33.48 11.98
CA ASP D 27 2.65 33.21 13.41
C ASP D 27 1.24 33.24 13.98
N ALA D 28 1.05 32.49 15.08
CA ALA D 28 -0.14 32.60 15.93
C ALA D 28 0.30 32.56 17.39
N LEU D 29 -0.41 33.32 18.21
CA LEU D 29 -0.18 33.28 19.64
C LEU D 29 -1.36 32.47 20.22
N VAL D 30 -1.04 31.61 21.17
CA VAL D 30 -2.03 30.70 21.75
C VAL D 30 -2.08 30.87 23.26
N ARG D 31 -3.28 31.15 23.76
CA ARG D 31 -3.51 31.18 25.19
C ARG D 31 -3.65 29.73 25.62
N VAL D 32 -2.58 29.17 26.16
CA VAL D 32 -2.62 27.80 26.67
C VAL D 32 -3.57 27.64 27.86
N HIS D 33 -4.44 26.64 27.76
CA HIS D 33 -5.41 26.33 28.79
C HIS D 33 -5.00 25.03 29.52
N LEU D 34 -4.46 24.05 28.81
CA LEU D 34 -3.86 22.87 29.46
C LEU D 34 -2.53 22.55 28.86
N ALA D 35 -1.62 22.07 29.68
CA ALA D 35 -0.24 21.78 29.25
C ALA D 35 0.20 20.54 29.91
N GLY D 36 0.81 19.63 29.16
CA GLY D 36 1.14 18.31 29.71
C GLY D 36 2.57 18.21 30.13
N ILE D 37 2.86 17.24 30.99
CA ILE D 37 4.23 16.85 31.21
C ILE D 37 4.38 15.43 30.67
N CYS D 38 5.37 15.28 29.80
CA CYS D 38 5.57 14.08 29.02
C CYS D 38 6.75 13.26 29.55
N GLY D 39 6.76 11.97 29.20
CA GLY D 39 7.90 11.11 29.50
C GLY D 39 9.18 11.71 28.97
N SER D 40 9.10 12.36 27.81
CA SER D 40 10.26 13.01 27.23
C SER D 40 10.78 14.12 28.13
N ASP D 41 9.89 14.81 28.83
CA ASP D 41 10.27 15.86 29.76
C ASP D 41 11.18 15.30 30.87
N LEU D 42 11.01 14.02 31.23
CA LEU D 42 11.87 13.39 32.26
C LEU D 42 13.33 13.25 31.84
N HIS D 43 13.60 13.12 30.55
CA HIS D 43 14.97 13.14 30.08
C HIS D 43 15.59 14.53 30.27
N LEU D 44 14.79 15.58 30.10
CA LEU D 44 15.22 16.93 30.46
C LEU D 44 15.56 17.00 31.93
N TYR D 45 14.58 16.61 32.75
CA TYR D 45 14.61 16.68 34.22
C TYR D 45 15.87 16.05 34.80
N HIS D 46 16.16 14.85 34.35
CA HIS D 46 17.41 14.18 34.70
C HIS D 46 18.48 14.78 33.79
N GLY D 47 19.68 14.23 33.81
CA GLY D 47 20.80 14.88 33.14
C GLY D 47 20.99 14.40 31.72
N LYS D 48 19.92 14.10 31.00
CA LYS D 48 20.07 13.41 29.71
C LYS D 48 20.04 14.32 28.48
N ILE D 49 19.24 15.40 28.49
CA ILE D 49 19.11 16.31 27.35
C ILE D 49 19.52 17.73 27.78
N PRO D 50 20.38 18.41 27.00
CA PRO D 50 20.82 19.72 27.44
C PRO D 50 19.71 20.79 27.36
N VAL D 51 19.49 21.48 28.46
CA VAL D 51 18.53 22.58 28.51
C VAL D 51 19.21 23.77 29.18
N LEU D 52 19.00 24.95 28.63
CA LEU D 52 19.55 26.17 29.21
C LEU D 52 18.77 26.40 30.49
N PRO D 53 19.48 26.52 31.63
CA PRO D 53 18.80 26.90 32.86
C PRO D 53 18.01 28.21 32.70
N SER D 55 15.05 28.34 30.91
CA SER D 55 14.15 28.29 29.73
C SER D 55 12.85 27.54 30.06
N VAL D 56 11.81 27.95 29.32
CA VAL D 56 10.44 27.44 29.50
C VAL D 56 10.28 26.02 28.95
N LEU D 57 9.77 25.11 29.79
CA LEU D 57 9.60 23.72 29.40
C LEU D 57 8.23 23.36 28.83
N GLY D 58 8.17 22.16 28.23
CA GLY D 58 6.93 21.54 27.75
C GLY D 58 6.63 21.68 26.26
N HIS D 59 5.98 20.66 25.70
CA HIS D 59 5.58 20.67 24.28
C HIS D 59 4.17 20.14 24.00
N GLU D 60 3.38 19.98 25.06
CA GLU D 60 2.04 19.49 24.95
C GLU D 60 1.14 20.60 25.33
N PHE D 61 0.19 20.93 24.47
CA PHE D 61 -0.75 22.01 24.75
C PHE D 61 -2.05 21.92 24.00
N VAL D 62 -3.06 22.53 24.60
CA VAL D 62 -4.31 22.85 23.93
C VAL D 62 -4.63 24.21 24.49
N GLY D 63 -5.28 25.05 23.69
CA GLY D 63 -5.65 26.36 24.12
C GLY D 63 -6.46 27.08 23.08
N GLN D 64 -6.56 28.40 23.26
CA GLN D 64 -7.29 29.25 22.33
C GLN D 64 -6.35 30.22 21.67
N VAL D 65 -6.73 30.65 20.48
CA VAL D 65 -5.94 31.60 19.70
C VAL D 65 -6.05 32.99 20.31
N GLU D 66 -4.92 33.63 20.59
CA GLU D 66 -4.94 35.04 21.02
C GLU D 66 -5.00 35.92 19.78
N ALA D 67 -4.04 35.72 18.88
CA ALA D 67 -3.85 36.53 17.69
C ALA D 67 -3.18 35.73 16.57
N VAL D 68 -3.34 36.21 15.34
CA VAL D 68 -2.74 35.58 14.15
C VAL D 68 -2.06 36.60 13.24
N GLY D 69 -1.03 36.16 12.52
CA GLY D 69 -0.40 37.00 11.49
C GLY D 69 -1.35 37.31 10.35
N GLU D 70 -0.99 38.31 9.53
CA GLU D 70 -1.84 38.74 8.39
C GLU D 70 -2.10 37.62 7.36
N GLY D 71 -1.25 36.57 7.39
CA GLY D 71 -1.31 35.49 6.41
C GLY D 71 -2.20 34.30 6.72
N ILE D 72 -2.77 34.29 7.93
CA ILE D 72 -3.54 33.16 8.41
C ILE D 72 -5.01 33.35 8.08
N ASP D 74 -7.77 30.64 8.27
CA ASP D 74 -8.79 29.82 8.93
C ASP D 74 -8.75 29.79 10.46
N LEU D 75 -8.05 30.72 11.07
CA LEU D 75 -8.02 30.81 12.53
C LEU D 75 -8.28 32.23 12.98
N GLN D 76 -9.22 32.39 13.92
CA GLN D 76 -9.49 33.70 14.55
C GLN D 76 -9.24 33.57 16.05
N PRO D 77 -9.24 34.70 16.79
CA PRO D 77 -8.98 34.70 18.23
C PRO D 77 -9.81 33.80 19.17
N GLY D 78 -11.09 33.56 18.88
CA GLY D 78 -11.88 32.63 19.74
C GLY D 78 -11.47 31.14 19.75
N ASP D 79 -10.81 30.71 18.68
CA ASP D 79 -10.72 29.31 18.29
C ASP D 79 -9.86 28.43 19.18
N TRP D 80 -10.45 27.27 19.46
CA TRP D 80 -9.78 26.22 20.24
C TRP D 80 -8.91 25.41 19.32
N VAL D 81 -7.62 25.34 19.67
CA VAL D 81 -6.66 24.66 18.85
C VAL D 81 -5.75 23.70 19.60
N VAL D 82 -5.14 22.81 18.84
CA VAL D 82 -4.08 21.95 19.32
C VAL D 82 -3.03 21.88 18.21
N GLY D 83 -1.82 21.45 18.55
CA GLY D 83 -0.75 21.41 17.57
C GLY D 83 0.37 20.43 17.93
N PRO D 84 1.11 19.95 16.92
CA PRO D 84 2.13 18.98 17.16
C PRO D 84 3.17 19.52 18.09
N PHE D 85 3.79 18.63 18.85
CA PHE D 85 4.90 19.00 19.70
C PHE D 85 6.14 19.38 18.95
N HIS D 86 6.17 19.15 17.65
CA HIS D 86 7.33 19.54 16.87
C HIS D 86 6.83 20.39 15.69
N ILE D 87 7.64 21.37 15.29
CA ILE D 87 7.22 22.34 14.29
C ILE D 87 7.82 22.04 12.93
N ALA D 88 7.22 22.62 11.91
CA ALA D 88 7.54 22.27 10.54
C ALA D 88 7.16 23.42 9.61
N CYS D 89 7.92 23.60 8.55
CA CYS D 89 7.82 24.81 7.74
C CYS D 89 6.86 24.65 6.57
N GLY D 90 6.75 23.44 6.06
CA GLY D 90 5.73 23.15 5.03
C GLY D 90 6.27 23.28 3.62
N THR D 91 7.47 23.83 3.46
CA THR D 91 8.01 24.07 2.11
C THR D 91 9.38 23.47 1.82
N CYS D 92 10.17 23.13 2.86
CA CYS D 92 11.44 22.43 2.65
C CYS D 92 11.24 21.03 2.02
N PRO D 93 12.30 20.43 1.50
CA PRO D 93 12.13 19.18 0.77
C PRO D 93 11.56 18.04 1.62
N TYR D 94 11.94 17.98 2.90
CA TYR D 94 11.35 17.00 3.80
C TYR D 94 9.85 17.26 4.04
N CYS D 95 9.44 18.51 4.13
CA CYS D 95 8.02 18.83 4.34
C CYS D 95 7.27 18.43 3.10
N ARG D 96 7.89 18.56 1.95
CA ARG D 96 7.19 18.25 0.70
C ARG D 96 7.03 16.74 0.50
N ARG D 97 7.99 15.99 1.04
CA ARG D 97 7.85 14.54 1.18
C ARG D 97 6.88 14.07 2.29
N HIS D 98 6.24 15.01 2.98
CA HIS D 98 5.38 14.74 4.13
C HIS D 98 6.11 14.07 5.30
N GLN D 99 7.39 14.39 5.41
CA GLN D 99 8.20 13.92 6.51
C GLN D 99 8.46 15.12 7.38
N TYR D 100 7.40 15.61 8.01
CA TYR D 100 7.45 16.88 8.74
C TYR D 100 8.40 16.81 9.93
N ASN D 101 8.54 15.63 10.49
CA ASN D 101 9.53 15.48 11.55
C ASN D 101 10.96 15.70 11.11
N LEU D 102 11.21 15.76 9.80
CA LEU D 102 12.59 16.01 9.32
C LEU D 102 12.71 17.38 8.68
N CYS D 103 11.73 18.24 8.98
CA CYS D 103 11.77 19.60 8.51
C CYS D 103 13.13 20.21 8.75
N GLU D 104 13.63 20.97 7.78
CA GLU D 104 14.97 21.57 7.89
C GLU D 104 14.97 22.75 8.83
N ARG D 105 13.80 23.38 8.97
CA ARG D 105 13.54 24.41 9.97
C ARG D 105 12.83 23.84 11.21
N GLY D 106 13.01 22.54 11.45
CA GLY D 106 12.27 21.84 12.50
C GLY D 106 12.81 22.07 13.91
N GLY D 107 11.91 21.88 14.88
CA GLY D 107 12.27 21.91 16.29
C GLY D 107 11.17 21.36 17.17
N VAL D 108 11.46 21.23 18.46
CA VAL D 108 10.49 20.78 19.47
C VAL D 108 10.38 21.86 20.55
N TYR D 109 9.15 22.28 20.83
CA TYR D 109 8.91 23.31 21.85
C TYR D 109 9.55 22.92 23.19
N GLY D 110 10.15 23.90 23.85
CA GLY D 110 10.73 23.72 25.19
C GLY D 110 11.67 22.55 25.36
N TYR D 111 12.41 22.21 24.30
CA TYR D 111 13.29 21.05 24.37
C TYR D 111 14.78 21.41 24.20
N GLY D 112 15.09 22.68 24.42
CA GLY D 112 16.48 23.10 24.49
C GLY D 112 17.11 23.32 23.12
N PRO D 113 18.39 23.74 23.11
CA PRO D 113 19.05 24.24 21.90
C PRO D 113 19.44 23.18 20.86
N MET D 114 19.47 21.92 21.24
CA MET D 114 19.69 20.86 20.24
C MET D 114 18.43 20.58 19.39
N PHE D 115 17.29 21.20 19.73
CA PHE D 115 16.02 20.96 19.04
C PHE D 115 15.28 22.28 18.78
N GLY D 116 15.98 23.25 18.20
CA GLY D 116 15.32 24.46 17.70
C GLY D 116 15.27 25.63 18.68
N ASN D 117 15.67 25.35 19.92
CA ASN D 117 15.78 26.36 20.98
C ASN D 117 14.49 27.18 21.10
N LEU D 118 13.39 26.46 21.33
CA LEU D 118 12.06 27.04 21.31
C LEU D 118 11.56 27.22 22.74
N GLN D 119 10.82 28.29 22.99
CA GLN D 119 10.20 28.49 24.29
C GLN D 119 9.05 27.46 24.41
N GLY D 120 9.02 26.77 25.56
CA GLY D 120 8.06 25.68 25.83
C GLY D 120 6.60 26.07 25.97
N ALA D 121 5.81 25.05 26.32
CA ALA D 121 4.33 25.16 26.31
C ALA D 121 3.72 25.22 27.70
N GLN D 122 4.52 24.87 28.71
CA GLN D 122 4.08 24.98 30.10
C GLN D 122 4.14 26.43 30.54
N ALA D 123 3.18 27.22 30.00
CA ALA D 123 3.21 28.67 30.09
C ALA D 123 1.91 29.21 29.54
N GLU D 124 1.59 30.45 29.87
CA GLU D 124 0.27 30.97 29.59
C GLU D 124 0.10 31.26 28.12
N ILE D 125 1.20 31.58 27.44
CA ILE D 125 1.16 31.96 26.00
C ILE D 125 2.23 31.22 25.22
N LEU D 126 1.83 30.79 24.01
CA LEU D 126 2.73 30.09 23.12
C LEU D 126 2.72 30.76 21.76
N ARG D 127 3.93 31.00 21.22
CA ARG D 127 4.10 31.44 19.82
C ARG D 127 4.23 30.19 18.99
N VAL D 128 3.35 30.05 18.03
CA VAL D 128 3.36 28.94 17.08
C VAL D 128 3.68 29.41 15.63
N PRO D 129 4.94 29.23 15.18
CA PRO D 129 5.28 29.59 13.81
C PRO D 129 4.56 28.75 12.78
N PHE D 130 4.37 29.29 11.59
CA PHE D 130 3.76 28.55 10.49
C PHE D 130 2.50 27.85 11.03
N SER D 131 1.67 28.59 11.72
CA SER D 131 0.46 28.02 12.32
C SER D 131 -0.47 27.38 11.29
N ASN D 132 -0.37 27.80 10.04
CA ASN D 132 -1.06 27.12 8.92
C ASN D 132 -0.73 25.63 8.85
N VAL D 133 0.49 25.27 9.26
CA VAL D 133 0.99 23.91 9.25
C VAL D 133 0.87 23.26 10.64
N ASN D 134 1.27 24.02 11.66
CA ASN D 134 1.45 23.49 13.01
C ASN D 134 0.23 23.61 13.98
N LEU D 135 -0.96 23.91 13.46
CA LEU D 135 -2.17 23.98 14.31
C LEU D 135 -3.39 23.34 13.68
N ARG D 136 -4.33 22.90 14.52
CA ARG D 136 -5.65 22.47 14.03
C ARG D 136 -6.75 23.02 14.93
N LYS D 137 -7.78 23.54 14.30
CA LYS D 137 -9.03 23.83 14.96
C LYS D 137 -9.56 22.55 15.57
N LEU D 138 -10.06 22.59 16.80
CA LEU D 138 -10.78 21.43 17.37
C LEU D 138 -12.14 21.29 16.70
N PRO D 139 -12.50 20.08 16.29
CA PRO D 139 -13.88 19.89 15.88
C PRO D 139 -14.82 20.33 16.99
N PRO D 140 -16.03 20.76 16.63
CA PRO D 140 -16.94 21.48 17.57
C PRO D 140 -17.31 20.78 18.92
N ASN D 141 -17.32 19.46 18.94
CA ASN D 141 -17.82 18.70 20.11
C ASN D 141 -16.71 17.91 20.84
N LEU D 142 -15.50 18.47 20.91
CA LEU D 142 -14.36 17.75 21.41
C LEU D 142 -13.74 18.51 22.59
N SER D 143 -13.58 17.83 23.73
CA SER D 143 -13.09 18.50 24.92
C SER D 143 -11.59 18.76 24.77
N PRO D 144 -11.12 19.92 25.24
CA PRO D 144 -9.69 20.21 25.28
C PRO D 144 -8.85 19.15 25.97
N GLU D 145 -9.38 18.55 27.01
CA GLU D 145 -8.58 17.59 27.77
C GLU D 145 -8.39 16.29 26.96
N ARG D 146 -9.37 15.96 26.10
CA ARG D 146 -9.22 14.86 25.13
C ARG D 146 -8.32 15.28 23.97
N ALA D 147 -8.57 16.44 23.39
CA ALA D 147 -7.81 16.91 22.22
C ALA D 147 -6.32 17.00 22.44
N ILE D 148 -5.89 17.46 23.59
CA ILE D 148 -4.45 17.71 23.82
C ILE D 148 -3.54 16.53 23.39
N PHE D 149 -4.02 15.31 23.57
CA PHE D 149 -3.21 14.12 23.30
C PHE D 149 -2.86 13.93 21.81
N ALA D 150 -3.68 14.52 20.95
CA ALA D 150 -3.45 14.51 19.49
C ALA D 150 -2.16 15.16 19.07
N GLY D 151 -1.66 16.09 19.87
CA GLY D 151 -0.47 16.83 19.54
C GLY D 151 0.82 16.08 19.79
N ASP D 152 0.78 15.01 20.58
CA ASP D 152 2.03 14.33 20.99
C ASP D 152 1.84 12.83 21.22
N ILE D 153 1.46 12.40 22.42
CA ILE D 153 1.58 10.97 22.77
C ILE D 153 0.60 10.04 22.05
N LEU D 154 -0.59 10.50 21.78
CA LEU D 154 -1.52 9.63 21.03
C LEU D 154 -1.08 9.49 19.56
N SER D 155 -0.68 10.59 18.94
CA SER D 155 -0.27 10.56 17.54
C SER D 155 1.04 9.82 17.37
N THR D 156 1.89 9.93 18.37
CA THR D 156 3.10 9.15 18.40
C THR D 156 2.83 7.65 18.38
N ALA D 157 1.93 7.20 19.24
CA ALA D 157 1.60 5.81 19.29
C ALA D 157 0.88 5.42 18.01
N TYR D 158 -0.09 6.22 17.62
CA TYR D 158 -0.86 5.93 16.42
C TYR D 158 0.09 5.77 15.19
N GLY D 159 0.93 6.77 15.01
CA GLY D 159 1.98 6.74 14.03
C GLY D 159 2.86 5.51 14.06
N GLY D 160 3.40 5.19 15.24
CA GLY D 160 4.19 3.92 15.40
C GLY D 160 3.47 2.68 14.84
N LEU D 161 2.16 2.60 15.12
CA LEU D 161 1.37 1.44 14.72
C LEU D 161 1.02 1.41 13.24
N ILE D 162 0.72 2.57 12.65
CA ILE D 162 0.43 2.62 11.22
C ILE D 162 1.70 2.37 10.40
N GLN D 163 2.81 2.96 10.82
CA GLN D 163 4.08 2.65 10.18
C GLN D 163 4.50 1.18 10.37
N GLY D 164 4.16 0.60 11.52
CA GLY D 164 4.42 -0.83 11.76
C GLY D 164 3.46 -1.74 11.01
N GLN D 165 2.54 -1.15 10.25
CA GLN D 165 1.62 -1.86 9.32
C GLN D 165 0.63 -2.74 10.01
N LEU D 166 0.25 -2.36 11.22
CA LEU D 166 -0.79 -3.09 11.94
C LEU D 166 -2.03 -3.31 11.08
N ARG D 167 -2.44 -4.55 10.96
CA ARG D 167 -3.63 -4.92 10.17
C ARG D 167 -4.60 -5.68 11.03
N PRO D 168 -5.87 -5.63 10.67
CA PRO D 168 -6.82 -6.30 11.54
C PRO D 168 -6.52 -7.78 11.69
N GLY D 169 -6.75 -8.32 12.89
CA GLY D 169 -6.39 -9.68 13.22
C GLY D 169 -4.97 -9.84 13.73
N ASP D 170 -4.10 -8.86 13.49
CA ASP D 170 -2.69 -8.94 13.92
C ASP D 170 -2.63 -9.00 15.44
N SER D 171 -1.53 -9.54 15.94
CA SER D 171 -1.26 -9.50 17.35
C SER D 171 -0.13 -8.53 17.59
N VAL D 172 -0.15 -7.89 18.75
CA VAL D 172 0.75 -6.78 19.01
C VAL D 172 1.34 -6.87 20.39
N ALA D 173 2.63 -6.65 20.52
CA ALA D 173 3.21 -6.48 21.83
C ALA D 173 3.65 -5.05 22.01
N VAL D 174 3.27 -4.43 23.12
CA VAL D 174 3.70 -3.07 23.44
C VAL D 174 4.62 -3.11 24.62
N ILE D 175 5.83 -2.57 24.47
CA ILE D 175 6.80 -2.59 25.55
C ILE D 175 6.87 -1.20 26.16
N GLY D 176 6.41 -1.10 27.41
CA GLY D 176 6.26 0.14 28.10
C GLY D 176 4.80 0.39 28.21
N ALA D 177 4.29 0.43 29.44
CA ALA D 177 2.89 0.74 29.70
C ALA D 177 2.78 2.10 30.36
N GLY D 178 3.74 2.96 30.09
CA GLY D 178 3.55 4.38 30.33
C GLY D 178 2.47 4.98 29.41
N PRO D 179 2.29 6.29 29.51
CA PRO D 179 1.28 7.00 28.74
C PRO D 179 1.29 6.64 27.27
N VAL D 180 2.45 6.68 26.62
CA VAL D 180 2.56 6.34 25.19
C VAL D 180 2.06 4.91 24.93
N GLY D 181 2.64 3.93 25.65
CA GLY D 181 2.21 2.52 25.61
C GLY D 181 0.71 2.33 25.80
N LEU D 182 0.13 3.12 26.70
CA LEU D 182 -1.28 3.00 26.96
C LEU D 182 -2.07 3.53 25.79
N MET D 183 -1.58 4.60 25.15
CA MET D 183 -2.21 5.09 23.92
C MET D 183 -2.17 3.97 22.86
N ALA D 184 -1.00 3.38 22.71
CA ALA D 184 -0.81 2.32 21.75
C ALA D 184 -1.77 1.15 21.98
N ILE D 185 -1.95 0.75 23.21
CA ILE D 185 -2.88 -0.36 23.49
C ILE D 185 -4.30 0.00 23.06
N GLU D 186 -4.79 1.16 23.46
CA GLU D 186 -6.17 1.57 23.07
C GLU D 186 -6.33 1.67 21.57
N VAL D 187 -5.39 2.32 20.90
CA VAL D 187 -5.39 2.38 19.43
C VAL D 187 -5.36 0.98 18.78
N ALA D 188 -4.45 0.13 19.23
CA ALA D 188 -4.35 -1.19 18.68
C ALA D 188 -5.70 -1.89 18.71
N GLN D 189 -6.39 -1.77 19.83
CA GLN D 189 -7.75 -2.27 19.95
C GLN D 189 -8.65 -1.77 18.82
N VAL D 190 -8.71 -0.48 18.64
CA VAL D 190 -9.63 0.11 17.70
C VAL D 190 -9.24 -0.13 16.26
N LEU D 191 -7.97 -0.45 16.01
CA LEU D 191 -7.53 -0.89 14.69
C LEU D 191 -7.68 -2.42 14.45
N GLY D 192 -8.40 -3.09 15.33
CA GLY D 192 -8.77 -4.49 15.18
C GLY D 192 -7.74 -5.54 15.52
N ALA D 193 -6.84 -5.25 16.45
CA ALA D 193 -5.88 -6.26 16.83
C ALA D 193 -6.64 -7.42 17.44
N SER D 194 -6.14 -8.63 17.26
CA SER D 194 -6.75 -9.82 17.84
C SER D 194 -6.30 -10.06 19.28
N LYS D 195 -5.16 -9.51 19.62
CA LYS D 195 -4.56 -9.73 20.91
C LYS D 195 -3.44 -8.74 21.06
N ILE D 196 -3.36 -8.16 22.24
CA ILE D 196 -2.38 -7.14 22.59
C ILE D 196 -1.70 -7.53 23.90
N LEU D 197 -0.39 -7.39 23.95
CA LEU D 197 0.39 -7.75 25.12
C LEU D 197 1.12 -6.53 25.64
N ALA D 198 1.06 -6.30 26.94
CA ALA D 198 1.71 -5.13 27.50
C ALA D 198 2.77 -5.61 28.45
N ILE D 199 3.99 -5.14 28.25
CA ILE D 199 5.14 -5.51 29.04
C ILE D 199 5.66 -4.28 29.77
N ASP D 200 5.69 -4.36 31.09
CA ASP D 200 6.24 -3.28 31.92
C ASP D 200 6.71 -3.94 33.21
N ARG D 201 7.06 -3.14 34.21
CA ARG D 201 7.49 -3.66 35.51
C ARG D 201 6.83 -2.92 36.69
N ILE D 202 5.71 -2.26 36.45
CA ILE D 202 5.01 -1.51 37.51
C ILE D 202 3.52 -1.84 37.58
N PRO D 203 3.10 -2.55 38.64
CA PRO D 203 1.75 -3.10 38.70
C PRO D 203 0.64 -2.11 38.37
N GLU D 204 0.73 -0.91 38.91
CA GLU D 204 -0.27 0.11 38.66
C GLU D 204 -0.46 0.28 37.14
N ARG D 205 0.65 0.26 36.41
CA ARG D 205 0.61 0.50 34.96
C ARG D 205 0.10 -0.70 34.20
N LEU D 206 0.55 -1.87 34.62
CA LEU D 206 0.01 -3.11 34.07
C LEU D 206 -1.50 -3.28 34.34
N GLU D 207 -1.98 -2.89 35.51
CA GLU D 207 -3.42 -2.92 35.80
C GLU D 207 -4.19 -2.07 34.81
N ARG D 208 -3.64 -0.91 34.51
CA ARG D 208 -4.22 0.04 33.54
C ARG D 208 -4.19 -0.53 32.09
N ALA D 209 -3.06 -1.11 31.76
CA ALA D 209 -2.97 -1.82 30.50
C ALA D 209 -4.07 -2.87 30.39
N ALA D 210 -4.27 -3.63 31.45
CA ALA D 210 -5.22 -4.71 31.44
C ALA D 210 -6.63 -4.19 31.28
N SER D 211 -6.95 -3.08 31.94
CA SER D 211 -8.30 -2.52 31.78
C SER D 211 -8.61 -2.12 30.34
N LEU D 212 -7.58 -1.75 29.59
CA LEU D 212 -7.75 -1.34 28.21
C LEU D 212 -7.88 -2.50 27.26
N GLY D 213 -7.58 -3.69 27.74
CA GLY D 213 -7.76 -4.95 27.00
C GLY D 213 -6.50 -5.76 26.70
N ALA D 214 -5.37 -5.39 27.27
CA ALA D 214 -4.14 -6.10 27.02
C ALA D 214 -3.87 -7.18 28.08
N ILE D 215 -3.12 -8.19 27.68
CA ILE D 215 -2.62 -9.19 28.56
C ILE D 215 -1.35 -8.63 29.18
N PRO D 216 -1.36 -8.37 30.50
CA PRO D 216 -0.21 -7.75 31.17
C PRO D 216 0.86 -8.75 31.49
N ILE D 217 2.11 -8.31 31.44
CA ILE D 217 3.24 -9.18 31.61
C ILE D 217 4.30 -8.42 32.36
N ASN D 218 4.60 -8.88 33.58
CA ASN D 218 5.59 -8.21 34.41
C ASN D 218 6.99 -8.72 34.11
N ALA D 219 7.83 -7.86 33.52
CA ALA D 219 9.19 -8.27 33.09
C ALA D 219 10.16 -8.48 34.24
N GLU D 220 9.83 -8.00 35.43
CA GLU D 220 10.61 -8.29 36.64
C GLU D 220 10.32 -9.72 37.11
N GLN D 221 9.08 -10.14 36.97
CA GLN D 221 8.59 -11.41 37.50
C GLN D 221 8.60 -12.61 36.54
N GLU D 222 8.87 -12.41 35.26
CA GLU D 222 8.89 -13.52 34.29
C GLU D 222 9.59 -13.11 33.02
N ASN D 223 10.03 -14.10 32.26
CA ASN D 223 10.58 -13.86 30.94
C ASN D 223 9.48 -13.47 29.97
N PRO D 224 9.49 -12.20 29.54
CA PRO D 224 8.44 -11.70 28.64
C PRO D 224 8.49 -12.35 27.26
N VAL D 225 9.68 -12.67 26.80
CA VAL D 225 9.81 -13.34 25.53
C VAL D 225 9.11 -14.72 25.52
N ARG D 226 9.38 -15.56 26.52
CA ARG D 226 8.74 -16.89 26.62
C ARG D 226 7.24 -16.75 26.57
N ARG D 227 6.78 -15.81 27.37
CA ARG D 227 5.37 -15.62 27.64
C ARG D 227 4.63 -15.10 26.43
N VAL D 228 5.18 -14.05 25.85
CA VAL D 228 4.67 -13.51 24.58
C VAL D 228 4.57 -14.60 23.49
N ARG D 229 5.61 -15.42 23.38
CA ARG D 229 5.61 -16.47 22.39
C ARG D 229 4.51 -17.47 22.59
N SER D 230 4.28 -17.89 23.83
CA SER D 230 3.19 -18.87 24.11
C SER D 230 1.80 -18.29 23.82
N GLU D 231 1.67 -16.97 24.01
CA GLU D 231 0.42 -16.27 23.71
C GLU D 231 0.17 -16.07 22.21
N THR D 232 1.23 -16.22 21.41
CA THR D 232 1.16 -16.03 19.97
C THR D 232 1.61 -17.26 19.14
N ASN D 233 1.01 -18.43 19.44
CA ASN D 233 1.32 -19.71 18.78
C ASN D 233 2.80 -20.08 18.76
N ASP D 234 3.57 -19.58 19.70
CA ASP D 234 5.00 -19.87 19.74
C ASP D 234 5.74 -19.27 18.56
N GLU D 235 5.09 -18.32 17.89
CA GLU D 235 5.74 -17.54 16.85
C GLU D 235 6.32 -16.22 17.39
N GLY D 236 5.46 -15.48 18.07
CA GLY D 236 5.71 -14.11 18.48
C GLY D 236 4.59 -13.31 17.82
N PRO D 237 4.43 -12.06 18.25
CA PRO D 237 3.44 -11.16 17.67
C PRO D 237 3.85 -10.61 16.29
N ASP D 238 2.85 -10.26 15.49
CA ASP D 238 3.06 -9.66 14.18
C ASP D 238 3.82 -8.33 14.28
N LEU D 239 3.51 -7.56 15.31
CA LEU D 239 4.09 -6.23 15.49
C LEU D 239 4.51 -5.98 16.92
N VAL D 240 5.67 -5.38 17.12
CA VAL D 240 6.04 -4.88 18.42
C VAL D 240 6.25 -3.38 18.39
N LEU D 241 5.53 -2.66 19.25
CA LEU D 241 5.82 -1.27 19.50
C LEU D 241 6.71 -1.14 20.71
N GLU D 242 7.94 -0.64 20.56
CA GLU D 242 8.76 -0.42 21.75
C GLU D 242 8.65 1.04 22.22
N ALA D 243 8.25 1.24 23.46
CA ALA D 243 7.88 2.56 23.96
C ALA D 243 8.60 2.94 25.26
N VAL D 244 9.80 2.44 25.46
CA VAL D 244 10.55 2.72 26.68
C VAL D 244 11.79 3.51 26.36
N GLY D 245 12.62 2.95 25.47
CA GLY D 245 13.88 3.59 25.07
C GLY D 245 15.06 2.78 25.60
N GLY D 246 16.07 2.53 24.76
CA GLY D 246 17.30 1.89 25.21
C GLY D 246 17.50 0.48 24.67
N ALA D 247 18.77 0.07 24.64
CA ALA D 247 19.15 -1.16 24.03
C ALA D 247 18.45 -2.36 24.65
N ALA D 248 18.19 -2.33 25.94
CA ALA D 248 17.64 -3.52 26.62
C ALA D 248 16.30 -3.89 26.00
N THR D 249 15.40 -2.91 25.97
CA THR D 249 14.07 -3.09 25.41
C THR D 249 14.03 -3.30 23.89
N LEU D 250 14.97 -2.69 23.17
CA LEU D 250 15.06 -2.88 21.70
C LEU D 250 15.43 -4.30 21.37
N SER D 251 16.39 -4.85 22.10
CA SER D 251 16.81 -6.23 21.84
C SER D 251 15.68 -7.15 22.17
N LEU D 252 14.96 -6.79 23.21
CA LEU D 252 13.78 -7.51 23.60
C LEU D 252 12.71 -7.54 22.52
N ALA D 253 12.49 -6.38 21.89
CA ALA D 253 11.55 -6.24 20.82
C ALA D 253 11.91 -7.13 19.66
N LEU D 254 13.19 -7.18 19.36
CA LEU D 254 13.66 -7.91 18.20
C LEU D 254 13.67 -9.39 18.41
N GLU D 255 13.80 -9.82 19.65
CA GLU D 255 13.76 -11.25 19.98
C GLU D 255 12.30 -11.69 19.97
N MET D 256 11.48 -10.86 20.53
CA MET D 256 10.11 -11.18 20.77
C MET D 256 9.32 -11.35 19.47
N VAL D 257 9.54 -10.43 18.52
CA VAL D 257 8.69 -10.36 17.31
C VAL D 257 8.81 -11.62 16.49
N ARG D 258 7.75 -12.04 15.84
CA ARG D 258 7.82 -13.23 15.04
C ARG D 258 8.71 -13.01 13.85
N PRO D 259 9.25 -14.09 13.29
CA PRO D 259 9.87 -14.03 11.99
C PRO D 259 8.93 -13.38 10.97
N GLY D 260 9.49 -12.47 10.16
CA GLY D 260 8.71 -11.77 9.16
C GLY D 260 7.79 -10.71 9.75
N GLY D 261 7.99 -10.36 11.00
CA GLY D 261 7.19 -9.32 11.62
C GLY D 261 7.90 -7.98 11.55
N ARG D 262 7.37 -7.05 12.33
CA ARG D 262 7.77 -5.65 12.24
C ARG D 262 7.94 -5.05 13.58
N VAL D 263 8.97 -4.24 13.75
CA VAL D 263 9.22 -3.57 15.02
C VAL D 263 9.20 -2.09 14.76
N SER D 264 8.42 -1.39 15.57
CA SER D 264 8.30 0.06 15.49
C SER D 264 8.81 0.65 16.81
N ALA D 265 10.04 1.16 16.81
CA ALA D 265 10.66 1.72 18.01
C ALA D 265 10.39 3.20 18.13
N VAL D 266 9.82 3.57 19.25
CA VAL D 266 9.37 4.91 19.45
C VAL D 266 9.96 5.52 20.73
N GLY D 267 10.64 4.71 21.55
CA GLY D 267 11.21 5.19 22.81
C GLY D 267 12.53 5.91 22.64
N VAL D 268 12.73 6.97 23.43
CA VAL D 268 13.92 7.82 23.37
C VAL D 268 15.01 7.39 24.36
N ASP D 269 16.25 7.45 23.89
CA ASP D 269 17.43 7.14 24.68
C ASP D 269 18.66 7.73 24.01
N ASN D 270 19.72 7.93 24.78
CA ASN D 270 20.86 8.71 24.32
C ASN D 270 22.09 7.88 23.93
N ALA D 271 22.06 6.58 24.23
CA ALA D 271 23.15 5.67 23.84
C ALA D 271 23.38 5.90 22.37
N PRO D 272 24.64 5.85 21.91
CA PRO D 272 24.85 6.04 20.47
C PRO D 272 24.44 4.83 19.61
N SER D 273 24.33 3.63 20.21
CA SER D 273 24.06 2.42 19.44
C SER D 273 23.47 1.25 20.26
N PHE D 274 23.04 0.20 19.54
CA PHE D 274 22.63 -1.08 20.13
C PHE D 274 22.91 -2.25 19.17
N PRO D 275 23.11 -3.46 19.69
CA PRO D 275 23.42 -4.58 18.79
C PRO D 275 22.18 -5.16 18.09
N PHE D 276 22.14 -5.01 16.76
CA PHE D 276 21.06 -5.53 15.94
C PHE D 276 21.48 -6.89 15.46
N PRO D 277 20.62 -7.89 15.60
CA PRO D 277 20.96 -9.22 15.12
C PRO D 277 21.20 -9.28 13.64
N LEU D 278 22.30 -9.90 13.25
CA LEU D 278 22.71 -10.00 11.86
C LEU D 278 22.40 -11.38 11.31
N ALA D 279 23.19 -12.39 11.68
CA ALA D 279 23.00 -13.75 11.15
C ALA D 279 21.61 -14.26 11.44
N SER D 280 21.21 -14.09 12.70
CA SER D 280 19.83 -14.44 13.09
C SER D 280 18.80 -13.49 12.46
N GLY D 281 19.20 -12.25 12.23
CA GLY D 281 18.34 -11.27 11.56
C GLY D 281 17.97 -11.66 10.15
N LEU D 282 18.97 -12.15 9.42
CA LEU D 282 18.75 -12.63 8.07
C LEU D 282 17.76 -13.77 8.05
N VAL D 283 17.93 -14.71 8.98
CA VAL D 283 17.04 -15.88 9.09
C VAL D 283 15.62 -15.44 9.39
N LYS D 284 15.52 -14.47 10.28
CA LYS D 284 14.24 -14.01 10.80
C LYS D 284 13.43 -13.10 9.84
N ASP D 285 14.10 -12.36 8.97
CA ASP D 285 13.41 -11.42 8.11
C ASP D 285 12.71 -10.33 8.95
N LEU D 286 13.52 -9.43 9.49
CA LEU D 286 13.00 -8.36 10.30
C LEU D 286 12.84 -7.04 9.54
N THR D 287 11.77 -6.31 9.84
CA THR D 287 11.64 -4.93 9.45
C THR D 287 11.64 -4.06 10.70
N PHE D 288 12.52 -3.09 10.75
CA PHE D 288 12.71 -2.24 11.93
C PHE D 288 12.63 -0.75 11.60
N ARG D 289 11.95 0.02 12.42
CA ARG D 289 11.91 1.45 12.23
C ARG D 289 12.07 2.14 13.56
N ILE D 290 12.87 3.18 13.56
CA ILE D 290 13.12 3.98 14.75
C ILE D 290 13.11 5.46 14.36
N GLY D 291 12.41 6.27 15.13
CA GLY D 291 12.29 7.66 14.77
C GLY D 291 11.39 8.43 15.69
N LEU D 292 11.49 9.75 15.56
CA LEU D 292 10.63 10.65 16.26
C LEU D 292 9.38 10.78 15.44
N ALA D 293 8.28 11.02 16.13
CA ALA D 293 6.96 10.97 15.54
C ALA D 293 6.88 11.97 14.42
N ASN D 294 6.03 11.64 13.45
CA ASN D 294 5.68 12.55 12.41
C ASN D 294 4.20 12.90 12.59
N VAL D 295 3.94 13.64 13.64
CA VAL D 295 2.59 13.93 14.11
C VAL D 295 1.65 14.50 13.02
N HIS D 296 2.20 15.36 12.18
CA HIS D 296 1.37 16.14 11.22
C HIS D 296 0.70 15.17 10.27
N LEU D 297 1.39 14.07 9.99
CA LEU D 297 0.84 13.06 9.10
C LEU D 297 -0.42 12.42 9.62
N TYR D 298 -0.53 12.31 10.94
CA TYR D 298 -1.63 11.53 11.59
C TYR D 298 -2.70 12.35 12.35
N ILE D 299 -2.34 13.56 12.71
CA ILE D 299 -3.19 14.37 13.58
C ILE D 299 -4.64 14.49 13.12
N ASP D 300 -4.88 14.61 11.82
CA ASP D 300 -6.26 14.82 11.33
C ASP D 300 -7.15 13.60 11.54
N ALA D 301 -6.56 12.44 11.31
CA ALA D 301 -7.24 11.19 11.59
C ALA D 301 -7.44 10.94 13.12
N VAL D 302 -6.40 11.24 13.88
CA VAL D 302 -6.52 11.09 15.29
C VAL D 302 -7.67 12.01 15.80
N LEU D 303 -7.72 13.29 15.36
CA LEU D 303 -8.79 14.18 15.82
C LEU D 303 -10.18 13.63 15.47
N ALA D 304 -10.34 13.09 14.29
CA ALA D 304 -11.62 12.53 13.91
C ALA D 304 -11.99 11.41 14.85
N LEU D 305 -10.99 10.62 15.26
CA LEU D 305 -11.26 9.49 16.16
C LEU D 305 -11.65 9.95 17.57
N LEU D 306 -10.95 11.01 18.03
CA LEU D 306 -11.21 11.62 19.30
C LEU D 306 -12.61 12.21 19.34
N ALA D 307 -12.91 13.03 18.34
CA ALA D 307 -14.20 13.72 18.28
C ALA D 307 -15.36 12.76 18.30
N SER D 308 -15.17 11.59 17.74
CA SER D 308 -16.27 10.64 17.62
C SER D 308 -16.29 9.67 18.82
N GLY D 309 -15.40 9.86 19.79
CA GLY D 309 -15.43 9.05 20.99
C GLY D 309 -14.73 7.71 20.90
N ARG D 310 -14.18 7.37 19.73
CA ARG D 310 -13.56 6.04 19.58
C ARG D 310 -12.32 5.91 20.43
N LEU D 311 -11.69 7.04 20.71
CA LEU D 311 -10.57 7.08 21.63
C LEU D 311 -10.77 8.08 22.77
N GLN D 312 -10.35 7.68 23.97
CA GLN D 312 -10.59 8.42 25.19
C GLN D 312 -9.32 8.48 26.00
N PRO D 313 -8.30 9.08 25.42
CA PRO D 313 -7.02 9.11 26.11
C PRO D 313 -7.05 9.81 27.45
N GLU D 314 -7.93 10.78 27.66
CA GLU D 314 -7.94 11.54 28.95
C GLU D 314 -8.19 10.69 30.20
N ARG D 315 -8.84 9.53 30.04
CA ARG D 315 -9.00 8.60 31.15
C ARG D 315 -7.66 8.29 31.82
N ILE D 316 -6.51 8.51 31.19
CA ILE D 316 -5.28 8.16 31.86
C ILE D 316 -4.73 9.28 32.73
N VAL D 317 -5.36 10.45 32.67
CA VAL D 317 -4.90 11.56 33.50
C VAL D 317 -5.21 11.29 34.97
N SER D 318 -4.15 11.14 35.75
CA SER D 318 -4.30 10.91 37.20
C SER D 318 -4.36 12.22 38.00
N HIS D 319 -3.72 13.28 37.50
CA HIS D 319 -3.60 14.55 38.20
C HIS D 319 -3.85 15.74 37.29
N TYR D 320 -4.86 16.54 37.60
CA TYR D 320 -4.93 17.90 37.08
C TYR D 320 -4.43 18.85 38.17
N LEU D 321 -3.27 19.49 37.96
CA LEU D 321 -2.72 20.44 38.94
C LEU D 321 -2.72 21.85 38.40
N PRO D 322 -2.76 22.87 39.29
CA PRO D 322 -2.55 24.24 38.81
C PRO D 322 -1.09 24.49 38.42
N LEU D 323 -0.88 25.43 37.50
CA LEU D 323 0.43 25.64 36.91
C LEU D 323 1.49 25.70 38.00
N GLU D 324 1.16 26.44 39.06
CA GLU D 324 2.11 26.70 40.16
C GLU D 324 2.59 25.43 40.87
N GLU D 325 1.80 24.35 40.81
CA GLU D 325 2.16 23.09 41.48
C GLU D 325 2.98 22.12 40.59
N ALA D 326 3.43 22.66 39.46
CA ALA D 326 4.21 21.91 38.50
C ALA D 326 5.36 21.12 39.10
N PRO D 327 6.13 21.74 40.03
CA PRO D 327 7.28 20.99 40.55
C PRO D 327 6.89 19.70 41.28
N ARG D 328 5.74 19.76 41.96
CA ARG D 328 5.20 18.53 42.60
C ARG D 328 4.77 17.54 41.50
N GLY D 329 4.14 18.07 40.44
CA GLY D 329 3.79 17.25 39.26
C GLY D 329 4.98 16.45 38.72
N TYR D 330 6.07 17.16 38.43
CA TYR D 330 7.29 16.52 37.94
C TYR D 330 7.78 15.43 38.90
N GLU D 331 7.77 15.72 40.21
CA GLU D 331 8.22 14.75 41.21
C GLU D 331 7.34 13.50 41.18
N LEU D 332 6.02 13.74 41.20
CA LEU D 332 5.01 12.68 41.22
C LEU D 332 5.17 11.79 39.99
N PHE D 333 5.26 12.41 38.82
CA PHE D 333 5.44 11.68 37.54
C PHE D 333 6.79 10.94 37.48
N ASP D 334 7.86 11.61 37.85
CA ASP D 334 9.16 10.97 37.92
C ASP D 334 9.15 9.74 38.86
N ARG D 335 8.66 9.95 40.09
CA ARG D 335 8.62 8.89 41.11
C ARG D 335 7.59 7.78 40.77
N LYS D 336 6.85 7.98 39.67
CA LYS D 336 5.83 7.04 39.18
C LYS D 336 4.58 6.96 40.06
N GLU D 337 4.32 8.06 40.76
CA GLU D 337 3.14 8.19 41.59
C GLU D 337 1.95 8.67 40.75
N ALA D 338 2.23 9.62 39.85
CA ALA D 338 1.24 10.02 38.84
C ALA D 338 1.46 9.21 37.58
N LEU D 339 0.38 9.04 36.84
CA LEU D 339 0.43 8.33 35.56
C LEU D 339 0.57 9.33 34.43
N LYS D 340 -0.27 10.36 34.47
CA LYS D 340 -0.15 11.47 33.56
C LYS D 340 -0.62 12.71 34.29
N VAL D 341 0.19 13.75 34.19
CA VAL D 341 -0.11 15.02 34.78
C VAL D 341 -0.41 16.10 33.74
N LEU D 342 -1.55 16.74 33.91
CA LEU D 342 -1.98 17.86 33.09
C LEU D 342 -1.98 19.11 33.98
N LEU D 343 -1.40 20.18 33.49
CA LEU D 343 -1.31 21.42 34.23
C LEU D 343 -2.44 22.31 33.80
N VAL D 344 -3.21 22.81 34.75
CA VAL D 344 -4.23 23.78 34.43
C VAL D 344 -3.58 25.14 34.54
N VAL D 345 -3.62 25.87 33.43
CA VAL D 345 -3.22 27.26 33.40
C VAL D 345 -4.54 28.02 33.15
N ARG D 346 -4.50 29.34 33.36
CA ARG D 346 -5.58 30.26 33.00
C ARG D 346 -5.04 31.24 31.93
#